data_6GAU
#
_entry.id   6GAU
#
_cell.length_a   91.523
_cell.length_b   96.782
_cell.length_c   105.791
_cell.angle_alpha   75.640
_cell.angle_beta   64.440
_cell.angle_gamma   65.800
#
_symmetry.space_group_name_H-M   'P 1'
#
loop_
_entity.id
_entity.type
_entity.pdbx_description
1 polymer 'DNA gyrase subunit B,DNA gyrase subunit A'
2 non-polymer 'PHOSPHOAMINOPHOSPHONIC ACID-ADENYLATE ESTER'
3 non-polymer 'MAGNESIUM ION'
#
_entity_poly.entity_id   1
_entity_poly.type   'polypeptide(L)'
_entity_poly.pdbx_seq_one_letter_code
;MVAAQKKKAQDEYGAASITILEGLEAVRKRPGMYIGSTGERGLHHLIWEVVDNAVDEAMAGYATTVNVVLLEDGGVEVAD
DGRGIPVATHASGIPTVDVVMTQLHAGGKFDSDAYAISGGLHGVGVSVVNALSTRLEVEIKRDGYEWSQVYEKSEPLGLK
QGAPTKKTGSTVRFWADPAVFETTEYDFETVARRLQEMAFLNKGLTINLTDERVTQDEVVDEVVSDVAEAPKSASERAAE
STAPHKVKSRTFHYPGGLVDFVKHINRTKNAIHSSIVDFSGKGTGHEVEIAMQWNAGYSESVHTFANTINTHEGGTHEEG
FRSALTSVVNKYAKDRKLLKDKDPNLTGDDIREGLAAVISVKVSEPQFEGQTKTKLGNTEVKSFVQKVCNEQLTHWFEAN
PTDAKVVVNKAVSSAQARIAARKARELVRRKSATDIGGLPGKLADCRSTDPRKSELYVVEGDSAGGSAKSGRDSMFQAIL
PLRGKIINVEKARIDRVLKNTEVQAIITALGTGIHDEFDIGKLRYHKIVLMADADVDGQHISTLLLTLLFRFMRPLIENG
HVFLAQPPLYKLKWQRSDPEFAYSDRERDGLLEAGLKAGKKINKEDGIQRYKGLGEMDAKELWETTMDPSVRVLRQVTLD
DAAAADELFSILMGEDVDARRSFITRNAKDVRFLDVGDLTDTTLPPDDSLDRIEPVDIEQEMQRSYIDYAMSVIVGRALP
EVRDGLKPVHRRVLYAMFDSGFRPDRSHAKSARSVAETMGNYHPHGDASIYDSLVRMAQPWSLRYPLVDGQGNFGSPGND
PPAAMRYTEARLTPLAMEMLREIDEETVDFIPNYDGRVQEPTVLPSRFPNLLANGSGGIAVGMATNIPPHNLRELADAVF
WALENHDADEEETLAAVMGRVKGPDFPTAGLIVGSQGTADAYKTGRGSIRMRGVVEVEEDSRGRTSLVITELPYQVNHDN
FITSIAEQVRDGKLAGISNIEDQSSDRVGLRIVIEIKRDAVAKVVINNLYKHTQLQTSFGANMLAIVDGVPRTLRLDQLI
RYYVDHQLDVIVRRTTYRLRKANERAHILRGLVKALDALDEVIALIRASETVDIARAGLIELLDIDEIQAQAILDMQLRR
LAALERQRIIDDLAKIEAEIADLEDILAKPERQRGIVRDELAEIVDRHGDDRRTRIIAA
;
_entity_poly.pdbx_strand_id   A,B
#
# COMPACT_ATOMS: atom_id res chain seq x y z
N GLU A 25 -4.26 -18.54 -58.66
CA GLU A 25 -5.49 -18.90 -57.93
C GLU A 25 -5.22 -19.56 -56.58
N ALA A 26 -4.15 -20.40 -56.50
CA ALA A 26 -3.72 -21.11 -55.27
C ALA A 26 -3.17 -20.16 -54.19
N VAL A 27 -3.06 -18.86 -54.56
CA VAL A 27 -2.61 -17.75 -53.73
C VAL A 27 -3.58 -17.64 -52.57
N ARG A 28 -4.89 -17.59 -52.87
CA ARG A 28 -5.95 -17.48 -51.87
C ARG A 28 -5.93 -18.68 -50.93
N LYS A 29 -5.53 -19.86 -51.46
CA LYS A 29 -5.47 -21.12 -50.72
C LYS A 29 -4.33 -21.11 -49.68
N ARG A 30 -3.10 -20.69 -50.10
CA ARG A 30 -1.93 -20.59 -49.21
C ARG A 30 -1.32 -19.16 -49.27
N PRO A 31 -2.01 -18.10 -48.74
CA PRO A 31 -1.45 -16.74 -48.85
C PRO A 31 -0.26 -16.45 -47.95
N GLY A 32 -0.07 -17.28 -46.92
CA GLY A 32 1.04 -17.17 -45.98
C GLY A 32 2.39 -17.19 -46.65
N MET A 33 2.62 -18.22 -47.50
CA MET A 33 3.86 -18.39 -48.27
C MET A 33 4.09 -17.15 -49.13
N TYR A 34 3.07 -16.78 -49.92
CA TYR A 34 3.04 -15.68 -50.86
C TYR A 34 3.33 -14.28 -50.28
N ILE A 35 2.39 -13.74 -49.48
CA ILE A 35 2.41 -12.37 -48.97
C ILE A 35 3.20 -12.15 -47.65
N GLY A 36 3.36 -13.18 -46.83
CA GLY A 36 4.03 -13.09 -45.54
C GLY A 36 3.11 -13.57 -44.43
N SER A 37 2.10 -12.75 -44.09
CA SER A 37 1.08 -13.10 -43.10
C SER A 37 -0.27 -12.47 -43.46
N THR A 38 -1.39 -13.01 -42.92
CA THR A 38 -2.75 -12.49 -43.17
C THR A 38 -3.06 -11.28 -42.25
N GLY A 39 -2.06 -10.86 -41.48
CA GLY A 39 -2.13 -9.74 -40.56
C GLY A 39 -1.71 -8.44 -41.19
N GLU A 40 -0.83 -7.70 -40.50
CA GLU A 40 -0.34 -6.39 -40.95
C GLU A 40 0.92 -6.48 -41.80
N ARG A 41 1.77 -7.50 -41.59
CA ARG A 41 3.00 -7.66 -42.39
C ARG A 41 2.61 -7.82 -43.86
N GLY A 42 1.72 -8.78 -44.10
CA GLY A 42 1.17 -9.11 -45.41
C GLY A 42 0.32 -8.00 -45.96
N LEU A 43 -0.63 -7.48 -45.15
CA LEU A 43 -1.53 -6.41 -45.60
C LEU A 43 -0.79 -5.22 -46.21
N HIS A 44 0.34 -4.84 -45.60
CA HIS A 44 1.17 -3.75 -46.06
C HIS A 44 1.99 -4.14 -47.25
N HIS A 45 2.32 -5.44 -47.41
CA HIS A 45 3.11 -5.94 -48.54
C HIS A 45 2.39 -5.81 -49.87
N LEU A 46 1.07 -5.60 -49.85
CA LEU A 46 0.27 -5.36 -51.05
C LEU A 46 0.56 -3.96 -51.56
N ILE A 47 0.81 -3.00 -50.63
CA ILE A 47 1.14 -1.64 -50.96
C ILE A 47 2.50 -1.58 -51.68
N TRP A 48 3.59 -2.03 -51.03
CA TRP A 48 4.92 -1.97 -51.65
C TRP A 48 5.01 -2.72 -52.97
N GLU A 49 4.18 -3.76 -53.17
CA GLU A 49 4.16 -4.54 -54.41
C GLU A 49 3.69 -3.63 -55.59
N VAL A 50 2.80 -2.66 -55.29
CA VAL A 50 2.23 -1.71 -56.25
C VAL A 50 3.09 -0.42 -56.29
N VAL A 51 3.56 0.03 -55.10
CA VAL A 51 4.35 1.24 -54.86
C VAL A 51 5.75 1.11 -55.45
N ASP A 52 6.41 -0.04 -55.25
CA ASP A 52 7.73 -0.27 -55.82
C ASP A 52 7.61 -0.32 -57.34
N ASN A 53 6.52 -0.90 -57.90
CA ASN A 53 6.27 -0.93 -59.35
C ASN A 53 6.19 0.48 -59.99
N ALA A 54 6.17 1.51 -59.12
CA ALA A 54 6.20 2.93 -59.46
C ALA A 54 7.60 3.51 -59.25
N VAL A 55 8.25 3.23 -58.09
CA VAL A 55 9.61 3.70 -57.78
C VAL A 55 10.63 3.13 -58.76
N ASP A 56 10.46 1.85 -59.15
CA ASP A 56 11.31 1.13 -60.11
C ASP A 56 11.25 1.84 -61.47
N GLU A 57 10.12 2.55 -61.76
CA GLU A 57 9.92 3.36 -62.97
C GLU A 57 10.73 4.64 -62.85
N ALA A 58 10.69 5.27 -61.66
CA ALA A 58 11.45 6.49 -61.36
C ALA A 58 12.95 6.20 -61.38
N MET A 59 13.33 4.97 -60.98
CA MET A 59 14.71 4.45 -60.94
C MET A 59 15.35 4.44 -62.35
N ALA A 60 14.52 4.40 -63.40
CA ALA A 60 14.95 4.42 -64.80
C ALA A 60 15.01 5.85 -65.37
N GLY A 61 14.08 6.69 -64.93
CA GLY A 61 13.99 8.09 -65.36
C GLY A 61 12.76 8.43 -66.16
N TYR A 62 11.64 7.69 -65.94
CA TYR A 62 10.35 7.90 -66.62
C TYR A 62 9.34 8.57 -65.67
N ALA A 63 9.17 8.00 -64.46
CA ALA A 63 8.29 8.58 -63.46
C ALA A 63 8.99 9.76 -62.77
N THR A 64 8.18 10.72 -62.28
CA THR A 64 8.63 11.93 -61.58
C THR A 64 7.77 12.17 -60.33
N THR A 65 6.51 11.71 -60.38
CA THR A 65 5.48 11.84 -59.33
C THR A 65 4.84 10.48 -59.03
N VAL A 66 4.75 10.13 -57.73
CA VAL A 66 4.08 8.94 -57.24
C VAL A 66 3.12 9.41 -56.19
N ASN A 67 1.84 9.15 -56.37
CA ASN A 67 0.85 9.60 -55.42
C ASN A 67 0.18 8.41 -54.75
N VAL A 68 0.48 8.21 -53.45
CA VAL A 68 -0.13 7.13 -52.64
C VAL A 68 -1.35 7.74 -51.93
N VAL A 69 -2.48 7.04 -51.97
CA VAL A 69 -3.74 7.53 -51.38
C VAL A 69 -4.32 6.43 -50.52
N LEU A 70 -4.75 6.76 -49.31
CA LEU A 70 -5.34 5.75 -48.45
C LEU A 70 -6.80 6.06 -48.15
N LEU A 71 -7.66 5.76 -49.13
CA LEU A 71 -9.12 6.00 -49.13
C LEU A 71 -9.87 5.49 -47.90
N GLU A 72 -11.07 6.09 -47.65
CA GLU A 72 -12.00 5.80 -46.55
C GLU A 72 -12.56 4.38 -46.59
N ASP A 73 -12.93 3.91 -47.79
CA ASP A 73 -13.55 2.60 -48.05
C ASP A 73 -12.61 1.38 -47.86
N GLY A 74 -11.37 1.60 -47.40
CA GLY A 74 -10.38 0.55 -47.18
C GLY A 74 -9.52 0.28 -48.40
N GLY A 75 -9.66 1.14 -49.39
CA GLY A 75 -8.92 1.06 -50.65
C GLY A 75 -7.54 1.66 -50.60
N VAL A 76 -6.85 1.67 -51.76
CA VAL A 76 -5.50 2.21 -51.96
C VAL A 76 -5.45 2.74 -53.39
N GLU A 77 -4.66 3.78 -53.66
CA GLU A 77 -4.49 4.32 -55.01
C GLU A 77 -3.06 4.75 -55.23
N VAL A 78 -2.43 4.31 -56.35
CA VAL A 78 -1.03 4.62 -56.66
C VAL A 78 -0.93 5.17 -58.12
N ALA A 79 -0.78 6.51 -58.23
CA ALA A 79 -0.65 7.26 -59.48
C ALA A 79 0.80 7.25 -59.94
N ASP A 80 1.00 6.86 -61.21
CA ASP A 80 2.29 6.70 -61.86
C ASP A 80 2.38 7.62 -63.07
N ASP A 81 3.61 7.94 -63.49
CA ASP A 81 3.90 8.82 -64.64
C ASP A 81 4.59 8.07 -65.78
N GLY A 82 5.55 7.23 -65.39
CA GLY A 82 6.43 6.40 -66.21
C GLY A 82 6.19 6.28 -67.70
N ARG A 83 5.63 5.13 -68.09
CA ARG A 83 5.35 4.80 -69.48
C ARG A 83 3.91 4.31 -69.58
N GLY A 84 3.49 3.53 -68.59
CA GLY A 84 2.17 2.90 -68.51
C GLY A 84 2.34 1.39 -68.63
N ILE A 85 1.48 0.59 -67.93
CA ILE A 85 1.56 -0.88 -67.96
C ILE A 85 1.25 -1.35 -69.40
N PRO A 86 2.16 -2.16 -70.04
CA PRO A 86 1.92 -2.63 -71.44
C PRO A 86 0.46 -2.94 -71.79
N VAL A 87 -0.20 -1.98 -72.46
CA VAL A 87 -1.62 -2.07 -72.83
C VAL A 87 -1.86 -2.87 -74.14
N ALA A 88 -0.81 -3.06 -74.98
CA ALA A 88 -0.87 -3.80 -76.24
C ALA A 88 -1.20 -5.30 -76.03
N THR A 89 -1.56 -6.01 -77.13
CA THR A 89 -1.92 -7.44 -77.12
C THR A 89 -0.69 -8.36 -77.00
N HIS A 90 -0.64 -9.12 -75.89
CA HIS A 90 0.41 -10.09 -75.53
C HIS A 90 0.31 -11.33 -76.43
N ALA A 91 1.37 -12.20 -76.44
CA ALA A 91 1.49 -13.44 -77.22
C ALA A 91 0.32 -14.46 -77.03
N SER A 92 -0.62 -14.15 -76.10
CA SER A 92 -1.82 -14.93 -75.79
C SER A 92 -3.00 -14.52 -76.68
N GLY A 93 -3.48 -13.29 -76.49
CA GLY A 93 -4.61 -12.70 -77.19
C GLY A 93 -5.23 -11.59 -76.37
N ILE A 94 -5.29 -11.82 -75.05
CA ILE A 94 -5.78 -10.89 -74.03
C ILE A 94 -4.60 -9.91 -73.73
N PRO A 95 -4.82 -8.55 -73.69
CA PRO A 95 -3.70 -7.61 -73.51
C PRO A 95 -2.81 -7.85 -72.29
N THR A 96 -1.52 -7.47 -72.42
CA THR A 96 -0.44 -7.66 -71.41
C THR A 96 -0.80 -7.17 -69.99
N VAL A 97 -1.71 -6.18 -69.86
CA VAL A 97 -2.18 -5.65 -68.56
C VAL A 97 -2.80 -6.74 -67.71
N ASP A 98 -3.43 -7.75 -68.34
CA ASP A 98 -4.06 -8.90 -67.68
C ASP A 98 -3.01 -9.93 -67.29
N VAL A 99 -2.00 -10.16 -68.18
CA VAL A 99 -0.86 -11.08 -68.00
C VAL A 99 -0.12 -10.78 -66.68
N VAL A 100 0.27 -9.52 -66.49
CA VAL A 100 1.00 -9.06 -65.31
C VAL A 100 0.15 -9.05 -64.04
N MET A 101 -1.19 -9.00 -64.19
CA MET A 101 -2.18 -8.95 -63.10
C MET A 101 -2.82 -10.30 -62.73
N THR A 102 -2.66 -11.34 -63.58
CA THR A 102 -3.22 -12.68 -63.34
C THR A 102 -2.14 -13.80 -63.40
N GLN A 103 -1.18 -13.73 -64.36
CA GLN A 103 -0.09 -14.72 -64.51
C GLN A 103 1.10 -14.35 -63.63
N LEU A 104 1.46 -15.27 -62.73
CA LEU A 104 2.54 -15.14 -61.76
C LEU A 104 3.89 -15.54 -62.36
N GLY A 125 5.54 -10.77 -57.34
CA GLY A 125 4.68 -10.38 -58.44
C GLY A 125 3.48 -9.56 -58.02
N VAL A 126 3.12 -8.53 -58.84
CA VAL A 126 1.99 -7.62 -58.58
C VAL A 126 0.62 -8.35 -58.72
N SER A 127 0.60 -9.50 -59.44
CA SER A 127 -0.55 -10.39 -59.67
C SER A 127 -1.19 -10.82 -58.34
N VAL A 128 -0.32 -11.06 -57.34
CA VAL A 128 -0.62 -11.47 -55.97
C VAL A 128 -1.55 -10.45 -55.26
N VAL A 129 -1.52 -9.16 -55.68
CA VAL A 129 -2.38 -8.11 -55.10
C VAL A 129 -3.84 -8.31 -55.54
N ASN A 130 -4.06 -8.52 -56.86
CA ASN A 130 -5.38 -8.74 -57.49
C ASN A 130 -6.08 -10.01 -56.97
N ALA A 131 -5.30 -11.05 -56.66
CA ALA A 131 -5.74 -12.34 -56.15
C ALA A 131 -6.25 -12.25 -54.71
N LEU A 132 -5.76 -11.24 -53.95
CA LEU A 132 -6.12 -11.00 -52.56
C LEU A 132 -6.98 -9.73 -52.39
N SER A 133 -7.50 -9.22 -53.53
CA SER A 133 -8.37 -8.05 -53.63
C SER A 133 -9.78 -8.44 -54.08
N THR A 134 -10.80 -7.76 -53.52
CA THR A 134 -12.20 -7.94 -53.89
C THR A 134 -12.43 -7.23 -55.23
N ARG A 135 -11.67 -6.13 -55.47
CA ARG A 135 -11.73 -5.29 -56.66
C ARG A 135 -10.38 -4.60 -56.90
N LEU A 136 -9.87 -4.68 -58.12
CA LEU A 136 -8.66 -3.99 -58.55
C LEU A 136 -8.99 -3.30 -59.89
N GLU A 137 -8.88 -1.99 -59.93
CA GLU A 137 -9.16 -1.25 -61.14
C GLU A 137 -7.86 -0.66 -61.62
N VAL A 138 -7.44 -1.02 -62.82
CA VAL A 138 -6.21 -0.49 -63.41
C VAL A 138 -6.56 0.55 -64.53
N GLU A 139 -6.01 1.78 -64.42
CA GLU A 139 -6.25 2.85 -65.38
C GLU A 139 -4.92 3.32 -65.97
N ILE A 140 -4.70 2.93 -67.23
CA ILE A 140 -3.48 3.14 -68.01
C ILE A 140 -3.60 4.26 -69.06
N LYS A 141 -2.58 5.10 -69.16
CA LYS A 141 -2.47 6.16 -70.14
C LYS A 141 -1.22 5.81 -70.92
N ARG A 142 -1.40 5.15 -72.06
CA ARG A 142 -0.30 4.73 -72.92
C ARG A 142 -0.77 4.65 -74.36
N ASP A 143 0.12 5.03 -75.30
CA ASP A 143 -0.02 4.98 -76.77
C ASP A 143 -1.18 5.83 -77.34
N GLY A 144 -1.52 6.92 -76.65
CA GLY A 144 -2.54 7.89 -77.07
C GLY A 144 -3.97 7.70 -76.60
N TYR A 145 -4.23 6.75 -75.66
CA TYR A 145 -5.58 6.54 -75.15
C TYR A 145 -5.63 6.29 -73.65
N GLU A 146 -6.73 6.75 -73.05
CA GLU A 146 -7.07 6.67 -71.63
C GLU A 146 -7.76 5.32 -71.35
N TRP A 147 -6.96 4.26 -71.17
CA TRP A 147 -7.42 2.90 -70.91
C TRP A 147 -7.89 2.65 -69.49
N SER A 148 -8.92 1.81 -69.35
CA SER A 148 -9.55 1.43 -68.10
C SER A 148 -9.88 -0.05 -68.13
N GLN A 149 -9.56 -0.76 -67.05
CA GLN A 149 -9.85 -2.18 -66.87
C GLN A 149 -10.20 -2.42 -65.41
N VAL A 150 -11.24 -3.21 -65.16
CA VAL A 150 -11.68 -3.50 -63.79
C VAL A 150 -11.69 -5.03 -63.57
N TYR A 151 -11.09 -5.52 -62.46
CA TYR A 151 -11.06 -6.94 -62.13
C TYR A 151 -11.94 -7.14 -60.93
N GLU A 152 -13.01 -7.91 -61.07
CA GLU A 152 -13.87 -8.17 -59.91
C GLU A 152 -13.57 -9.55 -59.28
N LYS A 153 -12.95 -9.54 -58.06
CA LYS A 153 -12.52 -10.72 -57.27
C LYS A 153 -11.50 -11.59 -58.06
N SER A 154 -10.52 -10.91 -58.71
CA SER A 154 -9.43 -11.40 -59.59
C SER A 154 -9.82 -11.66 -61.07
N GLU A 155 -11.14 -11.71 -61.37
CA GLU A 155 -11.73 -11.98 -62.69
C GLU A 155 -11.93 -10.69 -63.56
N PRO A 156 -11.10 -10.44 -64.64
CA PRO A 156 -11.27 -9.21 -65.45
C PRO A 156 -12.63 -9.02 -66.07
N LEU A 157 -12.89 -7.79 -66.54
CA LEU A 157 -14.16 -7.45 -67.18
C LEU A 157 -14.00 -7.00 -68.62
N GLY A 158 -13.12 -6.01 -68.85
CA GLY A 158 -12.86 -5.49 -70.20
C GLY A 158 -11.99 -4.25 -70.23
N LEU A 159 -11.10 -4.19 -71.22
CA LEU A 159 -10.18 -3.07 -71.45
C LEU A 159 -10.83 -1.97 -72.30
N LYS A 160 -11.66 -1.13 -71.65
CA LYS A 160 -12.38 -0.02 -72.29
C LYS A 160 -11.40 1.06 -72.79
N GLN A 161 -11.48 1.39 -74.09
CA GLN A 161 -10.65 2.43 -74.71
C GLN A 161 -11.41 3.72 -74.51
N GLY A 162 -10.82 4.65 -73.77
CA GLY A 162 -11.45 5.92 -73.47
C GLY A 162 -11.07 7.06 -74.38
N ALA A 163 -10.77 8.22 -73.75
CA ALA A 163 -10.42 9.48 -74.39
C ALA A 163 -9.06 9.48 -75.11
N PRO A 164 -8.98 10.09 -76.31
CA PRO A 164 -7.68 10.18 -76.98
C PRO A 164 -6.82 11.27 -76.31
N THR A 165 -5.75 10.86 -75.63
CA THR A 165 -4.82 11.76 -74.93
C THR A 165 -3.38 11.19 -74.96
N LYS A 166 -2.42 11.97 -75.48
CA LYS A 166 -1.01 11.58 -75.59
C LYS A 166 -0.23 11.68 -74.24
N LYS A 167 -0.94 11.52 -73.11
CA LYS A 167 -0.41 11.57 -71.74
C LYS A 167 -0.01 10.16 -71.28
N THR A 168 1.20 10.00 -70.68
CA THR A 168 1.66 8.69 -70.20
C THR A 168 1.64 8.59 -68.68
N GLY A 169 1.26 7.40 -68.19
CA GLY A 169 1.19 7.05 -66.78
C GLY A 169 0.26 5.89 -66.45
N SER A 170 0.10 5.61 -65.15
CA SER A 170 -0.75 4.53 -64.64
C SER A 170 -1.46 4.93 -63.32
N THR A 171 -2.41 4.08 -62.85
CA THR A 171 -3.18 4.24 -61.61
C THR A 171 -3.70 2.87 -61.18
N VAL A 172 -3.35 2.45 -59.96
CA VAL A 172 -3.85 1.18 -59.45
C VAL A 172 -4.72 1.45 -58.24
N ARG A 173 -6.02 1.17 -58.38
CA ARG A 173 -6.98 1.31 -57.30
C ARG A 173 -7.38 -0.08 -56.85
N PHE A 174 -6.84 -0.51 -55.69
CA PHE A 174 -7.14 -1.82 -55.17
C PHE A 174 -7.72 -1.77 -53.75
N TRP A 175 -8.65 -2.69 -53.46
CA TRP A 175 -9.33 -2.86 -52.18
C TRP A 175 -9.00 -4.25 -51.71
N ALA A 176 -8.31 -4.35 -50.56
CA ALA A 176 -7.92 -5.64 -49.98
C ALA A 176 -9.13 -6.45 -49.53
N ASP A 177 -9.09 -7.79 -49.72
CA ASP A 177 -10.17 -8.70 -49.31
C ASP A 177 -10.16 -8.89 -47.79
N PRO A 178 -11.22 -8.44 -47.07
CA PRO A 178 -11.23 -8.62 -45.61
C PRO A 178 -11.44 -10.08 -45.27
N ALA A 179 -11.86 -10.89 -46.28
CA ALA A 179 -12.03 -12.33 -46.17
C ALA A 179 -10.65 -12.97 -45.94
N VAL A 180 -9.61 -12.39 -46.58
CA VAL A 180 -8.22 -12.84 -46.46
C VAL A 180 -7.51 -12.29 -45.17
N PHE A 181 -7.45 -10.94 -45.03
CA PHE A 181 -6.75 -10.22 -43.96
C PHE A 181 -7.60 -9.89 -42.76
N GLU A 182 -7.04 -10.12 -41.53
CA GLU A 182 -7.68 -9.86 -40.23
C GLU A 182 -8.10 -8.39 -40.08
N THR A 183 -7.16 -7.47 -40.32
CA THR A 183 -7.38 -6.03 -40.31
C THR A 183 -7.09 -5.53 -41.72
N THR A 184 -8.00 -4.73 -42.28
CA THR A 184 -7.83 -4.15 -43.62
C THR A 184 -7.49 -2.65 -43.44
N GLU A 185 -7.02 -2.28 -42.22
CA GLU A 185 -6.58 -0.93 -41.87
C GLU A 185 -5.03 -0.85 -41.95
N TYR A 186 -4.51 0.03 -42.84
CA TYR A 186 -3.10 0.26 -43.05
C TYR A 186 -2.58 1.35 -42.09
N ASP A 187 -1.34 1.20 -41.57
CA ASP A 187 -0.68 2.17 -40.69
C ASP A 187 -0.08 3.31 -41.54
N PHE A 188 -0.36 4.57 -41.17
CA PHE A 188 0.17 5.70 -41.90
C PHE A 188 1.67 5.82 -41.75
N GLU A 189 2.17 5.92 -40.50
CA GLU A 189 3.59 6.10 -40.16
C GLU A 189 4.49 5.07 -40.83
N THR A 190 4.06 3.79 -40.89
CA THR A 190 4.88 2.75 -41.54
C THR A 190 4.98 3.04 -43.01
N VAL A 191 3.83 3.36 -43.64
CA VAL A 191 3.72 3.67 -45.07
C VAL A 191 4.56 4.92 -45.35
N ALA A 192 4.43 5.95 -44.48
CA ALA A 192 5.15 7.22 -44.57
C ALA A 192 6.65 7.04 -44.55
N ARG A 193 7.19 6.28 -43.56
CA ARG A 193 8.63 6.03 -43.44
C ARG A 193 9.23 5.40 -44.72
N ARG A 194 8.64 4.29 -45.25
CA ARG A 194 9.15 3.65 -46.47
C ARG A 194 9.07 4.60 -47.67
N LEU A 195 8.01 5.43 -47.76
CA LEU A 195 7.88 6.34 -48.89
C LEU A 195 8.95 7.41 -48.81
N GLN A 196 9.27 7.87 -47.58
CA GLN A 196 10.31 8.87 -47.31
C GLN A 196 11.68 8.32 -47.73
N GLU A 197 11.92 7.03 -47.47
CA GLU A 197 13.14 6.32 -47.84
C GLU A 197 13.37 6.40 -49.35
N MET A 198 12.41 5.86 -50.14
CA MET A 198 12.40 5.77 -51.59
C MET A 198 12.62 7.16 -52.23
N ALA A 199 12.32 8.24 -51.46
CA ALA A 199 12.52 9.65 -51.86
C ALA A 199 13.96 10.09 -51.63
N PHE A 200 14.61 9.58 -50.59
CA PHE A 200 16.01 9.82 -50.27
C PHE A 200 16.90 9.07 -51.25
N LEU A 201 16.43 7.95 -51.79
CA LEU A 201 17.22 7.18 -52.75
C LEU A 201 17.20 7.86 -54.14
N ASN A 202 16.01 8.23 -54.66
CA ASN A 202 15.90 8.93 -55.95
C ASN A 202 15.67 10.45 -55.80
N LYS A 203 16.73 11.20 -56.17
CA LYS A 203 16.91 12.66 -56.15
C LYS A 203 15.83 13.48 -56.88
N GLY A 204 15.35 12.98 -58.03
CA GLY A 204 14.35 13.68 -58.84
C GLY A 204 12.97 13.04 -58.89
N LEU A 205 12.43 12.68 -57.71
CA LEU A 205 11.13 12.02 -57.57
C LEU A 205 10.33 12.63 -56.43
N THR A 206 9.00 12.78 -56.65
CA THR A 206 8.02 13.33 -55.70
C THR A 206 6.93 12.32 -55.32
N ILE A 207 6.96 11.81 -54.08
CA ILE A 207 5.94 10.90 -53.56
C ILE A 207 5.02 11.70 -52.65
N ASN A 208 3.74 11.75 -52.97
CA ASN A 208 2.77 12.48 -52.17
C ASN A 208 1.86 11.44 -51.57
N LEU A 209 1.71 11.48 -50.24
CA LEU A 209 0.91 10.52 -49.49
C LEU A 209 -0.24 11.20 -48.74
N THR A 210 -1.47 10.72 -48.93
CA THR A 210 -2.67 11.31 -48.31
C THR A 210 -3.52 10.21 -47.71
N ASP A 211 -4.04 10.48 -46.52
CA ASP A 211 -4.90 9.55 -45.83
C ASP A 211 -6.30 10.17 -45.74
N GLU A 212 -7.23 9.69 -46.59
CA GLU A 212 -8.61 10.17 -46.66
C GLU A 212 -9.44 9.78 -45.43
N ARG A 213 -8.96 8.78 -44.64
CA ARG A 213 -9.62 8.20 -43.46
C ARG A 213 -9.61 9.06 -42.18
N VAL A 214 -9.05 10.26 -42.25
CA VAL A 214 -8.96 11.19 -41.13
C VAL A 214 -10.32 11.87 -40.85
N THR A 215 -10.73 11.87 -39.55
CA THR A 215 -11.96 12.51 -39.01
C THR A 215 -11.71 14.02 -38.86
N GLN A 216 -12.69 14.87 -39.23
CA GLN A 216 -12.57 16.34 -39.29
C GLN A 216 -12.17 17.05 -37.97
N ASP A 217 -11.85 16.30 -36.91
CA ASP A 217 -11.39 16.82 -35.61
C ASP A 217 -9.90 16.47 -35.36
N GLU A 218 -9.47 15.28 -35.86
CA GLU A 218 -8.17 14.60 -35.72
C GLU A 218 -6.93 15.42 -36.00
N VAL A 219 -5.92 15.28 -35.10
CA VAL A 219 -4.61 15.91 -35.19
C VAL A 219 -3.83 15.25 -36.32
N VAL A 220 -3.60 16.03 -37.39
CA VAL A 220 -2.96 15.59 -38.62
C VAL A 220 -1.54 16.08 -38.81
N ASP A 221 -1.29 17.37 -38.51
CA ASP A 221 -0.04 18.11 -38.70
C ASP A 221 1.23 17.34 -38.30
N GLU A 222 2.27 17.51 -39.10
CA GLU A 222 3.57 16.86 -38.94
C GLU A 222 4.20 17.27 -37.62
N VAL A 223 4.16 18.58 -37.35
CA VAL A 223 4.69 19.18 -36.14
C VAL A 223 3.56 19.88 -35.43
N VAL A 224 2.98 19.17 -34.47
CA VAL A 224 1.87 19.63 -33.65
C VAL A 224 2.40 20.79 -32.77
N SER A 225 1.75 21.97 -32.81
CA SER A 225 2.23 23.10 -32.01
C SER A 225 1.86 22.96 -30.54
N ASP A 226 2.70 23.53 -29.66
CA ASP A 226 2.49 23.56 -28.20
C ASP A 226 1.27 24.43 -27.82
N VAL A 227 0.88 25.34 -28.73
CA VAL A 227 -0.23 26.30 -28.61
C VAL A 227 -1.51 25.87 -29.33
N ALA A 228 -2.63 26.47 -28.94
CA ALA A 228 -3.97 26.24 -29.47
C ALA A 228 -4.15 26.95 -30.81
N GLU A 229 -4.97 26.36 -31.71
CA GLU A 229 -5.33 26.88 -33.04
C GLU A 229 -6.28 28.06 -32.90
N ALA A 230 -5.93 29.19 -33.54
CA ALA A 230 -6.71 30.41 -33.48
C ALA A 230 -8.09 30.25 -34.14
N PRO A 231 -9.13 31.02 -33.73
CA PRO A 231 -10.47 30.86 -34.34
C PRO A 231 -10.65 31.48 -35.74
N SER A 241 -14.68 26.22 -45.04
CA SER A 241 -15.93 26.18 -44.27
C SER A 241 -17.08 25.49 -45.01
N THR A 242 -16.95 25.30 -46.35
CA THR A 242 -17.97 24.67 -47.22
C THR A 242 -18.07 23.14 -46.93
N ALA A 243 -17.28 22.29 -47.65
CA ALA A 243 -17.26 20.83 -47.48
C ALA A 243 -15.92 20.10 -47.86
N PRO A 244 -14.74 20.78 -48.12
CA PRO A 244 -13.52 20.01 -48.47
C PRO A 244 -12.92 19.22 -47.30
N HIS A 245 -13.48 18.01 -47.07
CA HIS A 245 -13.19 16.99 -46.04
C HIS A 245 -11.69 16.90 -45.62
N LYS A 246 -11.42 16.68 -44.30
CA LYS A 246 -10.06 16.62 -43.71
C LYS A 246 -9.25 15.38 -44.15
N VAL A 247 -8.03 15.64 -44.72
CA VAL A 247 -7.10 14.61 -45.20
C VAL A 247 -5.66 14.88 -44.73
N LYS A 248 -5.04 13.86 -44.07
CA LYS A 248 -3.64 13.82 -43.58
C LYS A 248 -2.64 13.67 -44.76
N SER A 249 -2.23 14.81 -45.34
CA SER A 249 -1.34 14.88 -46.48
C SER A 249 0.14 14.98 -46.07
N ARG A 250 1.06 14.56 -46.95
CA ARG A 250 2.53 14.60 -46.79
C ARG A 250 3.22 14.57 -48.17
N THR A 251 4.32 15.34 -48.34
CA THR A 251 5.10 15.39 -49.59
C THR A 251 6.59 15.15 -49.30
N PHE A 252 7.13 14.08 -49.94
CA PHE A 252 8.52 13.68 -49.80
C PHE A 252 9.26 13.91 -51.11
N HIS A 253 10.07 14.97 -51.14
CA HIS A 253 10.91 15.35 -52.27
C HIS A 253 12.26 15.82 -51.71
N TYR A 254 13.35 15.12 -52.05
CA TYR A 254 14.67 15.47 -51.54
C TYR A 254 15.61 15.68 -52.69
N PRO A 255 15.79 16.95 -53.12
CA PRO A 255 16.67 17.22 -54.26
C PRO A 255 18.15 17.00 -53.94
N GLY A 256 18.51 17.14 -52.66
CA GLY A 256 19.88 16.92 -52.16
C GLY A 256 20.31 15.47 -52.23
N GLY A 257 19.32 14.57 -52.31
CA GLY A 257 19.47 13.13 -52.46
C GLY A 257 19.98 12.43 -51.24
N LEU A 258 20.91 11.46 -51.43
CA LEU A 258 21.52 10.68 -50.34
C LEU A 258 22.19 11.54 -49.25
N VAL A 259 22.34 12.87 -49.51
CA VAL A 259 22.87 13.86 -48.59
C VAL A 259 21.74 14.21 -47.63
N ASP A 260 20.55 14.61 -48.16
CA ASP A 260 19.36 14.95 -47.39
C ASP A 260 18.94 13.77 -46.51
N PHE A 261 19.41 12.55 -46.85
CA PHE A 261 19.21 11.32 -46.10
C PHE A 261 20.08 11.32 -44.83
N VAL A 262 21.43 11.46 -44.99
CA VAL A 262 22.42 11.52 -43.89
C VAL A 262 22.13 12.78 -43.02
N LYS A 263 21.64 13.87 -43.65
CA LYS A 263 21.23 15.11 -42.99
C LYS A 263 20.07 14.79 -42.01
N HIS A 264 19.09 13.98 -42.47
CA HIS A 264 17.95 13.54 -41.67
C HIS A 264 18.38 12.58 -40.59
N ILE A 265 19.37 11.72 -40.89
CA ILE A 265 19.87 10.71 -39.96
C ILE A 265 20.55 11.39 -38.76
N ASN A 266 21.52 12.29 -39.03
CA ASN A 266 22.26 13.03 -38.02
C ASN A 266 21.55 14.34 -37.53
N ARG A 267 20.28 14.56 -37.95
CA ARG A 267 19.45 15.71 -37.54
C ARG A 267 19.17 15.58 -36.05
N THR A 268 18.51 14.46 -35.69
CA THR A 268 18.10 14.04 -34.36
C THR A 268 19.30 14.03 -33.38
N LYS A 269 20.44 13.48 -33.82
CA LYS A 269 21.68 13.40 -33.04
C LYS A 269 22.54 14.64 -33.39
N ASN A 270 23.86 14.68 -33.06
CA ASN A 270 24.70 15.86 -33.34
C ASN A 270 26.02 15.56 -34.00
N ALA A 271 26.14 15.96 -35.27
CA ALA A 271 27.31 15.76 -36.13
C ALA A 271 28.59 16.44 -35.64
N ILE A 272 29.74 15.86 -36.04
CA ILE A 272 31.08 16.33 -35.71
C ILE A 272 31.43 17.63 -36.46
N HIS A 273 30.92 17.80 -37.70
CA HIS A 273 31.26 18.94 -38.56
C HIS A 273 30.09 19.55 -39.36
N SER A 274 30.22 19.61 -40.71
CA SER A 274 29.25 20.19 -41.65
C SER A 274 29.29 19.55 -43.04
N SER A 275 30.50 19.09 -43.51
CA SER A 275 30.71 18.50 -44.84
C SER A 275 30.52 16.95 -44.94
N ILE A 276 29.47 16.54 -45.66
CA ILE A 276 29.06 15.16 -45.95
C ILE A 276 30.03 14.60 -47.01
N VAL A 277 30.26 13.28 -47.00
CA VAL A 277 31.18 12.57 -47.90
C VAL A 277 30.41 11.87 -49.06
N ASP A 278 29.63 12.64 -49.85
CA ASP A 278 28.85 12.12 -50.98
C ASP A 278 29.71 11.89 -52.20
N PHE A 279 29.55 10.72 -52.84
CA PHE A 279 30.24 10.29 -54.07
C PHE A 279 29.55 9.11 -54.76
N SER A 280 29.43 9.20 -56.10
CA SER A 280 28.83 8.19 -56.97
C SER A 280 29.90 7.19 -57.49
N GLY A 281 29.60 6.45 -58.56
CA GLY A 281 30.53 5.47 -59.12
C GLY A 281 29.95 4.51 -60.13
N LYS A 282 30.15 4.81 -61.43
CA LYS A 282 29.69 3.98 -62.55
C LYS A 282 30.52 2.70 -62.66
N GLY A 283 29.96 1.68 -63.32
CA GLY A 283 30.64 0.41 -63.50
C GLY A 283 30.29 -0.27 -64.80
N THR A 284 29.73 -1.48 -64.69
CA THR A 284 29.30 -2.30 -65.83
C THR A 284 27.77 -2.41 -65.73
N GLY A 285 27.25 -3.60 -65.40
CA GLY A 285 25.82 -3.81 -65.19
C GLY A 285 25.41 -3.39 -63.79
N HIS A 286 26.14 -2.41 -63.23
CA HIS A 286 25.97 -1.87 -61.89
C HIS A 286 26.59 -0.47 -61.71
N GLU A 287 26.17 0.24 -60.62
CA GLU A 287 26.65 1.56 -60.18
C GLU A 287 26.35 1.81 -58.69
N VAL A 288 27.30 2.43 -57.96
CA VAL A 288 27.18 2.72 -56.51
C VAL A 288 27.14 4.24 -56.23
N GLU A 289 26.50 4.65 -55.12
CA GLU A 289 26.38 6.03 -54.68
C GLU A 289 26.38 6.09 -53.12
N ILE A 290 27.52 6.49 -52.52
CA ILE A 290 27.70 6.56 -51.05
C ILE A 290 27.78 7.99 -50.51
N ALA A 291 27.43 8.22 -49.24
CA ALA A 291 27.48 9.49 -48.53
C ALA A 291 27.61 9.22 -47.02
N MET A 292 28.47 9.98 -46.30
CA MET A 292 28.71 9.76 -44.87
C MET A 292 28.86 11.07 -44.09
N GLN A 293 28.56 11.03 -42.78
CA GLN A 293 28.70 12.12 -41.80
C GLN A 293 28.72 11.51 -40.41
N TRP A 294 29.85 11.66 -39.69
CA TRP A 294 30.06 11.12 -38.34
C TRP A 294 29.44 12.05 -37.28
N ASN A 295 29.01 11.50 -36.11
CA ASN A 295 28.37 12.30 -35.05
C ASN A 295 28.88 11.99 -33.61
N ALA A 296 28.30 12.68 -32.61
CA ALA A 296 28.59 12.52 -31.19
C ALA A 296 27.36 11.92 -30.48
N GLY A 297 27.54 10.72 -29.97
CA GLY A 297 26.53 9.91 -29.28
C GLY A 297 26.86 8.44 -29.47
N TYR A 298 27.36 8.15 -30.69
CA TYR A 298 27.94 6.93 -31.24
C TYR A 298 27.06 5.65 -31.20
N SER A 299 27.16 4.91 -32.34
CA SER A 299 26.57 3.64 -32.78
C SER A 299 26.68 3.64 -34.33
N GLU A 300 27.17 2.53 -34.92
CA GLU A 300 27.31 2.34 -36.37
C GLU A 300 25.92 2.35 -37.10
N SER A 301 25.50 3.53 -37.62
CA SER A 301 24.24 3.75 -38.35
C SER A 301 24.45 3.66 -39.88
N VAL A 302 24.93 2.50 -40.35
CA VAL A 302 25.23 2.22 -41.75
C VAL A 302 24.06 1.48 -42.39
N HIS A 303 23.39 2.12 -43.38
CA HIS A 303 22.23 1.57 -44.13
C HIS A 303 22.62 1.20 -45.57
N THR A 304 22.18 0.03 -46.05
CA THR A 304 22.56 -0.46 -47.37
C THR A 304 21.40 -0.88 -48.24
N PHE A 305 21.39 -0.43 -49.48
CA PHE A 305 20.33 -0.69 -50.45
C PHE A 305 20.87 -1.10 -51.80
N ALA A 306 20.20 -2.09 -52.42
CA ALA A 306 20.46 -2.63 -53.77
C ALA A 306 19.14 -2.53 -54.52
N ASN A 307 19.07 -1.72 -55.62
CA ASN A 307 17.84 -1.50 -56.41
C ASN A 307 16.68 -1.12 -55.47
N THR A 308 16.91 -0.08 -54.63
CA THR A 308 16.00 0.48 -53.60
C THR A 308 15.65 -0.52 -52.46
N ILE A 309 16.07 -1.79 -52.55
CA ILE A 309 15.78 -2.82 -51.54
C ILE A 309 16.75 -2.69 -50.34
N ASN A 310 16.23 -2.48 -49.09
CA ASN A 310 17.09 -2.40 -47.90
C ASN A 310 17.61 -3.76 -47.53
N THR A 311 18.86 -3.98 -47.92
CA THR A 311 19.62 -5.20 -47.68
C THR A 311 20.20 -5.07 -46.26
N HIS A 312 19.33 -5.18 -45.22
CA HIS A 312 19.74 -5.03 -43.83
C HIS A 312 20.82 -6.06 -43.42
N GLU A 313 20.81 -7.25 -44.04
CA GLU A 313 21.81 -8.28 -43.79
C GLU A 313 23.17 -7.95 -44.41
N GLY A 314 23.15 -6.99 -45.36
CA GLY A 314 24.28 -6.39 -46.08
C GLY A 314 25.26 -7.34 -46.72
N GLY A 315 24.93 -7.74 -47.94
CA GLY A 315 25.70 -8.72 -48.71
C GLY A 315 27.14 -8.44 -49.05
N THR A 316 27.40 -8.26 -50.37
CA THR A 316 28.72 -8.06 -50.95
C THR A 316 28.98 -6.61 -51.39
N HIS A 317 28.10 -5.68 -51.02
CA HIS A 317 28.30 -4.26 -51.30
C HIS A 317 28.64 -3.55 -49.98
N GLU A 318 28.07 -4.06 -48.83
CA GLU A 318 28.33 -3.58 -47.47
C GLU A 318 29.73 -4.08 -47.12
N GLU A 319 30.03 -5.35 -47.49
CA GLU A 319 31.32 -6.03 -47.30
C GLU A 319 32.39 -5.35 -48.15
N GLY A 320 32.03 -4.98 -49.37
CA GLY A 320 32.88 -4.31 -50.35
C GLY A 320 33.48 -3.02 -49.82
N PHE A 321 32.62 -2.14 -49.28
CA PHE A 321 33.03 -0.85 -48.71
C PHE A 321 33.70 -1.04 -47.38
N ARG A 322 33.14 -1.91 -46.53
CA ARG A 322 33.66 -2.19 -45.20
C ARG A 322 35.17 -2.35 -45.25
N SER A 323 35.67 -3.29 -46.10
CA SER A 323 37.10 -3.54 -46.27
C SER A 323 37.86 -2.30 -46.74
N ALA A 324 37.33 -1.59 -47.74
CA ALA A 324 37.94 -0.38 -48.31
C ALA A 324 38.01 0.80 -47.33
N LEU A 325 37.03 0.97 -46.42
CA LEU A 325 37.09 2.05 -45.43
C LEU A 325 38.23 1.80 -44.45
N THR A 326 38.20 0.63 -43.74
CA THR A 326 39.20 0.19 -42.74
C THR A 326 40.64 0.26 -43.25
N SER A 327 40.87 -0.14 -44.52
CA SER A 327 42.18 -0.08 -45.13
C SER A 327 42.65 1.38 -45.29
N VAL A 328 41.92 2.22 -46.06
CA VAL A 328 42.22 3.64 -46.36
C VAL A 328 42.40 4.50 -45.06
N VAL A 329 41.70 4.15 -43.96
CA VAL A 329 41.83 4.82 -42.66
C VAL A 329 43.21 4.50 -42.06
N ASN A 330 43.69 3.23 -42.20
CA ASN A 330 44.99 2.75 -41.72
C ASN A 330 46.20 3.29 -42.56
N LYS A 331 45.92 4.08 -43.63
CA LYS A 331 46.92 4.73 -44.47
C LYS A 331 47.33 6.05 -43.77
N TYR A 332 46.46 6.52 -42.84
CA TYR A 332 46.62 7.72 -42.02
C TYR A 332 47.19 7.41 -40.63
N GLY A 348 38.13 -1.61 -38.06
CA GLY A 348 36.81 -2.17 -37.79
C GLY A 348 35.86 -1.23 -37.06
N ASP A 349 34.98 -1.83 -36.22
CA ASP A 349 33.88 -1.26 -35.41
C ASP A 349 34.12 0.15 -34.78
N ASP A 350 35.39 0.48 -34.45
CA ASP A 350 35.79 1.76 -33.85
C ASP A 350 35.58 2.90 -34.82
N ILE A 351 36.13 2.75 -36.05
CA ILE A 351 36.04 3.70 -37.17
C ILE A 351 34.56 3.95 -37.46
N ARG A 352 33.83 2.85 -37.77
CA ARG A 352 32.41 2.80 -38.13
C ARG A 352 31.45 3.37 -37.06
N GLU A 353 31.88 3.47 -35.78
CA GLU A 353 31.04 3.98 -34.69
C GLU A 353 30.73 5.47 -34.80
N GLY A 354 29.52 5.84 -34.39
CA GLY A 354 28.99 7.21 -34.46
C GLY A 354 28.68 7.64 -35.86
N LEU A 355 29.37 7.00 -36.83
CA LEU A 355 29.29 7.22 -38.25
C LEU A 355 27.98 6.76 -38.83
N ALA A 356 27.32 7.69 -39.52
CA ALA A 356 26.08 7.48 -40.25
C ALA A 356 26.40 7.54 -41.75
N ALA A 357 26.42 6.37 -42.40
CA ALA A 357 26.71 6.26 -43.84
C ALA A 357 25.62 5.47 -44.55
N VAL A 358 25.45 5.77 -45.85
CA VAL A 358 24.45 5.12 -46.68
C VAL A 358 25.09 4.70 -48.00
N ILE A 359 24.94 3.42 -48.35
CA ILE A 359 25.43 2.79 -49.57
C ILE A 359 24.21 2.43 -50.44
N SER A 360 24.16 2.97 -51.65
CA SER A 360 23.07 2.71 -52.58
C SER A 360 23.68 2.18 -53.87
N VAL A 361 23.46 0.88 -54.11
CA VAL A 361 23.96 0.23 -55.30
C VAL A 361 22.82 -0.12 -56.24
N LYS A 362 23.14 -0.17 -57.51
CA LYS A 362 22.21 -0.60 -58.53
C LYS A 362 22.86 -1.85 -59.12
N VAL A 363 22.07 -2.90 -59.40
CA VAL A 363 22.49 -4.18 -59.96
C VAL A 363 21.46 -4.59 -61.01
N SER A 364 21.92 -5.01 -62.20
CA SER A 364 21.03 -5.44 -63.30
C SER A 364 20.34 -6.79 -63.00
N GLU A 365 21.14 -7.87 -62.82
CA GLU A 365 20.66 -9.21 -62.52
C GLU A 365 21.15 -9.55 -61.09
N PRO A 366 20.42 -9.08 -60.03
CA PRO A 366 20.89 -9.30 -58.66
C PRO A 366 20.40 -10.59 -58.04
N GLN A 367 21.20 -11.12 -57.10
CA GLN A 367 20.92 -12.35 -56.36
C GLN A 367 20.99 -12.03 -54.87
N PHE A 368 19.99 -12.50 -54.13
CA PHE A 368 19.88 -12.28 -52.68
C PHE A 368 19.87 -13.64 -51.96
N GLU A 369 20.30 -13.66 -50.68
CA GLU A 369 20.37 -14.88 -49.86
C GLU A 369 20.10 -14.60 -48.37
N GLY A 370 20.46 -15.55 -47.50
CA GLY A 370 20.22 -15.47 -46.06
C GLY A 370 18.86 -16.01 -45.67
N GLN A 371 18.48 -15.94 -44.36
CA GLN A 371 17.18 -16.39 -43.86
C GLN A 371 16.09 -15.58 -44.62
N THR A 372 16.44 -14.32 -45.01
CA THR A 372 15.62 -13.40 -45.82
C THR A 372 16.09 -13.41 -47.30
N LYS A 373 15.74 -12.35 -48.04
CA LYS A 373 16.18 -12.15 -49.42
C LYS A 373 16.94 -10.81 -49.40
N THR A 374 17.84 -10.63 -48.40
CA THR A 374 18.55 -9.35 -48.23
C THR A 374 20.08 -9.43 -48.38
N LYS A 375 20.73 -10.58 -48.16
CA LYS A 375 22.18 -10.66 -48.32
C LYS A 375 22.57 -10.71 -49.81
N LEU A 376 23.03 -9.57 -50.39
CA LEU A 376 23.43 -9.45 -51.81
C LEU A 376 24.62 -10.37 -52.11
N GLY A 377 24.38 -11.39 -52.92
CA GLY A 377 25.40 -12.39 -53.25
C GLY A 377 26.13 -12.20 -54.56
N ASN A 378 26.46 -10.94 -54.91
CA ASN A 378 27.18 -10.64 -56.15
C ASN A 378 28.65 -10.34 -55.85
N THR A 379 29.50 -11.35 -56.04
CA THR A 379 30.92 -11.29 -55.74
C THR A 379 31.67 -10.20 -56.56
N GLU A 380 31.22 -9.95 -57.81
CA GLU A 380 31.80 -8.93 -58.68
C GLU A 380 31.60 -7.53 -58.05
N VAL A 381 30.42 -7.32 -57.43
CA VAL A 381 29.95 -6.11 -56.75
C VAL A 381 30.89 -5.75 -55.60
N LYS A 382 31.38 -6.78 -54.87
CA LYS A 382 32.32 -6.67 -53.74
C LYS A 382 33.56 -5.90 -54.16
N SER A 383 34.34 -6.45 -55.14
CA SER A 383 35.57 -5.84 -55.65
C SER A 383 35.32 -4.49 -56.33
N PHE A 384 34.11 -4.32 -56.96
CA PHE A 384 33.68 -3.09 -57.64
C PHE A 384 33.55 -1.94 -56.64
N VAL A 385 32.67 -2.09 -55.61
CA VAL A 385 32.47 -1.07 -54.58
C VAL A 385 33.79 -0.86 -53.83
N GLN A 386 34.40 -1.98 -53.46
CA GLN A 386 35.66 -2.03 -52.78
C GLN A 386 36.56 -1.05 -53.46
N LYS A 387 36.70 -1.27 -54.75
CA LYS A 387 37.55 -0.44 -55.57
C LYS A 387 37.08 0.99 -55.54
N VAL A 388 35.88 1.21 -56.05
CA VAL A 388 35.25 2.51 -56.16
C VAL A 388 35.43 3.39 -54.95
N CYS A 389 35.02 2.82 -53.83
CA CYS A 389 35.13 3.47 -52.55
C CYS A 389 36.57 3.80 -52.35
N ASN A 390 37.43 2.81 -52.45
CA ASN A 390 38.86 3.05 -52.25
C ASN A 390 39.45 4.14 -53.14
N GLU A 391 39.04 4.19 -54.40
CA GLU A 391 39.51 5.20 -55.31
C GLU A 391 38.98 6.58 -54.96
N GLN A 392 37.80 6.65 -54.34
CA GLN A 392 37.23 7.95 -54.01
C GLN A 392 37.35 8.34 -52.55
N LEU A 393 37.51 7.38 -51.68
CA LEU A 393 37.60 7.68 -50.27
C LEU A 393 38.83 8.48 -50.05
N THR A 394 39.94 7.94 -50.50
CA THR A 394 41.25 8.56 -50.39
C THR A 394 41.21 9.97 -50.91
N HIS A 395 40.68 10.09 -52.12
CA HIS A 395 40.47 11.35 -52.80
C HIS A 395 39.86 12.36 -51.83
N TRP A 396 38.73 12.03 -51.23
CA TRP A 396 38.13 12.95 -50.28
C TRP A 396 39.03 13.25 -49.11
N PHE A 397 39.70 12.21 -48.60
CA PHE A 397 40.59 12.38 -47.49
C PHE A 397 41.65 13.40 -47.88
N GLU A 398 42.28 13.20 -49.02
CA GLU A 398 43.30 14.15 -49.47
C GLU A 398 42.67 15.51 -49.68
N ALA A 399 41.75 15.57 -50.63
CA ALA A 399 41.07 16.82 -50.98
C ALA A 399 40.52 17.55 -49.77
N ASN A 400 39.80 16.83 -48.92
CA ASN A 400 39.26 17.48 -47.76
C ASN A 400 39.97 17.02 -46.53
N PRO A 401 41.10 17.65 -46.23
CA PRO A 401 41.78 17.20 -44.99
C PRO A 401 41.40 18.06 -43.77
N THR A 402 40.66 19.17 -44.01
CA THR A 402 40.18 20.17 -43.04
C THR A 402 39.34 19.52 -41.93
N ASP A 403 38.20 18.89 -42.30
CA ASP A 403 37.28 18.20 -41.39
C ASP A 403 37.81 16.82 -40.97
N ALA A 404 38.66 16.19 -41.82
CA ALA A 404 39.31 14.88 -41.64
C ALA A 404 40.08 14.74 -40.32
N LYS A 405 40.63 15.87 -39.83
CA LYS A 405 41.39 15.99 -38.59
C LYS A 405 40.47 16.01 -37.34
N VAL A 406 39.20 16.47 -37.49
CA VAL A 406 38.15 16.58 -36.43
C VAL A 406 37.46 15.21 -36.12
N VAL A 407 37.54 14.29 -37.11
CA VAL A 407 37.04 12.91 -37.09
C VAL A 407 38.19 12.02 -36.62
N VAL A 408 39.45 12.41 -36.96
CA VAL A 408 40.70 11.76 -36.56
C VAL A 408 40.76 11.70 -35.02
N ASN A 409 40.18 12.73 -34.36
CA ASN A 409 40.08 12.85 -32.90
C ASN A 409 39.05 11.84 -32.34
N LYS A 410 38.07 11.43 -33.18
CA LYS A 410 37.07 10.42 -32.79
C LYS A 410 37.63 9.04 -33.10
N ALA A 411 38.43 8.93 -34.18
CA ALA A 411 39.12 7.70 -34.62
C ALA A 411 40.10 7.22 -33.54
N VAL A 412 40.72 8.17 -32.80
CA VAL A 412 41.65 7.91 -31.69
C VAL A 412 40.83 7.48 -30.46
N SER A 413 39.91 8.36 -29.99
CA SER A 413 39.05 8.17 -28.80
C SER A 413 38.09 6.97 -28.87
N SER A 414 37.73 6.50 -30.10
CA SER A 414 36.87 5.33 -30.27
C SER A 414 37.64 4.06 -29.92
N ALA A 415 38.93 3.98 -30.37
CA ALA A 415 39.85 2.88 -30.11
C ALA A 415 40.23 2.77 -28.62
N GLN A 416 40.30 3.91 -27.91
CA GLN A 416 40.66 4.01 -26.49
C GLN A 416 39.60 3.39 -25.59
N ALA A 417 38.32 3.83 -25.72
CA ALA A 417 37.16 3.39 -24.95
C ALA A 417 36.96 1.86 -24.90
N ARG A 418 37.17 1.18 -26.04
CA ARG A 418 37.03 -0.28 -26.17
C ARG A 418 38.23 -1.05 -25.62
N ILE A 419 39.47 -0.53 -25.80
CA ILE A 419 40.69 -1.15 -25.29
C ILE A 419 40.75 -1.04 -23.75
N ALA A 420 40.21 0.07 -23.20
CA ALA A 420 40.11 0.33 -21.77
C ALA A 420 38.99 -0.54 -21.16
N ALA A 421 38.00 -0.92 -22.01
CA ALA A 421 36.88 -1.79 -21.66
C ALA A 421 37.31 -3.26 -21.69
N ARG A 422 38.25 -3.60 -22.60
CA ARG A 422 38.81 -4.94 -22.75
C ARG A 422 39.58 -5.26 -21.47
N LYS A 423 40.34 -4.26 -20.94
CA LYS A 423 41.11 -4.32 -19.69
C LYS A 423 40.18 -4.38 -18.48
N ALA A 424 39.02 -3.68 -18.54
CA ALA A 424 37.99 -3.65 -17.48
C ALA A 424 37.31 -5.02 -17.32
N ARG A 425 37.24 -5.81 -18.41
CA ARG A 425 36.68 -7.17 -18.42
C ARG A 425 37.79 -8.15 -18.05
N GLU A 426 39.02 -7.92 -18.55
CA GLU A 426 40.22 -8.73 -18.28
C GLU A 426 40.45 -8.85 -16.78
N LEU A 427 40.28 -7.73 -16.04
CA LEU A 427 40.46 -7.65 -14.57
C LEU A 427 39.44 -8.50 -13.81
N VAL A 428 38.16 -8.51 -14.27
CA VAL A 428 37.07 -9.30 -13.69
C VAL A 428 37.39 -10.81 -13.85
N ARG A 429 37.91 -11.20 -15.02
CA ARG A 429 38.32 -12.56 -15.33
C ARG A 429 39.58 -12.97 -14.54
N ARG A 430 40.72 -12.23 -14.70
CA ARG A 430 42.02 -12.47 -14.05
C ARG A 430 42.06 -12.11 -12.54
N LYS A 431 41.05 -12.61 -11.78
CA LYS A 431 40.84 -12.49 -10.31
C LYS A 431 39.77 -13.49 -9.79
N SER A 432 39.16 -14.25 -10.73
CA SER A 432 38.14 -15.27 -10.46
C SER A 432 38.84 -16.62 -10.20
N ALA A 433 38.19 -17.51 -9.43
CA ALA A 433 38.74 -18.83 -9.12
C ALA A 433 37.62 -19.86 -9.02
N THR A 434 37.80 -21.05 -9.66
CA THR A 434 36.84 -22.18 -9.70
C THR A 434 35.38 -21.69 -9.72
N ASP A 435 34.97 -21.10 -10.84
CA ASP A 435 33.64 -20.52 -10.98
C ASP A 435 32.84 -21.16 -12.08
N ILE A 436 31.55 -21.45 -11.78
CA ILE A 436 30.54 -21.97 -12.70
C ILE A 436 30.32 -20.84 -13.71
N GLY A 437 30.27 -19.61 -13.18
CA GLY A 437 30.12 -18.39 -13.95
C GLY A 437 28.68 -17.95 -14.07
N GLY A 438 27.96 -18.64 -14.95
CA GLY A 438 26.56 -18.40 -15.30
C GLY A 438 25.60 -18.23 -14.14
N LEU A 439 24.53 -17.44 -14.37
CA LEU A 439 23.43 -17.08 -13.45
C LEU A 439 22.91 -18.27 -12.58
N PRO A 440 23.32 -18.39 -11.29
CA PRO A 440 22.86 -19.53 -10.49
C PRO A 440 21.49 -19.30 -9.84
N GLY A 441 21.39 -18.21 -9.09
CA GLY A 441 20.16 -17.84 -8.41
C GLY A 441 19.19 -17.16 -9.34
N LYS A 442 19.62 -16.74 -10.58
CA LYS A 442 18.70 -16.05 -11.48
C LYS A 442 18.11 -16.93 -12.60
N LEU A 443 18.92 -17.68 -13.38
CA LEU A 443 18.38 -18.50 -14.48
C LEU A 443 17.86 -19.87 -14.03
N ALA A 444 16.76 -20.35 -14.66
CA ALA A 444 16.14 -21.67 -14.42
C ALA A 444 16.43 -22.59 -15.64
N ASP A 445 17.70 -22.98 -15.83
CA ASP A 445 18.11 -23.76 -17.00
C ASP A 445 17.47 -25.13 -17.13
N CYS A 446 17.18 -25.49 -18.40
CA CYS A 446 16.62 -26.75 -18.90
C CYS A 446 17.66 -27.90 -18.81
N ARG A 447 17.22 -29.17 -19.02
CA ARG A 447 18.14 -30.31 -19.02
C ARG A 447 18.99 -30.26 -20.32
N SER A 448 18.32 -30.32 -21.50
CA SER A 448 18.87 -30.30 -22.88
C SER A 448 20.12 -29.48 -23.04
N THR A 449 21.12 -30.08 -23.68
CA THR A 449 22.41 -29.48 -23.93
C THR A 449 22.43 -28.85 -25.34
N ASP A 450 21.70 -29.48 -26.27
CA ASP A 450 21.54 -29.10 -27.67
C ASP A 450 20.65 -27.83 -27.86
N PRO A 451 21.24 -26.70 -28.33
CA PRO A 451 20.44 -25.48 -28.53
C PRO A 451 19.31 -25.60 -29.54
N ARG A 452 19.41 -26.55 -30.53
CA ARG A 452 18.38 -26.80 -31.56
C ARG A 452 17.01 -27.02 -30.89
N LYS A 453 16.99 -27.99 -29.94
CA LYS A 453 15.84 -28.41 -29.14
C LYS A 453 15.57 -27.52 -27.92
N SER A 454 16.56 -26.70 -27.48
CA SER A 454 16.42 -25.76 -26.35
C SER A 454 15.46 -24.57 -26.66
N GLU A 455 14.97 -23.89 -25.60
CA GLU A 455 14.00 -22.79 -25.66
C GLU A 455 14.21 -21.86 -24.45
N LEU A 456 14.32 -20.53 -24.70
CA LEU A 456 14.49 -19.56 -23.62
C LEU A 456 13.29 -18.64 -23.47
N TYR A 457 12.62 -18.75 -22.32
CA TYR A 457 11.47 -17.93 -21.98
C TYR A 457 11.88 -16.77 -21.08
N VAL A 458 11.74 -15.53 -21.59
CA VAL A 458 12.13 -14.32 -20.87
C VAL A 458 10.88 -13.68 -20.31
N VAL A 459 10.72 -13.74 -18.99
CA VAL A 459 9.58 -13.19 -18.26
C VAL A 459 10.09 -12.08 -17.33
N GLU A 460 9.29 -11.65 -16.32
CA GLU A 460 9.62 -10.69 -15.25
C GLU A 460 9.05 -11.34 -14.00
N GLY A 461 9.91 -11.75 -13.07
CA GLY A 461 9.54 -12.51 -11.87
C GLY A 461 8.21 -12.13 -11.24
N ASP A 462 7.95 -10.79 -11.25
CA ASP A 462 6.79 -10.07 -10.74
C ASP A 462 5.52 -10.46 -11.48
N SER A 463 5.62 -10.81 -12.77
CA SER A 463 4.51 -11.19 -13.63
C SER A 463 4.29 -12.67 -13.66
N ALA A 464 5.16 -13.41 -14.35
CA ALA A 464 4.99 -14.84 -14.47
C ALA A 464 6.25 -15.66 -14.25
N GLY A 465 7.23 -15.12 -13.52
CA GLY A 465 8.44 -15.84 -13.14
C GLY A 465 8.15 -17.16 -12.41
N GLY A 466 7.63 -17.07 -11.18
CA GLY A 466 7.30 -18.23 -10.34
C GLY A 466 6.53 -19.36 -11.03
N SER A 467 5.51 -18.99 -11.85
CA SER A 467 4.61 -19.85 -12.61
C SER A 467 5.22 -20.38 -13.92
N ALA A 468 5.95 -19.56 -14.70
CA ALA A 468 6.59 -20.05 -15.93
C ALA A 468 7.54 -21.13 -15.54
N LYS A 469 8.21 -20.95 -14.37
CA LYS A 469 9.16 -21.89 -13.75
C LYS A 469 8.54 -23.28 -13.45
N SER A 470 7.24 -23.31 -13.08
CA SER A 470 6.44 -24.49 -12.77
C SER A 470 5.84 -25.18 -14.02
N GLY A 471 5.23 -24.38 -14.90
CA GLY A 471 4.55 -24.85 -16.10
C GLY A 471 5.40 -25.57 -17.13
N ARG A 472 6.62 -25.07 -17.31
CA ARG A 472 7.63 -25.46 -18.30
C ARG A 472 7.99 -26.95 -18.35
N ASP A 473 8.32 -27.44 -19.57
CA ASP A 473 8.83 -28.80 -19.74
C ASP A 473 10.33 -28.60 -19.56
N SER A 474 10.81 -28.74 -18.31
CA SER A 474 12.20 -28.53 -17.89
C SER A 474 13.23 -29.30 -18.68
N MET A 475 12.77 -30.21 -19.57
CA MET A 475 13.60 -31.05 -20.44
C MET A 475 14.33 -30.20 -21.44
N PHE A 476 13.66 -29.21 -22.01
CA PHE A 476 14.21 -28.33 -23.05
C PHE A 476 13.84 -26.83 -22.87
N GLN A 477 13.12 -26.47 -21.78
CA GLN A 477 12.71 -25.09 -21.54
C GLN A 477 13.43 -24.44 -20.36
N ALA A 478 14.03 -23.25 -20.58
CA ALA A 478 14.71 -22.47 -19.57
C ALA A 478 13.97 -21.14 -19.39
N ILE A 479 13.89 -20.63 -18.13
CA ILE A 479 13.19 -19.40 -17.71
C ILE A 479 14.20 -18.36 -17.26
N LEU A 480 14.15 -17.15 -17.83
CA LEU A 480 14.98 -16.04 -17.35
C LEU A 480 14.03 -14.98 -16.77
N PRO A 481 13.70 -15.06 -15.45
CA PRO A 481 12.79 -14.06 -14.89
C PRO A 481 13.50 -12.74 -14.63
N LEU A 482 13.10 -11.69 -15.34
CA LEU A 482 13.72 -10.38 -15.17
C LEU A 482 13.26 -9.76 -13.83
N ARG A 483 14.20 -9.74 -12.87
CA ARG A 483 14.00 -9.28 -11.51
C ARG A 483 14.54 -7.86 -11.18
N GLY A 484 14.45 -6.93 -12.14
CA GLY A 484 14.89 -5.55 -11.95
C GLY A 484 14.55 -4.61 -13.09
N LYS A 485 15.07 -3.38 -12.98
CA LYS A 485 14.83 -2.32 -13.97
C LYS A 485 15.87 -2.34 -15.10
N ILE A 486 15.36 -2.52 -16.37
CA ILE A 486 16.05 -2.56 -17.67
C ILE A 486 16.27 -1.12 -18.11
N ILE A 487 17.39 -0.85 -18.78
CA ILE A 487 17.69 0.50 -19.22
C ILE A 487 17.23 0.72 -20.68
N ASN A 488 17.10 1.99 -21.07
CA ASN A 488 16.77 2.35 -22.44
C ASN A 488 18.12 2.51 -23.13
N VAL A 489 18.48 1.51 -23.93
CA VAL A 489 19.78 1.45 -24.62
C VAL A 489 19.84 2.27 -25.94
N GLU A 490 18.85 3.15 -26.22
CA GLU A 490 18.80 3.94 -27.45
C GLU A 490 19.99 4.91 -27.58
N LYS A 491 19.87 6.12 -27.01
CA LYS A 491 20.94 7.12 -27.02
C LYS A 491 21.70 6.90 -25.68
N ALA A 492 22.42 5.74 -25.61
CA ALA A 492 23.16 5.23 -24.44
C ALA A 492 24.51 4.57 -24.80
N ARG A 493 25.51 4.77 -23.93
CA ARG A 493 26.85 4.24 -24.14
C ARG A 493 26.99 2.82 -23.60
N ILE A 494 27.59 1.92 -24.44
CA ILE A 494 27.84 0.48 -24.21
C ILE A 494 28.48 0.22 -22.81
N ASP A 495 29.15 1.27 -22.26
CA ASP A 495 29.79 1.28 -20.95
C ASP A 495 28.69 0.96 -19.92
N ARG A 496 27.70 1.87 -19.79
CA ARG A 496 26.56 1.81 -18.87
C ARG A 496 25.51 0.74 -19.25
N VAL A 497 25.46 0.36 -20.55
CA VAL A 497 24.55 -0.66 -21.10
C VAL A 497 24.92 -2.03 -20.48
N LEU A 498 26.19 -2.42 -20.62
CA LEU A 498 26.70 -3.65 -20.09
C LEU A 498 26.89 -3.61 -18.56
N LYS A 499 26.47 -2.51 -17.91
CA LYS A 499 26.53 -2.36 -16.46
C LYS A 499 25.18 -2.75 -15.86
N ASN A 500 24.08 -2.57 -16.63
CA ASN A 500 22.71 -2.93 -16.26
C ASN A 500 22.63 -4.43 -16.07
N THR A 501 22.34 -4.82 -14.83
CA THR A 501 22.21 -6.19 -14.35
C THR A 501 21.25 -7.08 -15.14
N GLU A 502 20.15 -6.51 -15.64
CA GLU A 502 19.11 -7.24 -16.39
C GLU A 502 19.57 -7.54 -17.80
N VAL A 503 20.24 -6.57 -18.42
CA VAL A 503 20.78 -6.66 -19.77
C VAL A 503 21.90 -7.69 -19.78
N GLN A 504 22.86 -7.58 -18.82
CA GLN A 504 24.01 -8.50 -18.65
C GLN A 504 23.51 -9.92 -18.68
N ALA A 505 22.51 -10.21 -17.80
CA ALA A 505 21.81 -11.48 -17.62
C ALA A 505 21.32 -12.06 -18.92
N ILE A 506 20.66 -11.25 -19.78
CA ILE A 506 20.15 -11.71 -21.08
C ILE A 506 21.30 -12.16 -21.95
N ILE A 507 22.35 -11.33 -22.08
CA ILE A 507 23.54 -11.66 -22.87
C ILE A 507 24.20 -12.93 -22.32
N THR A 508 24.37 -13.00 -20.97
CA THR A 508 24.98 -14.14 -20.25
C THR A 508 24.18 -15.41 -20.47
N ALA A 509 22.83 -15.31 -20.54
CA ALA A 509 21.93 -16.44 -20.74
C ALA A 509 22.04 -16.96 -22.16
N LEU A 510 22.15 -16.05 -23.14
CA LEU A 510 22.22 -16.38 -24.54
C LEU A 510 23.54 -17.03 -25.02
N GLY A 511 24.66 -16.76 -24.35
CA GLY A 511 25.98 -17.30 -24.74
C GLY A 511 26.65 -16.55 -25.87
N THR A 512 25.85 -15.84 -26.67
CA THR A 512 26.27 -14.98 -27.77
C THR A 512 26.82 -13.73 -27.10
N GLY A 513 27.89 -13.16 -27.66
CA GLY A 513 28.49 -11.97 -27.08
C GLY A 513 27.74 -10.68 -27.35
N ILE A 514 28.50 -9.58 -27.44
CA ILE A 514 28.07 -8.21 -27.67
C ILE A 514 29.16 -7.45 -28.43
N HIS A 515 28.78 -6.43 -29.25
CA HIS A 515 29.70 -5.55 -30.00
C HIS A 515 30.64 -6.37 -30.94
N ASP A 516 31.94 -6.44 -30.57
CA ASP A 516 32.97 -7.20 -31.28
C ASP A 516 32.72 -8.70 -30.99
N GLU A 517 32.71 -9.07 -29.68
CA GLU A 517 32.52 -10.40 -29.10
C GLU A 517 31.25 -11.18 -29.53
N PHE A 518 30.33 -10.54 -30.29
CA PHE A 518 29.11 -11.21 -30.74
C PHE A 518 29.42 -12.27 -31.79
N ASP A 519 29.16 -13.55 -31.44
CA ASP A 519 29.32 -14.73 -32.30
C ASP A 519 28.04 -15.53 -32.21
N ILE A 520 27.20 -15.45 -33.27
CA ILE A 520 25.90 -16.12 -33.33
C ILE A 520 26.04 -17.65 -33.14
N GLY A 521 27.15 -18.23 -33.62
CA GLY A 521 27.47 -19.64 -33.51
C GLY A 521 27.41 -20.16 -32.09
N LYS A 522 27.78 -19.32 -31.11
CA LYS A 522 27.77 -19.62 -29.68
C LYS A 522 26.34 -19.51 -29.04
N LEU A 523 25.28 -19.49 -29.90
CA LEU A 523 23.88 -19.40 -29.46
C LEU A 523 23.51 -20.60 -28.63
N ARG A 524 23.04 -20.33 -27.42
CA ARG A 524 22.69 -21.35 -26.44
C ARG A 524 21.19 -21.81 -26.53
N TYR A 525 20.28 -21.02 -27.16
CA TYR A 525 18.86 -21.40 -27.32
C TYR A 525 18.38 -20.98 -28.69
N HIS A 526 17.72 -21.85 -29.45
CA HIS A 526 17.33 -21.42 -30.79
C HIS A 526 15.92 -20.76 -30.88
N LYS A 527 15.25 -20.55 -29.73
CA LYS A 527 13.96 -19.84 -29.59
C LYS A 527 14.07 -18.89 -28.38
N ILE A 528 13.86 -17.57 -28.58
CA ILE A 528 14.01 -16.53 -27.54
C ILE A 528 12.63 -15.85 -27.25
N VAL A 529 11.69 -16.66 -26.75
CA VAL A 529 10.31 -16.30 -26.41
C VAL A 529 10.18 -15.20 -25.31
N LEU A 530 9.83 -13.97 -25.71
CA LEU A 530 9.63 -12.85 -24.79
C LEU A 530 8.20 -12.90 -24.28
N MET A 531 8.00 -13.00 -22.95
CA MET A 531 6.66 -13.04 -22.31
C MET A 531 6.42 -11.80 -21.45
N ALA A 532 5.50 -10.92 -21.89
CA ALA A 532 5.16 -9.69 -21.16
C ALA A 532 3.66 -9.42 -21.10
N ASP A 533 3.20 -8.82 -19.99
CA ASP A 533 1.79 -8.52 -19.74
C ASP A 533 1.17 -7.64 -20.82
N ALA A 534 -0.17 -7.69 -20.93
CA ALA A 534 -0.96 -6.88 -21.86
C ALA A 534 -1.42 -5.61 -21.13
N ASP A 535 -0.54 -5.01 -20.30
CA ASP A 535 -0.81 -3.82 -19.50
C ASP A 535 0.29 -2.71 -19.65
N VAL A 536 0.06 -1.53 -19.00
CA VAL A 536 0.92 -0.34 -18.97
C VAL A 536 2.40 -0.66 -18.67
N ASP A 537 2.68 -1.76 -17.96
CA ASP A 537 4.06 -2.08 -17.64
C ASP A 537 4.68 -3.11 -18.57
N GLY A 538 3.91 -4.12 -18.95
CA GLY A 538 4.38 -5.15 -19.87
C GLY A 538 4.67 -4.62 -21.25
N GLN A 539 3.95 -3.56 -21.63
CA GLN A 539 4.07 -2.83 -22.89
C GLN A 539 5.30 -1.92 -22.78
N HIS A 540 5.56 -1.39 -21.56
CA HIS A 540 6.72 -0.57 -21.30
C HIS A 540 8.01 -1.41 -21.42
N ILE A 541 8.02 -2.60 -20.81
CA ILE A 541 9.13 -3.55 -20.79
C ILE A 541 9.39 -4.12 -22.17
N SER A 542 8.31 -4.40 -22.93
CA SER A 542 8.38 -4.93 -24.30
C SER A 542 9.12 -3.95 -25.20
N THR A 543 8.71 -2.62 -25.21
CA THR A 543 9.39 -1.57 -25.97
C THR A 543 10.91 -1.61 -25.69
N LEU A 544 11.29 -1.60 -24.38
CA LEU A 544 12.67 -1.65 -23.90
C LEU A 544 13.46 -2.79 -24.46
N LEU A 545 12.89 -4.03 -24.42
CA LEU A 545 13.52 -5.24 -24.91
C LEU A 545 13.64 -5.27 -26.41
N LEU A 546 12.68 -4.68 -27.12
CA LEU A 546 12.76 -4.63 -28.59
C LEU A 546 13.72 -3.55 -29.05
N THR A 547 14.06 -2.60 -28.15
CA THR A 547 15.04 -1.57 -28.43
C THR A 547 16.40 -2.22 -28.27
N LEU A 548 16.56 -3.05 -27.19
CA LEU A 548 17.78 -3.78 -26.86
C LEU A 548 18.13 -4.77 -27.92
N LEU A 549 17.15 -5.59 -28.33
CA LEU A 549 17.38 -6.59 -29.35
C LEU A 549 17.66 -5.98 -30.70
N PHE A 550 17.03 -4.85 -31.02
CA PHE A 550 17.31 -4.22 -32.30
C PHE A 550 18.72 -3.67 -32.29
N ARG A 551 19.06 -2.86 -31.29
CA ARG A 551 20.39 -2.25 -31.26
C ARG A 551 21.50 -3.24 -30.96
N PHE A 552 21.52 -3.81 -29.76
CA PHE A 552 22.62 -4.65 -29.32
C PHE A 552 22.53 -6.13 -29.68
N MET A 553 21.58 -6.55 -30.55
CA MET A 553 21.45 -7.96 -30.92
C MET A 553 20.65 -8.21 -32.20
N ARG A 554 20.67 -7.24 -33.15
CA ARG A 554 19.96 -7.30 -34.45
C ARG A 554 20.07 -8.65 -35.22
N PRO A 555 21.24 -9.39 -35.27
CA PRO A 555 21.28 -10.68 -35.98
C PRO A 555 20.24 -11.69 -35.47
N LEU A 556 20.07 -11.78 -34.13
CA LEU A 556 19.15 -12.71 -33.45
C LEU A 556 17.72 -12.62 -33.94
N ILE A 557 17.24 -11.42 -34.28
CA ILE A 557 15.91 -11.22 -34.88
C ILE A 557 15.96 -11.89 -36.28
N GLU A 558 16.88 -11.38 -37.15
CA GLU A 558 17.14 -11.69 -38.56
C GLU A 558 17.24 -13.17 -38.96
N ASN A 559 17.66 -14.05 -38.04
CA ASN A 559 17.79 -15.48 -38.36
C ASN A 559 16.60 -16.30 -37.84
N GLY A 560 15.58 -15.58 -37.36
CA GLY A 560 14.33 -16.13 -36.84
C GLY A 560 14.42 -16.82 -35.51
N HIS A 561 15.23 -16.24 -34.60
CA HIS A 561 15.45 -16.81 -33.27
C HIS A 561 14.61 -16.16 -32.19
N VAL A 562 14.24 -14.86 -32.35
CA VAL A 562 13.44 -14.14 -31.35
C VAL A 562 11.93 -14.14 -31.68
N PHE A 563 11.12 -14.47 -30.64
CA PHE A 563 9.66 -14.63 -30.65
C PHE A 563 8.95 -13.86 -29.55
N LEU A 564 7.61 -13.82 -29.62
CA LEU A 564 6.75 -13.17 -28.63
C LEU A 564 5.62 -14.13 -28.34
N ALA A 565 5.44 -14.53 -27.09
CA ALA A 565 4.37 -15.46 -26.73
C ALA A 565 2.99 -14.85 -27.01
N GLN A 566 2.03 -15.69 -27.42
CA GLN A 566 0.67 -15.27 -27.71
C GLN A 566 -0.26 -15.99 -26.71
N PRO A 567 -0.36 -15.42 -25.49
CA PRO A 567 -1.19 -16.03 -24.45
C PRO A 567 -2.65 -15.83 -24.79
N PRO A 568 -3.57 -16.58 -24.18
CA PRO A 568 -4.98 -16.44 -24.56
C PRO A 568 -5.49 -15.07 -24.19
N LEU A 569 -6.43 -14.55 -24.98
CA LEU A 569 -7.04 -13.25 -24.78
C LEU A 569 -8.22 -13.34 -23.81
N TYR A 570 -8.96 -14.47 -23.85
CA TYR A 570 -10.14 -14.73 -23.01
C TYR A 570 -10.19 -16.12 -22.42
N LYS A 571 -10.86 -16.25 -21.26
CA LYS A 571 -11.15 -17.54 -20.63
C LYS A 571 -12.66 -17.59 -20.58
N LEU A 572 -13.27 -18.48 -21.35
CA LEU A 572 -14.73 -18.63 -21.40
C LEU A 572 -15.10 -19.58 -20.26
N LYS A 573 -15.53 -18.99 -19.14
CA LYS A 573 -15.86 -19.67 -17.88
C LYS A 573 -17.27 -20.28 -17.82
N TRP A 574 -17.39 -21.55 -18.29
CA TRP A 574 -18.64 -22.30 -18.27
C TRP A 574 -18.95 -22.72 -16.82
N GLN A 575 -20.24 -22.90 -16.48
CA GLN A 575 -20.71 -23.16 -15.11
C GLN A 575 -20.43 -24.58 -14.60
N ARG A 576 -21.12 -25.62 -15.12
CA ARG A 576 -20.90 -26.99 -14.64
C ARG A 576 -19.76 -27.70 -15.39
N SER A 577 -19.30 -27.05 -16.47
CA SER A 577 -18.25 -27.51 -17.39
C SER A 577 -16.89 -26.85 -17.13
N ASP A 578 -15.85 -27.45 -17.71
CA ASP A 578 -14.49 -26.95 -17.63
C ASP A 578 -14.29 -25.89 -18.73
N PRO A 579 -13.56 -24.78 -18.44
CA PRO A 579 -13.45 -23.67 -19.40
C PRO A 579 -12.75 -23.91 -20.73
N GLU A 580 -12.94 -22.96 -21.65
CA GLU A 580 -12.36 -22.91 -22.99
C GLU A 580 -11.69 -21.55 -23.18
N PHE A 581 -10.51 -21.52 -23.79
CA PHE A 581 -9.78 -20.28 -24.03
C PHE A 581 -9.90 -19.88 -25.50
N ALA A 582 -9.73 -18.59 -25.79
CA ALA A 582 -9.83 -18.04 -27.14
C ALA A 582 -8.77 -17.02 -27.29
N TYR A 583 -8.05 -17.02 -28.41
CA TYR A 583 -6.95 -16.08 -28.62
C TYR A 583 -7.34 -14.87 -29.46
N SER A 584 -8.60 -14.84 -29.91
CA SER A 584 -9.16 -13.79 -30.75
C SER A 584 -10.60 -13.52 -30.38
N ASP A 585 -11.10 -12.38 -30.84
CA ASP A 585 -12.47 -11.97 -30.59
C ASP A 585 -13.42 -12.88 -31.34
N ARG A 586 -13.17 -13.09 -32.65
CA ARG A 586 -13.96 -13.98 -33.52
C ARG A 586 -14.00 -15.43 -33.01
N GLU A 587 -12.92 -15.90 -32.32
CA GLU A 587 -12.87 -17.25 -31.75
C GLU A 587 -13.79 -17.33 -30.53
N ARG A 588 -13.77 -16.26 -29.69
CA ARG A 588 -14.57 -16.08 -28.48
C ARG A 588 -16.06 -16.08 -28.83
N ASP A 589 -16.43 -15.24 -29.83
CA ASP A 589 -17.79 -15.06 -30.31
C ASP A 589 -18.37 -16.42 -30.71
N GLY A 590 -17.56 -17.20 -31.42
CA GLY A 590 -17.90 -18.53 -31.89
C GLY A 590 -18.05 -19.54 -30.77
N LEU A 591 -16.95 -19.72 -29.99
CA LEU A 591 -16.87 -20.64 -28.85
C LEU A 591 -18.04 -20.48 -27.90
N LEU A 592 -18.49 -19.22 -27.69
CA LEU A 592 -19.60 -18.86 -26.82
C LEU A 592 -20.95 -19.36 -27.35
N GLU A 593 -21.36 -18.89 -28.56
CA GLU A 593 -22.63 -19.24 -29.21
C GLU A 593 -22.81 -20.76 -29.31
N ALA A 594 -21.77 -21.45 -29.82
CA ALA A 594 -21.69 -22.90 -30.00
C ALA A 594 -21.92 -23.63 -28.68
N GLY A 595 -21.29 -23.15 -27.60
CA GLY A 595 -21.40 -23.73 -26.26
C GLY A 595 -22.81 -23.68 -25.71
N LEU A 596 -23.55 -22.59 -26.00
CA LEU A 596 -24.94 -22.40 -25.58
C LEU A 596 -25.91 -23.27 -26.40
N LYS A 597 -25.57 -23.56 -27.69
CA LYS A 597 -26.31 -24.45 -28.59
C LYS A 597 -26.10 -25.91 -28.10
N ALA A 598 -24.88 -26.20 -27.58
CA ALA A 598 -24.45 -27.49 -27.07
C ALA A 598 -24.74 -27.69 -25.55
N GLY A 599 -25.63 -26.85 -25.00
CA GLY A 599 -26.03 -26.89 -23.61
C GLY A 599 -25.43 -25.78 -22.79
N LYS A 600 -24.20 -26.02 -22.28
CA LYS A 600 -23.30 -25.20 -21.44
C LYS A 600 -23.78 -23.77 -21.16
N LYS A 601 -23.86 -23.40 -19.86
CA LYS A 601 -24.31 -22.06 -19.46
C LYS A 601 -23.19 -21.20 -18.88
N ILE A 602 -23.29 -19.88 -19.09
CA ILE A 602 -22.36 -18.85 -18.64
C ILE A 602 -23.08 -17.76 -17.86
N ASN A 603 -22.31 -16.91 -17.17
CA ASN A 603 -22.81 -15.76 -16.46
C ASN A 603 -22.93 -14.66 -17.52
N LYS A 604 -23.76 -13.64 -17.26
CA LYS A 604 -23.91 -12.55 -18.21
C LYS A 604 -22.66 -11.63 -18.23
N GLU A 605 -22.48 -10.74 -17.22
CA GLU A 605 -21.37 -9.76 -17.17
C GLU A 605 -19.96 -10.38 -17.17
N ASP A 606 -19.68 -11.38 -16.30
CA ASP A 606 -18.37 -12.09 -16.28
C ASP A 606 -18.42 -13.25 -17.29
N GLY A 607 -18.07 -14.46 -16.86
CA GLY A 607 -18.08 -15.62 -17.74
C GLY A 607 -17.01 -15.59 -18.82
N ILE A 608 -16.51 -14.40 -19.14
CA ILE A 608 -15.42 -14.14 -20.09
C ILE A 608 -14.48 -13.24 -19.35
N GLN A 609 -13.27 -13.75 -19.16
CA GLN A 609 -12.18 -13.10 -18.46
C GLN A 609 -11.22 -12.55 -19.53
N ARG A 610 -11.24 -11.25 -19.81
CA ARG A 610 -10.27 -10.72 -20.76
C ARG A 610 -8.99 -10.64 -19.97
N TYR A 611 -8.05 -11.47 -20.37
CA TYR A 611 -6.74 -11.55 -19.73
C TYR A 611 -5.99 -10.24 -19.94
N LYS A 612 -5.48 -9.64 -18.85
CA LYS A 612 -4.62 -8.45 -18.92
C LYS A 612 -3.17 -8.85 -18.53
N GLY A 613 -3.03 -9.68 -17.50
CA GLY A 613 -1.73 -10.11 -17.00
C GLY A 613 -1.42 -11.58 -17.16
N LEU A 614 -0.16 -11.93 -16.86
CA LEU A 614 0.33 -13.30 -16.93
C LEU A 614 0.25 -14.03 -15.58
N GLY A 615 0.21 -13.25 -14.52
CA GLY A 615 0.04 -13.81 -13.18
C GLY A 615 -1.41 -14.21 -12.92
N GLU A 616 -2.26 -13.99 -13.94
CA GLU A 616 -3.68 -14.28 -13.95
C GLU A 616 -3.89 -15.79 -14.07
N MET A 617 -2.89 -16.46 -14.69
CA MET A 617 -2.91 -17.87 -15.04
C MET A 617 -2.02 -18.72 -14.20
N ASP A 618 -2.55 -19.87 -13.75
CA ASP A 618 -1.70 -20.79 -13.00
C ASP A 618 -0.85 -21.60 -13.98
N ALA A 619 0.25 -22.19 -13.50
CA ALA A 619 1.17 -22.98 -14.30
C ALA A 619 0.48 -23.84 -15.33
N LYS A 620 -0.57 -24.62 -14.93
CA LYS A 620 -1.37 -25.52 -15.78
C LYS A 620 -1.84 -24.78 -17.05
N GLU A 621 -2.66 -23.72 -16.85
CA GLU A 621 -3.18 -22.83 -17.87
C GLU A 621 -2.03 -22.17 -18.68
N LEU A 622 -0.90 -21.85 -18.02
CA LEU A 622 0.25 -21.25 -18.71
C LEU A 622 0.91 -22.26 -19.71
N TRP A 623 0.90 -23.56 -19.38
CA TRP A 623 1.46 -24.61 -20.23
C TRP A 623 0.47 -24.94 -21.33
N GLU A 624 -0.77 -25.31 -20.95
CA GLU A 624 -1.88 -25.67 -21.85
C GLU A 624 -2.27 -24.60 -22.88
N THR A 625 -1.86 -23.33 -22.70
CA THR A 625 -2.28 -22.29 -23.63
C THR A 625 -1.13 -21.50 -24.25
N THR A 626 -0.06 -21.24 -23.49
CA THR A 626 1.01 -20.39 -24.02
C THR A 626 2.45 -21.02 -23.91
N MET A 627 2.58 -22.24 -23.39
CA MET A 627 3.93 -22.78 -23.33
C MET A 627 4.15 -24.10 -24.08
N ASP A 628 3.16 -25.03 -24.10
CA ASP A 628 3.20 -26.33 -24.78
C ASP A 628 3.51 -26.19 -26.28
N PRO A 629 4.60 -26.82 -26.80
CA PRO A 629 4.94 -26.68 -28.23
C PRO A 629 3.84 -27.00 -29.24
N SER A 630 2.86 -27.88 -28.88
CA SER A 630 1.71 -28.29 -29.71
C SER A 630 0.55 -27.23 -29.79
N VAL A 631 -0.10 -26.94 -28.65
CA VAL A 631 -1.24 -26.02 -28.54
C VAL A 631 -0.91 -24.55 -28.81
N ARG A 632 0.36 -24.16 -28.61
CA ARG A 632 0.77 -22.76 -28.72
C ARG A 632 0.74 -22.24 -30.15
N VAL A 633 0.69 -20.90 -30.22
CA VAL A 633 0.68 -19.96 -31.35
C VAL A 633 1.84 -19.00 -31.03
N LEU A 634 2.93 -18.99 -31.80
CA LEU A 634 3.99 -18.02 -31.52
C LEU A 634 3.95 -16.84 -32.48
N ARG A 635 4.84 -15.85 -32.25
CA ARG A 635 4.95 -14.67 -33.10
C ARG A 635 6.42 -14.45 -33.32
N GLN A 636 6.90 -14.77 -34.51
CA GLN A 636 8.31 -14.60 -34.81
C GLN A 636 8.53 -13.16 -35.21
N VAL A 637 9.42 -12.46 -34.48
CA VAL A 637 9.74 -11.06 -34.74
C VAL A 637 10.61 -11.02 -35.97
N THR A 638 10.24 -10.18 -36.93
CA THR A 638 11.00 -10.04 -38.17
C THR A 638 11.39 -8.60 -38.37
N LEU A 639 12.52 -8.36 -39.02
CA LEU A 639 12.96 -7.01 -39.35
C LEU A 639 12.83 -6.90 -40.85
N ASP A 640 11.94 -6.01 -41.32
CA ASP A 640 11.72 -5.90 -42.76
C ASP A 640 12.58 -4.80 -43.35
N ASP A 641 12.52 -3.61 -42.72
CA ASP A 641 13.29 -2.43 -43.12
C ASP A 641 13.98 -1.79 -41.92
N ALA A 642 15.31 -2.01 -41.80
CA ALA A 642 16.10 -1.47 -40.69
C ALA A 642 16.29 0.06 -40.77
N ALA A 643 16.18 0.63 -41.98
CA ALA A 643 16.31 2.07 -42.19
C ALA A 643 15.08 2.82 -41.66
N ALA A 644 13.89 2.15 -41.72
CA ALA A 644 12.61 2.68 -41.25
C ALA A 644 12.50 2.47 -39.74
N ALA A 645 12.91 1.27 -39.25
CA ALA A 645 12.90 0.90 -37.84
C ALA A 645 13.88 1.75 -37.04
N ASP A 646 15.08 2.10 -37.62
CA ASP A 646 16.11 2.94 -36.99
C ASP A 646 15.47 4.27 -36.61
N GLU A 647 14.68 4.84 -37.56
CA GLU A 647 13.93 6.07 -37.42
C GLU A 647 12.91 5.94 -36.30
N LEU A 648 11.98 4.96 -36.42
CA LEU A 648 10.96 4.72 -35.42
C LEU A 648 11.57 4.62 -34.04
N PHE A 649 12.57 3.73 -33.84
CA PHE A 649 13.20 3.59 -32.53
C PHE A 649 13.77 4.89 -32.07
N SER A 650 14.34 5.69 -33.00
CA SER A 650 14.92 7.00 -32.66
C SER A 650 13.92 7.98 -32.09
N ILE A 651 12.66 7.99 -32.56
CA ILE A 651 11.67 8.93 -32.05
C ILE A 651 11.17 8.56 -30.65
N LEU A 652 10.68 7.33 -30.52
CA LEU A 652 10.09 6.82 -29.31
C LEU A 652 11.07 6.59 -28.17
N MET A 653 12.27 6.09 -28.48
CA MET A 653 13.24 5.80 -27.41
C MET A 653 14.33 6.89 -27.27
N GLY A 654 14.33 7.84 -28.21
CA GLY A 654 15.30 8.94 -28.26
C GLY A 654 15.07 10.09 -27.30
N GLU A 655 15.87 11.16 -27.43
CA GLU A 655 15.81 12.34 -26.55
C GLU A 655 15.02 13.49 -27.15
N ASP A 656 14.57 13.36 -28.42
CA ASP A 656 13.73 14.40 -29.02
C ASP A 656 12.32 14.21 -28.47
N VAL A 657 11.97 15.04 -27.47
CA VAL A 657 10.67 15.02 -26.80
C VAL A 657 9.64 15.79 -27.64
N ASP A 658 10.08 16.63 -28.57
CA ASP A 658 9.19 17.38 -29.45
C ASP A 658 8.65 16.53 -30.61
N ALA A 659 9.38 15.48 -31.02
CA ALA A 659 8.93 14.58 -32.07
C ALA A 659 8.04 13.53 -31.45
N ARG A 660 8.37 13.08 -30.24
CA ARG A 660 7.62 12.10 -29.49
C ARG A 660 6.22 12.62 -29.22
N ARG A 661 6.12 13.86 -28.66
CA ARG A 661 4.89 14.59 -28.31
C ARG A 661 4.04 14.84 -29.55
N SER A 662 4.66 15.15 -30.71
CA SER A 662 3.95 15.37 -31.98
C SER A 662 3.42 14.02 -32.51
N PHE A 663 4.16 12.93 -32.22
CA PHE A 663 3.85 11.57 -32.63
C PHE A 663 2.65 11.04 -31.87
N ILE A 664 2.77 10.96 -30.53
CA ILE A 664 1.74 10.47 -29.62
C ILE A 664 0.38 11.12 -29.89
N THR A 665 0.33 12.45 -29.97
CA THR A 665 -0.90 13.20 -30.23
C THR A 665 -1.54 12.85 -31.61
N ARG A 666 -0.69 12.66 -32.65
CA ARG A 666 -1.06 12.31 -34.05
C ARG A 666 -1.83 10.99 -34.13
N ASN A 667 -1.43 9.98 -33.32
CA ASN A 667 -2.06 8.65 -33.27
C ASN A 667 -2.54 8.26 -31.88
N ALA A 668 -3.44 9.06 -31.29
CA ALA A 668 -4.04 8.81 -29.96
C ALA A 668 -5.43 8.13 -30.07
N LYS A 669 -5.99 8.05 -31.31
CA LYS A 669 -7.27 7.42 -31.60
C LYS A 669 -7.09 6.18 -32.46
N ILE A 693 5.42 -19.46 -35.34
CA ILE A 693 4.33 -19.80 -36.24
C ILE A 693 3.94 -18.55 -37.07
N GLU A 694 3.47 -17.44 -36.42
CA GLU A 694 3.03 -16.21 -37.11
C GLU A 694 4.12 -15.08 -37.20
N PRO A 695 4.45 -14.52 -38.40
CA PRO A 695 5.46 -13.46 -38.44
C PRO A 695 4.88 -12.09 -38.08
N VAL A 696 5.66 -11.31 -37.30
CA VAL A 696 5.33 -9.94 -36.87
C VAL A 696 6.51 -8.99 -37.11
N ASP A 697 6.30 -7.92 -37.89
CA ASP A 697 7.36 -6.94 -38.13
C ASP A 697 7.67 -6.23 -36.85
N ILE A 698 8.95 -6.01 -36.58
CA ILE A 698 9.34 -5.35 -35.35
C ILE A 698 8.68 -3.96 -35.23
N GLU A 699 8.59 -3.17 -36.36
CA GLU A 699 8.05 -1.80 -36.45
C GLU A 699 6.65 -1.61 -35.92
N GLN A 700 5.69 -2.47 -36.35
CA GLN A 700 4.28 -2.44 -35.95
C GLN A 700 4.17 -2.87 -34.49
N GLU A 701 4.85 -3.97 -34.12
CA GLU A 701 4.85 -4.48 -32.75
C GLU A 701 5.37 -3.44 -31.75
N MET A 702 6.49 -2.81 -32.08
CA MET A 702 7.14 -1.76 -31.32
C MET A 702 6.25 -0.52 -31.19
N GLN A 703 5.69 -0.03 -32.31
CA GLN A 703 4.83 1.17 -32.38
C GLN A 703 3.57 1.06 -31.50
N ARG A 704 2.83 -0.09 -31.57
CA ARG A 704 1.60 -0.39 -30.82
C ARG A 704 1.87 -0.24 -29.34
N SER A 705 2.86 -1.00 -28.82
CA SER A 705 3.30 -1.04 -27.43
C SER A 705 3.76 0.33 -26.93
N TYR A 706 4.33 1.20 -27.78
CA TYR A 706 4.71 2.53 -27.29
C TYR A 706 3.47 3.42 -27.13
N ILE A 707 2.67 3.57 -28.19
CA ILE A 707 1.40 4.30 -28.22
C ILE A 707 0.44 3.82 -27.13
N ASP A 708 0.44 2.51 -26.82
CA ASP A 708 -0.43 1.96 -25.79
C ASP A 708 0.07 2.39 -24.44
N TYR A 709 1.38 2.26 -24.19
CA TYR A 709 2.00 2.63 -22.93
C TYR A 709 1.89 4.13 -22.68
N ALA A 710 2.21 4.96 -23.67
CA ALA A 710 2.15 6.42 -23.59
C ALA A 710 0.75 6.89 -23.31
N MET A 711 -0.25 6.37 -24.04
CA MET A 711 -1.64 6.72 -23.83
C MET A 711 -2.12 6.23 -22.48
N SER A 712 -1.61 5.09 -22.02
CA SER A 712 -1.96 4.57 -20.70
C SER A 712 -1.46 5.53 -19.59
N VAL A 713 -0.25 6.11 -19.74
CA VAL A 713 0.27 7.08 -18.75
C VAL A 713 -0.30 8.47 -18.98
N ILE A 714 -0.75 8.81 -20.19
CA ILE A 714 -1.32 10.14 -20.41
C ILE A 714 -2.70 10.21 -19.78
N VAL A 715 -3.63 9.33 -20.24
CA VAL A 715 -5.00 9.27 -19.76
C VAL A 715 -5.08 9.19 -18.21
N GLY A 716 -4.35 8.25 -17.63
CA GLY A 716 -4.36 8.03 -16.19
C GLY A 716 -3.21 8.60 -15.36
N ARG A 717 -2.82 9.88 -15.56
CA ARG A 717 -1.75 10.52 -14.78
C ARG A 717 -1.55 11.97 -15.18
N ALA A 718 -1.30 12.22 -16.47
CA ALA A 718 -1.06 13.58 -16.96
C ALA A 718 -2.31 14.37 -17.21
N LEU A 719 -3.15 13.94 -18.15
CA LEU A 719 -4.29 14.74 -18.52
C LEU A 719 -5.71 14.41 -17.92
N PRO A 720 -6.47 15.52 -17.66
CA PRO A 720 -7.87 15.38 -17.22
C PRO A 720 -8.80 15.29 -18.45
N GLU A 721 -10.00 14.71 -18.25
CA GLU A 721 -11.00 14.63 -19.30
C GLU A 721 -11.69 16.00 -19.36
N VAL A 722 -11.81 16.62 -20.57
CA VAL A 722 -12.49 17.92 -20.72
C VAL A 722 -13.82 18.02 -19.98
N ARG A 723 -14.71 17.05 -20.26
CA ARG A 723 -16.06 16.97 -19.72
C ARG A 723 -16.18 17.09 -18.18
N ASP A 724 -15.35 16.35 -17.39
CA ASP A 724 -15.45 16.41 -15.91
C ASP A 724 -14.23 16.97 -15.16
N GLY A 725 -13.10 17.12 -15.86
CA GLY A 725 -11.85 17.65 -15.31
C GLY A 725 -11.09 16.74 -14.35
N LEU A 726 -11.45 15.44 -14.34
CA LEU A 726 -10.82 14.48 -13.45
C LEU A 726 -9.93 13.46 -14.17
N LYS A 727 -9.08 12.80 -13.36
CA LYS A 727 -8.21 11.71 -13.75
C LYS A 727 -8.86 10.42 -13.19
N PRO A 728 -8.49 9.19 -13.65
CA PRO A 728 -9.16 7.98 -13.16
C PRO A 728 -9.18 7.79 -11.65
N VAL A 729 -8.03 7.93 -10.95
CA VAL A 729 -7.99 7.71 -9.50
C VAL A 729 -9.06 8.49 -8.80
N HIS A 730 -9.12 9.80 -9.09
CA HIS A 730 -10.12 10.72 -8.53
C HIS A 730 -11.52 10.31 -8.86
N ARG A 731 -11.79 10.01 -10.14
CA ARG A 731 -13.12 9.62 -10.62
C ARG A 731 -13.62 8.37 -9.88
N ARG A 732 -12.74 7.37 -9.72
CA ARG A 732 -13.02 6.10 -9.03
C ARG A 732 -13.28 6.33 -7.54
N VAL A 733 -12.45 7.17 -6.86
CA VAL A 733 -12.65 7.52 -5.45
C VAL A 733 -14.04 8.12 -5.28
N LEU A 734 -14.44 9.11 -6.12
CA LEU A 734 -15.77 9.75 -6.02
C LEU A 734 -16.92 8.78 -6.24
N TYR A 735 -16.78 7.88 -7.24
CA TYR A 735 -17.78 6.86 -7.57
C TYR A 735 -17.90 5.75 -6.53
N ALA A 736 -16.78 5.35 -5.91
CA ALA A 736 -16.75 4.33 -4.86
C ALA A 736 -17.46 4.89 -3.65
N MET A 737 -17.29 6.21 -3.41
CA MET A 737 -17.93 6.91 -2.31
C MET A 737 -19.43 7.07 -2.54
N PHE A 738 -19.82 7.38 -3.79
CA PHE A 738 -21.20 7.51 -4.19
C PHE A 738 -21.91 6.17 -4.12
N ASP A 739 -21.37 5.15 -4.83
CA ASP A 739 -21.90 3.79 -4.86
C ASP A 739 -22.00 3.25 -3.44
N SER A 740 -21.03 3.60 -2.57
CA SER A 740 -21.03 3.16 -1.18
C SER A 740 -21.98 3.94 -0.25
N GLY A 741 -22.71 4.90 -0.81
CA GLY A 741 -23.69 5.68 -0.08
C GLY A 741 -23.16 6.66 0.93
N PHE A 742 -22.03 7.31 0.63
CA PHE A 742 -21.46 8.29 1.55
C PHE A 742 -21.87 9.71 1.13
N ARG A 743 -23.18 9.96 1.11
CA ARG A 743 -23.77 11.26 0.75
C ARG A 743 -23.53 12.27 1.88
N PRO A 744 -23.66 13.60 1.69
CA PRO A 744 -23.46 14.52 2.81
C PRO A 744 -24.63 14.52 3.81
N ASP A 745 -25.79 13.90 3.45
CA ASP A 745 -26.93 13.77 4.37
C ASP A 745 -26.49 12.87 5.53
N ARG A 746 -26.02 11.65 5.19
CA ARG A 746 -25.52 10.60 6.07
C ARG A 746 -24.24 11.05 6.80
N SER A 747 -23.95 10.44 7.96
CA SER A 747 -22.75 10.72 8.76
C SER A 747 -21.43 10.38 7.99
N HIS A 748 -20.26 10.77 8.56
CA HIS A 748 -18.91 10.53 8.03
C HIS A 748 -18.50 9.05 8.17
N ALA A 749 -17.87 8.50 7.12
CA ALA A 749 -17.36 7.13 7.06
C ALA A 749 -15.85 7.20 7.11
N LYS A 750 -15.18 6.24 7.80
CA LYS A 750 -13.71 6.31 7.81
C LYS A 750 -13.13 6.30 6.38
N SER A 751 -12.00 7.01 6.19
CA SER A 751 -11.33 7.10 4.89
C SER A 751 -11.04 5.70 4.32
N ALA A 752 -10.52 4.79 5.20
CA ALA A 752 -10.24 3.39 4.90
C ALA A 752 -11.43 2.68 4.22
N ARG A 753 -12.72 3.02 4.56
CA ARG A 753 -13.87 2.38 3.89
C ARG A 753 -13.97 2.84 2.44
N SER A 754 -13.88 4.16 2.21
CA SER A 754 -13.88 4.81 0.89
C SER A 754 -12.66 4.32 0.05
N VAL A 755 -11.48 4.20 0.70
CA VAL A 755 -10.23 3.72 0.08
C VAL A 755 -10.40 2.25 -0.32
N ALA A 756 -10.81 1.42 0.64
CA ALA A 756 -11.02 0.00 0.39
C ALA A 756 -12.03 -0.25 -0.71
N GLU A 757 -13.04 0.61 -0.87
CA GLU A 757 -14.00 0.37 -1.91
C GLU A 757 -13.39 0.63 -3.27
N THR A 758 -12.75 1.79 -3.48
CA THR A 758 -12.06 2.14 -4.73
C THR A 758 -11.10 0.99 -5.08
N MET A 759 -10.14 0.70 -4.16
CA MET A 759 -9.16 -0.37 -4.34
C MET A 759 -9.82 -1.73 -4.61
N GLY A 760 -10.96 -1.93 -3.98
CA GLY A 760 -11.73 -3.15 -4.06
C GLY A 760 -12.19 -3.50 -5.44
N ASN A 761 -13.03 -2.65 -6.04
CA ASN A 761 -13.56 -2.99 -7.36
C ASN A 761 -13.35 -1.91 -8.41
N TYR A 762 -12.46 -0.95 -8.20
CA TYR A 762 -12.32 0.02 -9.29
C TYR A 762 -10.87 0.22 -9.68
N HIS A 763 -10.00 0.48 -8.70
CA HIS A 763 -8.58 0.78 -8.88
C HIS A 763 -7.69 -0.10 -7.93
N PRO A 764 -7.38 -1.35 -8.30
CA PRO A 764 -6.64 -2.23 -7.39
C PRO A 764 -5.15 -2.03 -7.30
N HIS A 765 -4.77 -0.90 -6.71
CA HIS A 765 -3.38 -0.54 -6.46
C HIS A 765 -3.10 -0.30 -4.97
N GLY A 766 -1.96 0.29 -4.66
CA GLY A 766 -1.59 0.55 -3.28
C GLY A 766 -2.43 1.68 -2.73
N ASP A 767 -3.02 1.45 -1.55
CA ASP A 767 -3.86 2.41 -0.83
C ASP A 767 -3.30 3.86 -0.79
N ALA A 768 -1.96 4.07 -0.80
CA ALA A 768 -1.37 5.41 -0.74
C ALA A 768 -1.81 6.28 -1.89
N SER A 769 -1.68 5.77 -3.15
CA SER A 769 -2.10 6.47 -4.35
C SER A 769 -3.56 6.91 -4.28
N ILE A 770 -4.46 6.03 -3.82
CA ILE A 770 -5.90 6.29 -3.62
C ILE A 770 -6.10 7.36 -2.53
N TYR A 771 -5.71 7.04 -1.28
CA TYR A 771 -5.89 7.93 -0.14
C TYR A 771 -5.31 9.28 -0.36
N ASP A 772 -4.22 9.37 -1.15
CA ASP A 772 -3.60 10.66 -1.44
C ASP A 772 -4.53 11.50 -2.27
N SER A 773 -5.24 10.85 -3.23
CA SER A 773 -6.19 11.52 -4.10
C SER A 773 -7.36 11.91 -3.22
N LEU A 774 -7.89 10.97 -2.40
CA LEU A 774 -8.97 11.25 -1.45
C LEU A 774 -8.60 12.50 -0.66
N VAL A 775 -7.42 12.51 0.00
CA VAL A 775 -6.99 13.64 0.80
C VAL A 775 -6.95 14.93 -0.02
N ARG A 776 -6.52 14.90 -1.28
CA ARG A 776 -6.48 16.15 -2.01
C ARG A 776 -7.84 16.75 -2.14
N MET A 777 -8.81 15.95 -2.45
CA MET A 777 -10.13 16.52 -2.63
C MET A 777 -10.76 17.02 -1.32
N ALA A 778 -10.16 16.64 -0.18
CA ALA A 778 -10.60 17.07 1.15
C ALA A 778 -9.91 18.39 1.61
N GLN A 779 -8.79 18.75 1.00
CA GLN A 779 -8.04 19.92 1.39
C GLN A 779 -8.54 21.25 0.75
N PRO A 780 -9.06 22.19 1.60
CA PRO A 780 -9.56 23.47 1.09
C PRO A 780 -8.52 24.42 0.52
N TRP A 781 -7.22 24.15 0.77
CA TRP A 781 -6.12 24.94 0.19
C TRP A 781 -5.61 24.30 -1.11
N SER A 782 -6.09 23.11 -1.41
CA SER A 782 -5.73 22.36 -2.61
C SER A 782 -6.84 22.58 -3.65
N LEU A 783 -8.08 22.14 -3.34
CA LEU A 783 -9.17 22.37 -4.27
C LEU A 783 -9.85 23.71 -3.93
N ARG A 784 -10.08 24.54 -4.97
CA ARG A 784 -10.79 25.81 -4.82
C ARG A 784 -12.23 25.52 -4.37
N TYR A 785 -12.80 24.42 -4.88
CA TYR A 785 -14.14 23.93 -4.55
C TYR A 785 -14.02 22.44 -4.09
N PRO A 786 -13.61 22.16 -2.81
CA PRO A 786 -13.41 20.78 -2.37
C PRO A 786 -14.56 19.82 -2.62
N LEU A 787 -14.21 18.59 -3.06
CA LEU A 787 -15.10 17.49 -3.41
C LEU A 787 -15.23 16.47 -2.27
N VAL A 788 -14.43 16.59 -1.20
CA VAL A 788 -14.49 15.64 -0.08
C VAL A 788 -14.65 16.42 1.27
N ASP A 789 -15.61 15.99 2.07
CA ASP A 789 -15.90 16.60 3.37
C ASP A 789 -15.19 15.75 4.41
N GLY A 790 -13.98 16.16 4.74
CA GLY A 790 -13.17 15.41 5.69
C GLY A 790 -13.44 15.70 7.14
N GLN A 791 -12.84 14.89 8.01
CA GLN A 791 -12.93 14.99 9.46
C GLN A 791 -11.65 14.40 10.03
N GLY A 792 -10.89 15.23 10.74
CA GLY A 792 -9.62 14.84 11.33
C GLY A 792 -8.42 15.52 10.72
N ASN A 793 -7.20 15.09 11.10
CA ASN A 793 -5.94 15.68 10.60
C ASN A 793 -5.74 15.36 9.14
N PHE A 794 -6.01 16.36 8.29
CA PHE A 794 -5.85 16.19 6.86
C PHE A 794 -4.66 17.02 6.41
N GLY A 795 -3.59 16.95 7.21
CA GLY A 795 -2.31 17.61 6.99
C GLY A 795 -2.38 19.11 7.04
N SER A 796 -1.43 19.79 6.37
CA SER A 796 -1.39 21.25 6.32
C SER A 796 -0.84 21.75 4.97
N PRO A 797 -0.80 23.08 4.68
CA PRO A 797 -0.15 23.53 3.44
C PRO A 797 1.39 23.56 3.61
N GLY A 798 1.84 23.03 4.74
CA GLY A 798 3.23 22.91 5.11
C GLY A 798 3.69 21.48 4.98
N ASN A 799 4.71 21.10 5.74
CA ASN A 799 5.23 19.76 5.64
C ASN A 799 4.63 18.84 6.71
N ASP A 800 3.32 18.99 6.93
CA ASP A 800 2.58 18.16 7.85
C ASP A 800 1.77 17.21 7.04
N PRO A 801 1.95 15.90 7.26
CA PRO A 801 1.17 14.93 6.49
C PRO A 801 -0.24 14.70 7.08
N PRO A 802 -1.22 14.16 6.32
CA PRO A 802 -2.50 13.81 6.95
C PRO A 802 -2.35 12.58 7.83
N ALA A 803 -3.35 12.32 8.69
CA ALA A 803 -3.36 11.18 9.58
C ALA A 803 -3.59 9.85 8.83
N ALA A 804 -3.53 8.71 9.53
CA ALA A 804 -3.76 7.42 8.88
C ALA A 804 -5.24 7.28 8.46
N MET A 805 -5.54 6.54 7.36
CA MET A 805 -6.87 6.32 6.78
C MET A 805 -7.85 5.67 7.75
N ARG A 806 -7.29 5.03 8.79
CA ARG A 806 -8.05 4.39 9.87
C ARG A 806 -8.63 5.44 10.80
N TYR A 807 -8.00 6.65 10.85
CA TYR A 807 -8.36 7.75 11.73
C TYR A 807 -9.23 8.77 11.08
N THR A 808 -8.78 9.35 9.97
CA THR A 808 -9.59 10.34 9.29
C THR A 808 -10.84 9.71 8.76
N GLU A 809 -11.95 10.51 8.75
CA GLU A 809 -13.28 10.20 8.23
C GLU A 809 -13.54 11.18 7.10
N ALA A 810 -14.20 10.71 6.06
CA ALA A 810 -14.49 11.52 4.87
C ALA A 810 -15.75 11.04 4.19
N ARG A 811 -16.52 12.01 3.63
CA ARG A 811 -17.76 11.78 2.88
C ARG A 811 -17.85 12.75 1.71
N LEU A 812 -18.80 12.57 0.79
CA LEU A 812 -18.95 13.48 -0.36
C LEU A 812 -19.42 14.91 0.01
N THR A 813 -19.27 15.88 -0.88
CA THR A 813 -19.67 17.27 -0.60
C THR A 813 -20.94 17.68 -1.37
N PRO A 814 -21.77 18.63 -0.83
CA PRO A 814 -22.89 19.15 -1.61
C PRO A 814 -22.55 19.45 -3.08
N LEU A 815 -21.32 19.97 -3.37
CA LEU A 815 -20.86 20.24 -4.74
C LEU A 815 -20.50 18.96 -5.50
N ALA A 816 -19.80 18.01 -4.81
CA ALA A 816 -19.41 16.72 -5.37
C ALA A 816 -20.62 15.89 -5.63
N MET A 817 -21.78 16.25 -5.04
CA MET A 817 -23.02 15.54 -5.30
C MET A 817 -23.52 15.97 -6.65
N GLU A 818 -23.30 17.27 -7.01
CA GLU A 818 -23.69 17.83 -8.31
C GLU A 818 -22.76 17.27 -9.40
N MET A 819 -21.59 16.76 -9.01
CA MET A 819 -20.64 16.15 -9.92
C MET A 819 -21.11 14.78 -10.27
N LEU A 820 -21.85 14.13 -9.35
CA LEU A 820 -22.40 12.78 -9.48
C LEU A 820 -23.91 12.82 -9.69
N ARG A 821 -24.46 14.03 -9.92
CA ARG A 821 -25.88 14.23 -10.07
C ARG A 821 -26.48 13.40 -11.22
N GLU A 822 -27.15 12.30 -10.81
CA GLU A 822 -27.94 11.36 -11.61
C GLU A 822 -27.08 10.45 -12.48
N ILE A 823 -25.96 9.98 -11.94
CA ILE A 823 -25.06 9.06 -12.63
C ILE A 823 -25.77 7.69 -12.85
N ASP A 824 -26.66 7.34 -11.90
CA ASP A 824 -27.52 6.15 -11.88
C ASP A 824 -28.56 6.18 -13.01
N GLU A 825 -28.80 7.38 -13.60
CA GLU A 825 -29.81 7.63 -14.62
C GLU A 825 -29.30 7.53 -16.06
N GLU A 826 -28.19 6.79 -16.28
CA GLU A 826 -27.59 6.55 -17.61
C GLU A 826 -27.32 7.86 -18.38
N THR A 827 -26.76 8.84 -17.65
CA THR A 827 -26.38 10.19 -18.12
C THR A 827 -24.96 10.18 -18.68
N VAL A 828 -24.20 9.12 -18.36
CA VAL A 828 -22.81 8.88 -18.80
C VAL A 828 -22.66 7.45 -19.30
N ASP A 829 -21.54 7.18 -20.00
CA ASP A 829 -21.24 5.83 -20.47
C ASP A 829 -20.50 5.11 -19.34
N PHE A 830 -20.69 3.78 -19.27
CA PHE A 830 -20.04 2.94 -18.29
C PHE A 830 -19.29 1.87 -19.00
N ILE A 831 -18.18 1.46 -18.42
CA ILE A 831 -17.28 0.44 -18.94
C ILE A 831 -17.07 -0.64 -17.84
N PRO A 832 -16.70 -1.90 -18.17
CA PRO A 832 -16.50 -2.90 -17.10
C PRO A 832 -15.16 -2.71 -16.37
N ASN A 833 -15.18 -2.87 -15.00
CA ASN A 833 -14.04 -2.66 -14.10
C ASN A 833 -12.94 -3.70 -14.28
N TYR A 834 -11.82 -3.51 -13.55
CA TYR A 834 -10.61 -4.34 -13.63
C TYR A 834 -10.86 -5.86 -13.72
N ASP A 835 -11.89 -6.39 -13.01
CA ASP A 835 -12.20 -7.83 -13.04
C ASP A 835 -13.43 -8.15 -13.89
N GLY A 836 -14.29 -7.14 -14.10
CA GLY A 836 -15.42 -7.19 -15.03
C GLY A 836 -16.72 -7.79 -14.60
N ARG A 837 -17.11 -7.51 -13.36
CA ARG A 837 -18.37 -7.95 -12.74
C ARG A 837 -19.14 -6.71 -12.29
N VAL A 838 -18.50 -5.54 -12.45
CA VAL A 838 -19.03 -4.24 -12.09
C VAL A 838 -18.85 -3.29 -13.29
N GLN A 839 -19.55 -2.14 -13.25
CA GLN A 839 -19.53 -1.06 -14.22
C GLN A 839 -18.92 0.20 -13.60
N GLU A 840 -17.85 0.74 -14.19
CA GLU A 840 -17.29 2.01 -13.73
C GLU A 840 -17.65 3.12 -14.73
N PRO A 841 -17.95 4.36 -14.28
CA PRO A 841 -18.28 5.42 -15.25
C PRO A 841 -17.05 5.93 -15.99
N THR A 842 -17.18 6.06 -17.31
CA THR A 842 -16.15 6.54 -18.23
C THR A 842 -15.85 8.02 -17.94
N VAL A 843 -16.86 8.74 -17.38
CA VAL A 843 -16.85 10.17 -16.98
C VAL A 843 -18.09 10.46 -16.04
N LEU A 844 -17.99 11.47 -15.17
CA LEU A 844 -19.04 11.86 -14.24
C LEU A 844 -19.97 12.84 -14.92
N PRO A 845 -21.27 13.03 -14.52
CA PRO A 845 -22.11 14.03 -15.22
C PRO A 845 -21.54 15.45 -15.23
N SER A 846 -20.88 15.84 -14.11
CA SER A 846 -20.26 17.14 -13.86
C SER A 846 -21.29 18.24 -14.09
N ARG A 847 -22.33 18.28 -13.23
CA ARG A 847 -23.39 19.27 -13.36
C ARG A 847 -22.89 20.68 -12.90
N PHE A 848 -21.58 20.76 -12.60
CA PHE A 848 -20.85 21.97 -12.27
C PHE A 848 -19.51 21.94 -13.05
N PRO A 849 -19.03 23.09 -13.62
CA PRO A 849 -17.83 23.09 -14.51
C PRO A 849 -16.45 22.84 -13.86
N ASN A 850 -16.25 21.62 -13.34
CA ASN A 850 -15.10 21.15 -12.58
C ASN A 850 -13.70 21.30 -13.22
N LEU A 851 -13.57 21.28 -14.55
CA LEU A 851 -12.21 21.42 -15.09
C LEU A 851 -11.63 22.82 -14.75
N LEU A 852 -12.31 23.90 -15.17
CA LEU A 852 -11.87 25.26 -14.91
C LEU A 852 -12.26 25.73 -13.50
N ALA A 853 -13.13 24.98 -12.80
CA ALA A 853 -13.50 25.38 -11.46
C ALA A 853 -12.43 25.04 -10.45
N ASN A 854 -11.85 23.83 -10.52
CA ASN A 854 -10.83 23.37 -9.57
C ASN A 854 -9.44 23.23 -10.19
N GLY A 855 -9.40 23.28 -11.54
CA GLY A 855 -8.20 23.18 -12.36
C GLY A 855 -7.56 21.81 -12.31
N SER A 856 -6.53 21.56 -13.16
CA SER A 856 -5.79 20.29 -13.16
C SER A 856 -4.36 20.39 -13.61
N GLY A 857 -3.49 19.76 -12.83
CA GLY A 857 -2.07 19.67 -13.10
C GLY A 857 -1.65 18.23 -13.32
N GLY A 858 -0.38 18.03 -13.69
CA GLY A 858 0.16 16.70 -13.92
C GLY A 858 0.98 16.57 -15.17
N ILE A 859 2.10 15.83 -15.06
CA ILE A 859 3.05 15.55 -16.14
C ILE A 859 3.16 14.04 -16.34
N ALA A 860 3.21 13.61 -17.60
CA ALA A 860 3.43 12.19 -17.95
C ALA A 860 3.89 12.05 -19.40
N VAL A 861 5.06 11.38 -19.59
CA VAL A 861 5.74 11.10 -20.87
C VAL A 861 6.05 12.50 -21.54
N GLY A 862 6.61 13.41 -20.73
CA GLY A 862 6.98 14.77 -21.14
C GLY A 862 5.87 15.56 -21.79
N MET A 863 4.68 15.50 -21.17
CA MET A 863 3.44 16.17 -21.58
C MET A 863 2.69 16.52 -20.30
N ALA A 864 2.78 17.79 -19.92
CA ALA A 864 2.19 18.33 -18.72
C ALA A 864 0.88 19.07 -18.99
N THR A 865 0.14 19.33 -17.91
CA THR A 865 -1.07 20.13 -17.89
C THR A 865 -0.99 21.02 -16.64
N ASN A 866 -1.48 22.26 -16.70
CA ASN A 866 -1.51 23.16 -15.55
C ASN A 866 -2.66 24.14 -15.71
N ILE A 867 -3.89 23.66 -15.49
CA ILE A 867 -5.10 24.50 -15.61
C ILE A 867 -5.41 25.14 -14.24
N PRO A 868 -5.31 26.50 -14.09
CA PRO A 868 -5.58 27.12 -12.79
C PRO A 868 -7.06 27.10 -12.39
N PRO A 869 -7.38 27.16 -11.06
CA PRO A 869 -8.79 27.18 -10.62
C PRO A 869 -9.52 28.49 -10.98
N HIS A 870 -10.87 28.49 -10.93
CA HIS A 870 -11.62 29.71 -11.24
C HIS A 870 -12.82 29.92 -10.31
N ASN A 871 -13.46 31.12 -10.44
CA ASN A 871 -14.65 31.43 -9.66
C ASN A 871 -15.87 30.82 -10.36
N LEU A 872 -16.61 29.98 -9.63
CA LEU A 872 -17.81 29.28 -10.11
C LEU A 872 -18.79 30.26 -10.69
N ARG A 873 -19.11 31.32 -9.92
CA ARG A 873 -20.03 32.38 -10.33
C ARG A 873 -19.64 32.96 -11.73
N GLU A 874 -18.33 33.30 -11.91
CA GLU A 874 -17.78 33.85 -13.14
C GLU A 874 -17.85 32.85 -14.28
N LEU A 875 -17.49 31.58 -14.00
CA LEU A 875 -17.50 30.51 -14.98
C LEU A 875 -18.90 30.26 -15.47
N ALA A 876 -19.90 30.29 -14.55
CA ALA A 876 -21.32 30.07 -14.86
C ALA A 876 -21.77 31.05 -15.93
N ASP A 877 -21.37 32.31 -15.81
CA ASP A 877 -21.71 33.35 -16.75
C ASP A 877 -21.23 33.02 -18.13
N ALA A 878 -20.01 32.53 -18.25
CA ALA A 878 -19.47 32.15 -19.56
C ALA A 878 -20.26 30.98 -20.17
N VAL A 879 -20.73 30.05 -19.29
CA VAL A 879 -21.53 28.84 -19.62
C VAL A 879 -22.94 29.26 -20.08
N PHE A 880 -23.57 30.18 -19.31
CA PHE A 880 -24.90 30.73 -19.57
C PHE A 880 -24.95 31.37 -20.94
N TRP A 881 -23.87 32.07 -21.27
CA TRP A 881 -23.67 32.76 -22.52
C TRP A 881 -23.61 31.78 -23.68
N ALA A 882 -22.80 30.71 -23.53
CA ALA A 882 -22.59 29.68 -24.54
C ALA A 882 -23.85 28.88 -24.87
N LEU A 883 -24.79 28.77 -23.90
CA LEU A 883 -26.04 28.03 -24.07
C LEU A 883 -26.99 28.77 -25.00
N GLU A 884 -27.15 30.08 -24.72
CA GLU A 884 -28.04 31.00 -25.41
C GLU A 884 -27.49 31.36 -26.79
N ASN A 885 -26.15 31.38 -26.92
CA ASN A 885 -25.50 31.73 -28.18
C ASN A 885 -24.82 30.51 -28.84
N HIS A 886 -25.57 29.37 -28.92
CA HIS A 886 -25.12 28.09 -29.48
C HIS A 886 -24.58 28.22 -30.91
N ASP A 887 -25.01 29.26 -31.62
CA ASP A 887 -24.63 29.54 -33.00
C ASP A 887 -23.92 30.89 -33.12
N ALA A 888 -22.78 31.01 -32.40
CA ALA A 888 -21.91 32.17 -32.37
C ALA A 888 -20.47 31.72 -32.64
N ASP A 889 -19.75 32.49 -33.48
CA ASP A 889 -18.37 32.21 -33.89
C ASP A 889 -17.40 32.07 -32.76
N GLU A 890 -16.43 31.16 -32.92
CA GLU A 890 -15.37 30.89 -31.96
C GLU A 890 -14.71 32.22 -31.52
N GLU A 891 -14.54 33.16 -32.46
CA GLU A 891 -13.96 34.47 -32.22
C GLU A 891 -14.85 35.32 -31.27
N GLU A 892 -16.16 35.38 -31.57
CA GLU A 892 -17.15 36.12 -30.79
C GLU A 892 -17.28 35.51 -29.39
N THR A 893 -17.34 34.17 -29.32
CA THR A 893 -17.47 33.51 -28.03
C THR A 893 -16.17 33.55 -27.23
N LEU A 894 -14.98 33.70 -27.88
CA LEU A 894 -13.75 33.76 -27.09
C LEU A 894 -13.71 35.06 -26.33
N ALA A 895 -13.92 36.16 -27.08
CA ALA A 895 -13.90 37.52 -26.56
C ALA A 895 -14.98 37.73 -25.52
N ALA A 896 -16.10 36.95 -25.62
CA ALA A 896 -17.26 36.95 -24.70
C ALA A 896 -17.04 36.20 -23.40
N VAL A 897 -16.46 34.96 -23.47
CA VAL A 897 -16.13 34.11 -22.30
C VAL A 897 -15.16 34.85 -21.36
N MET A 898 -14.09 35.43 -21.94
CA MET A 898 -13.14 36.30 -21.27
C MET A 898 -13.92 37.59 -21.08
N GLY A 899 -13.66 38.32 -20.01
CA GLY A 899 -14.43 39.52 -19.70
C GLY A 899 -15.47 39.11 -18.68
N ARG A 900 -16.21 38.00 -18.99
CA ARG A 900 -17.16 37.38 -18.07
C ARG A 900 -16.30 36.57 -17.09
N VAL A 901 -15.26 35.86 -17.63
CA VAL A 901 -14.20 35.15 -16.88
C VAL A 901 -13.02 36.11 -16.83
N LYS A 902 -12.84 36.72 -15.66
CA LYS A 902 -11.81 37.71 -15.36
C LYS A 902 -10.37 37.11 -15.21
N GLY A 903 -10.24 35.90 -14.66
CA GLY A 903 -8.95 35.26 -14.44
C GLY A 903 -9.01 34.12 -13.45
N PRO A 904 -7.87 33.46 -13.11
CA PRO A 904 -7.91 32.35 -12.13
C PRO A 904 -8.32 32.86 -10.78
N ASP A 905 -8.89 31.99 -9.94
CA ASP A 905 -9.31 32.32 -8.57
C ASP A 905 -8.82 31.27 -7.60
N PHE A 906 -7.63 31.50 -7.06
CA PHE A 906 -6.99 30.54 -6.18
C PHE A 906 -7.63 30.40 -4.77
N PRO A 907 -7.64 29.17 -4.15
CA PRO A 907 -8.19 29.03 -2.77
C PRO A 907 -7.33 29.70 -1.67
N THR A 908 -6.00 29.78 -1.92
CA THR A 908 -4.95 30.37 -1.08
C THR A 908 -5.06 31.92 -1.02
N ALA A 909 -5.94 32.50 -1.90
CA ALA A 909 -6.20 33.92 -2.16
C ALA A 909 -4.95 34.50 -2.77
N GLY A 910 -4.56 35.71 -2.36
CA GLY A 910 -3.37 36.36 -2.90
C GLY A 910 -3.70 37.12 -4.17
N LEU A 911 -3.02 38.25 -4.38
CA LEU A 911 -3.34 39.06 -5.54
C LEU A 911 -2.52 38.63 -6.79
N ILE A 912 -3.14 38.72 -8.00
CA ILE A 912 -2.55 38.34 -9.30
C ILE A 912 -2.13 39.58 -10.06
N VAL A 913 -0.82 39.79 -10.16
CA VAL A 913 -0.20 40.94 -10.85
C VAL A 913 -0.30 40.82 -12.37
N GLY A 914 -0.93 41.81 -13.00
CA GLY A 914 -1.05 41.94 -14.46
C GLY A 914 -2.07 41.08 -15.19
N SER A 915 -2.22 41.36 -16.52
CA SER A 915 -3.17 40.70 -17.43
C SER A 915 -2.62 39.78 -18.48
N GLN A 916 -1.41 40.08 -19.01
CA GLN A 916 -0.84 39.35 -20.13
C GLN A 916 -0.78 37.86 -19.97
N GLY A 917 -0.27 37.35 -18.85
CA GLY A 917 -0.20 35.90 -18.63
C GLY A 917 -1.54 35.22 -18.84
N THR A 918 -2.54 35.69 -18.07
CA THR A 918 -3.95 35.28 -18.01
C THR A 918 -4.66 35.39 -19.36
N ALA A 919 -4.37 36.47 -20.10
CA ALA A 919 -4.96 36.71 -21.41
C ALA A 919 -4.43 35.69 -22.38
N ASP A 920 -3.09 35.39 -22.34
CA ASP A 920 -2.42 34.43 -23.24
C ASP A 920 -2.82 33.03 -22.92
N ALA A 921 -3.15 32.76 -21.65
CA ALA A 921 -3.59 31.43 -21.27
C ALA A 921 -4.94 31.16 -21.97
N TYR A 922 -5.88 32.14 -21.95
CA TYR A 922 -7.20 31.96 -22.56
C TYR A 922 -7.23 31.98 -24.07
N LYS A 923 -6.20 32.56 -24.68
CA LYS A 923 -6.13 32.71 -26.13
C LYS A 923 -5.23 31.67 -26.80
N THR A 924 -4.05 31.37 -26.21
CA THR A 924 -3.07 30.45 -26.80
C THR A 924 -3.01 29.08 -26.09
N GLY A 925 -3.46 29.00 -24.85
CA GLY A 925 -3.41 27.77 -24.07
C GLY A 925 -2.14 27.66 -23.25
N ARG A 926 -1.29 28.68 -23.38
CA ARG A 926 -0.02 28.79 -22.69
C ARG A 926 0.10 30.22 -22.16
N GLY A 927 0.45 30.38 -20.89
CA GLY A 927 0.62 31.70 -20.29
C GLY A 927 1.18 31.69 -18.88
N SER A 928 2.13 32.61 -18.59
CA SER A 928 2.71 32.66 -17.24
C SER A 928 2.03 33.72 -16.36
N ILE A 929 1.18 33.23 -15.46
CA ILE A 929 0.38 34.03 -14.54
C ILE A 929 1.19 34.43 -13.30
N ARG A 930 1.72 35.66 -13.27
CA ARG A 930 2.50 36.19 -12.14
C ARG A 930 1.55 36.46 -10.98
N MET A 931 1.64 35.67 -9.93
CA MET A 931 0.79 35.83 -8.76
C MET A 931 1.68 36.12 -7.58
N ARG A 932 1.14 36.72 -6.50
CA ARG A 932 1.87 37.03 -5.26
C ARG A 932 0.99 37.12 -4.04
N GLY A 933 1.63 36.98 -2.88
CA GLY A 933 1.01 37.04 -1.58
C GLY A 933 0.78 38.45 -1.08
N VAL A 934 0.09 38.53 0.08
CA VAL A 934 -0.28 39.77 0.77
C VAL A 934 0.57 39.89 2.04
N VAL A 935 1.06 41.10 2.32
CA VAL A 935 1.89 41.36 3.49
C VAL A 935 1.44 42.64 4.20
N GLU A 936 1.20 42.51 5.51
CA GLU A 936 0.79 43.63 6.36
C GLU A 936 2.00 43.96 7.25
N VAL A 937 2.16 45.23 7.66
CA VAL A 937 3.32 45.64 8.47
C VAL A 937 2.93 46.17 9.86
N GLU A 938 2.77 45.25 10.86
CA GLU A 938 2.43 45.58 12.25
C GLU A 938 3.66 46.10 13.03
N GLU A 939 3.45 46.70 14.21
CA GLU A 939 4.53 47.28 15.00
C GLU A 939 4.08 47.75 16.38
N ASP A 940 4.73 48.85 16.86
CA ASP A 940 4.56 49.64 18.08
C ASP A 940 4.33 48.80 19.38
N SER A 941 4.81 47.54 19.37
CA SER A 941 4.77 46.60 20.49
C SER A 941 5.75 47.13 21.55
N ARG A 942 7.05 46.89 21.31
CA ARG A 942 8.21 47.32 22.10
C ARG A 942 8.81 48.52 21.34
N GLY A 943 8.30 48.70 20.11
CA GLY A 943 8.71 49.72 19.16
C GLY A 943 9.12 49.09 17.84
N ARG A 944 9.65 47.85 17.93
CA ARG A 944 10.11 47.02 16.83
C ARG A 944 9.00 46.68 15.84
N THR A 945 9.31 46.89 14.56
CA THR A 945 8.38 46.61 13.45
C THR A 945 8.59 45.21 12.86
N SER A 946 7.54 44.68 12.23
CA SER A 946 7.54 43.37 11.61
C SER A 946 6.50 43.29 10.49
N LEU A 947 6.79 42.48 9.48
CA LEU A 947 5.90 42.29 8.34
C LEU A 947 5.29 40.89 8.45
N VAL A 948 3.96 40.87 8.61
CA VAL A 948 3.16 39.66 8.77
C VAL A 948 2.59 39.24 7.40
N ILE A 949 2.97 38.04 6.94
CA ILE A 949 2.46 37.51 5.68
C ILE A 949 1.07 36.98 5.98
N THR A 950 0.06 37.61 5.39
CA THR A 950 -1.33 37.21 5.57
C THR A 950 -1.77 36.23 4.49
N GLU A 951 -1.16 36.29 3.31
CA GLU A 951 -1.49 35.40 2.19
C GLU A 951 -0.22 35.04 1.44
N LEU A 952 -0.25 33.90 0.68
CA LEU A 952 0.84 33.40 -0.16
C LEU A 952 0.26 32.91 -1.47
N PRO A 953 1.01 32.96 -2.62
CA PRO A 953 0.43 32.48 -3.88
C PRO A 953 0.10 31.00 -3.83
N TYR A 954 -0.80 30.57 -4.72
CA TYR A 954 -1.25 29.18 -4.82
C TYR A 954 -0.10 28.20 -5.00
N GLN A 955 -0.16 27.10 -4.23
CA GLN A 955 0.74 25.95 -4.18
C GLN A 955 2.14 26.20 -3.57
N VAL A 956 2.37 27.30 -2.81
CA VAL A 956 3.69 27.42 -2.15
C VAL A 956 3.62 26.66 -0.82
N ASN A 957 4.61 25.80 -0.53
CA ASN A 957 4.62 25.03 0.71
C ASN A 957 5.09 25.97 1.81
N HIS A 958 4.24 26.17 2.82
CA HIS A 958 4.48 27.10 3.92
C HIS A 958 5.74 26.85 4.67
N ASP A 959 5.94 25.61 5.11
CA ASP A 959 7.10 25.27 5.89
C ASP A 959 8.39 25.31 5.01
N ASN A 960 8.34 24.91 3.74
CA ASN A 960 9.51 25.00 2.84
C ASN A 960 9.90 26.46 2.45
N PHE A 961 8.94 27.43 2.61
CA PHE A 961 9.07 28.87 2.37
C PHE A 961 9.78 29.52 3.55
N ILE A 962 9.28 29.28 4.79
CA ILE A 962 9.88 29.79 6.05
C ILE A 962 11.38 29.39 6.05
N THR A 963 11.64 28.12 5.72
CA THR A 963 12.91 27.43 5.56
C THR A 963 13.74 28.23 4.54
N SER A 964 13.21 28.37 3.30
CA SER A 964 13.81 29.11 2.19
C SER A 964 14.33 30.45 2.67
N ILE A 965 13.46 31.27 3.30
CA ILE A 965 13.83 32.58 3.84
C ILE A 965 14.98 32.46 4.83
N ALA A 966 14.81 31.59 5.86
CA ALA A 966 15.77 31.36 6.93
C ALA A 966 17.18 30.99 6.44
N GLU A 967 17.26 30.14 5.39
CA GLU A 967 18.53 29.73 4.79
C GLU A 967 19.18 30.90 4.09
N GLN A 968 18.40 31.65 3.28
CA GLN A 968 18.87 32.83 2.55
C GLN A 968 19.46 33.78 3.54
N VAL A 969 18.76 34.01 4.68
CA VAL A 969 19.20 34.87 5.79
C VAL A 969 20.53 34.34 6.41
N ARG A 970 20.61 33.01 6.72
CA ARG A 970 21.81 32.35 7.24
C ARG A 970 22.99 32.55 6.28
N ASP A 971 22.72 32.50 4.96
CA ASP A 971 23.68 32.69 3.87
C ASP A 971 23.98 34.16 3.53
N GLY A 972 23.32 35.08 4.25
CA GLY A 972 23.46 36.52 4.06
C GLY A 972 22.72 37.08 2.86
N LYS A 973 22.34 36.22 1.91
CA LYS A 973 21.57 36.52 0.69
C LYS A 973 20.31 37.38 0.93
N LEU A 974 19.71 37.25 2.13
CA LEU A 974 18.55 38.03 2.51
C LEU A 974 18.90 38.72 3.81
N ALA A 975 19.09 40.02 3.72
CA ALA A 975 19.48 40.83 4.87
C ALA A 975 18.32 41.70 5.31
N GLY A 976 18.35 42.10 6.58
CA GLY A 976 17.35 42.95 7.21
C GLY A 976 16.40 42.17 8.11
N ILE A 977 16.18 40.90 7.77
CA ILE A 977 15.34 39.98 8.51
C ILE A 977 16.09 39.56 9.77
N SER A 978 15.53 39.92 10.93
CA SER A 978 16.10 39.56 12.22
C SER A 978 15.45 38.30 12.80
N ASN A 979 14.22 37.93 12.33
CA ASN A 979 13.47 36.76 12.78
C ASN A 979 12.28 36.37 11.87
N ILE A 980 11.92 35.07 11.87
CA ILE A 980 10.78 34.45 11.16
C ILE A 980 10.08 33.47 12.09
N GLU A 981 8.73 33.36 12.00
CA GLU A 981 7.96 32.42 12.80
C GLU A 981 6.52 32.24 12.33
N ASP A 982 6.01 31.01 12.47
CA ASP A 982 4.63 30.65 12.12
C ASP A 982 3.77 30.79 13.34
N GLN A 983 2.87 31.77 13.30
CA GLN A 983 1.94 32.12 14.37
C GLN A 983 0.53 31.87 13.89
N SER A 984 0.39 31.10 12.79
CA SER A 984 -0.88 30.79 12.14
C SER A 984 -1.75 29.78 12.91
N SER A 985 -3.05 30.06 12.97
CA SER A 985 -4.11 29.22 13.55
C SER A 985 -5.32 29.21 12.58
N ASP A 986 -6.50 28.72 12.98
CA ASP A 986 -7.63 28.77 12.05
C ASP A 986 -8.39 30.00 12.33
N ARG A 987 -8.44 30.39 13.62
CA ARG A 987 -9.12 31.62 14.05
C ARG A 987 -8.49 32.89 13.40
N VAL A 988 -7.14 33.02 13.47
CA VAL A 988 -6.32 34.15 12.98
C VAL A 988 -5.86 34.04 11.50
N GLY A 989 -6.04 32.87 10.90
CA GLY A 989 -5.63 32.60 9.53
C GLY A 989 -4.13 32.55 9.35
N LEU A 990 -3.63 33.12 8.26
CA LEU A 990 -2.20 33.10 8.00
C LEU A 990 -1.48 34.22 8.74
N ARG A 991 -0.40 33.85 9.44
CA ARG A 991 0.43 34.75 10.22
C ARG A 991 1.88 34.27 10.30
N ILE A 992 2.67 34.54 9.25
CA ILE A 992 4.10 34.25 9.18
C ILE A 992 4.76 35.59 9.46
N VAL A 993 5.18 35.80 10.71
CA VAL A 993 5.74 37.06 11.17
C VAL A 993 7.21 37.18 10.87
N ILE A 994 7.58 38.22 10.11
CA ILE A 994 8.98 38.50 9.76
C ILE A 994 9.41 39.77 10.48
N GLU A 995 10.26 39.62 11.52
CA GLU A 995 10.83 40.72 12.32
C GLU A 995 11.97 41.32 11.52
N ILE A 996 11.98 42.66 11.43
CA ILE A 996 13.02 43.38 10.66
C ILE A 996 13.77 44.38 11.55
N LYS A 997 15.12 44.38 11.44
CA LYS A 997 16.04 45.23 12.20
C LYS A 997 15.65 46.71 12.20
N ARG A 998 16.00 47.45 13.26
CA ARG A 998 15.69 48.87 13.40
C ARG A 998 16.48 49.77 12.42
N ASP A 999 17.50 49.18 11.76
CA ASP A 999 18.29 49.87 10.75
C ASP A 999 17.57 49.90 9.37
N ALA A 1000 16.98 48.73 8.97
CA ALA A 1000 16.31 48.46 7.69
C ALA A 1000 14.83 48.90 7.57
N VAL A 1001 14.48 49.37 6.35
CA VAL A 1001 13.14 49.83 6.00
C VAL A 1001 12.27 48.68 5.50
N ALA A 1002 11.01 48.65 5.95
CA ALA A 1002 10.05 47.60 5.64
C ALA A 1002 9.71 47.48 4.17
N LYS A 1003 9.67 48.61 3.43
CA LYS A 1003 9.29 48.55 2.02
C LYS A 1003 10.33 47.87 1.12
N VAL A 1004 11.62 48.00 1.45
CA VAL A 1004 12.67 47.35 0.67
C VAL A 1004 12.78 45.83 1.00
N VAL A 1005 12.60 45.44 2.28
CA VAL A 1005 12.67 44.03 2.74
C VAL A 1005 11.51 43.24 2.11
N ILE A 1006 10.32 43.88 2.02
CA ILE A 1006 9.12 43.34 1.38
C ILE A 1006 9.40 43.18 -0.11
N ASN A 1007 10.04 44.16 -0.71
CA ASN A 1007 10.40 44.11 -2.12
C ASN A 1007 11.45 43.02 -2.41
N ASN A 1008 12.39 42.81 -1.46
CA ASN A 1008 13.46 41.82 -1.55
C ASN A 1008 12.91 40.38 -1.48
N LEU A 1009 11.84 40.19 -0.70
CA LEU A 1009 11.15 38.92 -0.54
C LEU A 1009 10.37 38.54 -1.81
N TYR A 1010 9.95 39.55 -2.62
CA TYR A 1010 9.26 39.29 -3.89
C TYR A 1010 10.26 38.72 -4.89
N LYS A 1011 11.47 39.32 -4.90
CA LYS A 1011 12.58 39.01 -5.78
C LYS A 1011 13.21 37.64 -5.53
N HIS A 1012 13.52 37.32 -4.26
CA HIS A 1012 14.22 36.08 -3.97
C HIS A 1012 13.35 34.89 -3.55
N THR A 1013 12.19 35.09 -2.86
CA THR A 1013 11.37 33.94 -2.44
C THR A 1013 10.06 33.77 -3.19
N GLN A 1014 9.39 32.65 -2.87
CA GLN A 1014 8.10 32.21 -3.41
C GLN A 1014 6.95 33.12 -2.98
N LEU A 1015 7.23 34.26 -2.30
CA LEU A 1015 6.25 35.27 -1.90
C LEU A 1015 5.64 35.86 -3.16
N GLN A 1016 6.40 35.75 -4.25
CA GLN A 1016 6.00 36.10 -5.58
C GLN A 1016 6.57 35.03 -6.48
N THR A 1017 5.68 34.20 -7.03
CA THR A 1017 5.99 33.12 -7.96
C THR A 1017 4.94 33.08 -9.06
N SER A 1018 5.35 32.86 -10.31
CA SER A 1018 4.45 32.80 -11.46
C SER A 1018 3.82 31.43 -11.53
N PHE A 1019 2.68 31.34 -12.23
CA PHE A 1019 1.97 30.10 -12.47
C PHE A 1019 1.96 29.89 -13.96
N GLY A 1020 2.84 29.00 -14.42
CA GLY A 1020 2.93 28.63 -15.82
C GLY A 1020 1.72 27.77 -16.14
N ALA A 1021 0.75 28.35 -16.85
CA ALA A 1021 -0.48 27.67 -17.21
C ALA A 1021 -0.40 27.06 -18.59
N ASN A 1022 -0.56 25.72 -18.65
CA ASN A 1022 -0.56 24.92 -19.86
C ASN A 1022 -1.94 24.23 -19.89
N MET A 1023 -2.87 24.74 -20.74
CA MET A 1023 -4.26 24.30 -20.80
C MET A 1023 -4.47 23.02 -21.60
N LEU A 1024 -3.88 21.88 -21.14
CA LEU A 1024 -3.97 20.59 -21.83
C LEU A 1024 -5.00 19.60 -21.26
N ALA A 1025 -5.78 18.95 -22.14
CA ALA A 1025 -6.78 17.95 -21.71
C ALA A 1025 -7.11 16.92 -22.80
N ILE A 1026 -7.76 15.80 -22.40
CA ILE A 1026 -8.17 14.68 -23.27
C ILE A 1026 -9.52 14.98 -23.92
N VAL A 1027 -9.50 15.41 -25.18
CA VAL A 1027 -10.72 15.70 -25.93
C VAL A 1027 -10.97 14.51 -26.82
N ASP A 1028 -12.11 13.80 -26.60
CA ASP A 1028 -12.50 12.58 -27.33
C ASP A 1028 -11.28 11.61 -27.47
N GLY A 1029 -10.73 11.21 -26.32
CA GLY A 1029 -9.56 10.33 -26.26
C GLY A 1029 -8.23 10.86 -26.78
N VAL A 1030 -8.08 12.18 -27.08
CA VAL A 1030 -6.79 12.69 -27.61
C VAL A 1030 -6.23 13.90 -26.81
N PRO A 1031 -4.86 14.03 -26.65
CA PRO A 1031 -4.32 15.18 -25.92
C PRO A 1031 -4.47 16.46 -26.74
N ARG A 1032 -5.10 17.50 -26.15
CA ARG A 1032 -5.39 18.77 -26.80
C ARG A 1032 -5.12 20.00 -25.93
N THR A 1033 -4.51 21.06 -26.53
CA THR A 1033 -4.26 22.40 -25.95
C THR A 1033 -5.48 23.24 -26.39
N LEU A 1034 -6.24 23.82 -25.43
CA LEU A 1034 -7.46 24.57 -25.77
C LEU A 1034 -7.53 26.05 -25.27
N ARG A 1035 -8.32 26.89 -25.99
CA ARG A 1035 -8.58 28.29 -25.63
C ARG A 1035 -9.66 28.27 -24.55
N LEU A 1036 -10.05 29.42 -23.98
CA LEU A 1036 -11.10 29.37 -22.95
C LEU A 1036 -12.47 28.95 -23.51
N ASP A 1037 -12.83 29.43 -24.72
CA ASP A 1037 -14.10 29.14 -25.38
C ASP A 1037 -14.24 27.66 -25.72
N GLN A 1038 -13.12 27.00 -26.12
CA GLN A 1038 -13.05 25.56 -26.46
C GLN A 1038 -13.46 24.74 -25.22
N LEU A 1039 -12.91 25.10 -24.06
CA LEU A 1039 -13.27 24.47 -22.82
C LEU A 1039 -14.74 24.70 -22.43
N ILE A 1040 -15.25 25.95 -22.53
CA ILE A 1040 -16.65 26.28 -22.20
C ILE A 1040 -17.64 25.52 -23.07
N ARG A 1041 -17.41 25.51 -24.41
CA ARG A 1041 -18.29 24.83 -25.33
C ARG A 1041 -18.27 23.30 -25.17
N TYR A 1042 -17.08 22.67 -25.04
CA TYR A 1042 -16.99 21.22 -24.79
C TYR A 1042 -17.75 20.84 -23.51
N TYR A 1043 -17.79 21.77 -22.51
CA TYR A 1043 -18.52 21.54 -21.25
C TYR A 1043 -20.01 21.57 -21.56
N VAL A 1044 -20.54 22.74 -21.97
CA VAL A 1044 -21.95 22.97 -22.34
C VAL A 1044 -22.50 21.79 -23.17
N ASP A 1045 -21.76 21.37 -24.22
CA ASP A 1045 -22.13 20.26 -25.07
C ASP A 1045 -22.43 18.96 -24.29
N HIS A 1046 -21.57 18.62 -23.31
CA HIS A 1046 -21.68 17.44 -22.45
C HIS A 1046 -22.90 17.56 -21.52
N GLN A 1047 -23.21 18.78 -21.01
CA GLN A 1047 -24.38 19.02 -20.17
C GLN A 1047 -25.63 18.74 -21.00
N LEU A 1048 -25.68 19.30 -22.24
CA LEU A 1048 -26.77 19.11 -23.19
C LEU A 1048 -26.98 17.65 -23.55
N ASP A 1049 -25.90 16.85 -23.58
CA ASP A 1049 -25.99 15.41 -23.81
C ASP A 1049 -26.47 14.73 -22.53
N VAL A 1050 -26.01 15.21 -21.35
CA VAL A 1050 -26.40 14.63 -20.05
C VAL A 1050 -27.93 14.69 -19.84
N ILE A 1051 -28.56 15.81 -20.23
CA ILE A 1051 -30.00 16.00 -20.14
C ILE A 1051 -30.76 15.00 -21.00
N VAL A 1052 -30.41 14.87 -22.30
CA VAL A 1052 -31.16 13.97 -23.20
C VAL A 1052 -31.04 12.50 -22.76
N ARG A 1053 -29.83 12.09 -22.37
CA ARG A 1053 -29.54 10.75 -21.93
C ARG A 1053 -30.38 10.40 -20.71
N ARG A 1054 -30.58 11.39 -19.82
CA ARG A 1054 -31.36 11.26 -18.61
C ARG A 1054 -32.81 11.10 -18.99
N THR A 1055 -33.41 12.14 -19.63
CA THR A 1055 -34.83 12.17 -20.04
C THR A 1055 -35.29 10.90 -20.75
N THR A 1056 -34.42 10.35 -21.62
CA THR A 1056 -34.62 9.12 -22.37
C THR A 1056 -34.79 7.93 -21.41
N TYR A 1057 -33.84 7.80 -20.44
CA TYR A 1057 -33.82 6.76 -19.40
C TYR A 1057 -35.01 6.94 -18.45
N ARG A 1058 -35.26 8.18 -18.01
CA ARG A 1058 -36.37 8.49 -17.10
C ARG A 1058 -37.68 8.03 -17.70
N LEU A 1059 -37.86 8.29 -19.03
CA LEU A 1059 -39.03 7.91 -19.81
C LEU A 1059 -39.05 6.40 -19.96
N ARG A 1060 -37.89 5.81 -20.33
CA ARG A 1060 -37.73 4.36 -20.48
C ARG A 1060 -38.18 3.65 -19.18
N LYS A 1061 -37.82 4.23 -18.00
CA LYS A 1061 -38.17 3.69 -16.70
C LYS A 1061 -39.58 4.01 -16.35
N ALA A 1062 -40.10 5.18 -16.76
CA ALA A 1062 -41.47 5.59 -16.44
C ALA A 1062 -42.53 4.71 -17.08
N ASN A 1063 -42.25 4.16 -18.27
CA ASN A 1063 -43.15 3.26 -18.98
C ASN A 1063 -43.06 1.85 -18.42
N GLU A 1064 -41.89 1.48 -17.87
CA GLU A 1064 -41.61 0.19 -17.22
C GLU A 1064 -42.45 0.07 -15.94
N ARG A 1065 -42.39 1.11 -15.07
CA ARG A 1065 -43.09 1.25 -13.80
C ARG A 1065 -44.60 1.40 -14.03
N ALA A 1066 -44.99 2.06 -15.14
CA ALA A 1066 -46.39 2.27 -15.52
C ALA A 1066 -47.08 0.96 -15.86
N HIS A 1067 -46.47 0.11 -16.71
CA HIS A 1067 -47.07 -1.18 -17.11
C HIS A 1067 -47.21 -2.09 -15.93
N ILE A 1068 -46.29 -1.99 -14.95
CA ILE A 1068 -46.37 -2.73 -13.71
C ILE A 1068 -47.60 -2.28 -12.91
N LEU A 1069 -47.72 -0.95 -12.67
CA LEU A 1069 -48.84 -0.36 -11.96
C LEU A 1069 -50.15 -0.66 -12.66
N ARG A 1070 -50.13 -0.74 -14.01
CA ARG A 1070 -51.26 -1.11 -14.85
C ARG A 1070 -51.65 -2.57 -14.53
N GLY A 1071 -50.63 -3.42 -14.36
CA GLY A 1071 -50.78 -4.82 -13.99
C GLY A 1071 -51.45 -4.96 -12.64
N LEU A 1072 -50.82 -4.38 -11.60
CA LEU A 1072 -51.36 -4.37 -10.22
C LEU A 1072 -52.76 -3.74 -10.08
N VAL A 1073 -53.02 -2.60 -10.76
CA VAL A 1073 -54.30 -1.91 -10.66
C VAL A 1073 -55.39 -2.82 -11.20
N LYS A 1074 -55.12 -3.53 -12.32
CA LYS A 1074 -56.00 -4.51 -12.97
C LYS A 1074 -56.34 -5.61 -11.97
N ALA A 1075 -55.30 -6.07 -11.22
CA ALA A 1075 -55.39 -7.10 -10.18
C ALA A 1075 -56.19 -6.64 -8.95
N LEU A 1076 -56.17 -5.32 -8.63
CA LEU A 1076 -56.91 -4.74 -7.51
C LEU A 1076 -58.44 -4.76 -7.76
N ASP A 1077 -58.86 -4.72 -9.05
CA ASP A 1077 -60.28 -4.75 -9.47
C ASP A 1077 -60.84 -6.15 -9.39
N ALA A 1078 -60.01 -7.15 -9.70
CA ALA A 1078 -60.39 -8.56 -9.69
C ALA A 1078 -59.97 -9.24 -8.38
N LEU A 1079 -59.39 -8.47 -7.43
CA LEU A 1079 -58.83 -8.89 -6.16
C LEU A 1079 -59.47 -10.12 -5.54
N ASP A 1080 -60.81 -10.15 -5.40
CA ASP A 1080 -61.54 -11.30 -4.85
C ASP A 1080 -61.17 -12.57 -5.61
N GLU A 1081 -61.37 -12.57 -6.94
CA GLU A 1081 -61.03 -13.65 -7.87
C GLU A 1081 -59.51 -13.93 -7.87
N VAL A 1082 -58.67 -12.87 -7.86
CA VAL A 1082 -57.20 -12.99 -7.87
C VAL A 1082 -56.74 -13.89 -6.71
N ILE A 1083 -57.19 -13.55 -5.47
CA ILE A 1083 -56.89 -14.27 -4.22
C ILE A 1083 -57.43 -15.68 -4.32
N ALA A 1084 -58.71 -15.83 -4.78
CA ALA A 1084 -59.38 -17.11 -4.98
C ALA A 1084 -58.57 -18.02 -5.90
N LEU A 1085 -57.99 -17.45 -6.97
CA LEU A 1085 -57.18 -18.15 -7.94
C LEU A 1085 -55.86 -18.70 -7.34
N ILE A 1086 -54.99 -17.82 -6.80
CA ILE A 1086 -53.68 -18.17 -6.25
C ILE A 1086 -53.76 -19.36 -5.29
N ARG A 1087 -54.70 -19.34 -4.33
CA ARG A 1087 -54.84 -20.44 -3.37
C ARG A 1087 -55.47 -21.71 -3.99
N ALA A 1088 -56.17 -21.59 -5.14
CA ALA A 1088 -56.78 -22.72 -5.84
C ALA A 1088 -55.79 -23.51 -6.72
N SER A 1089 -54.56 -22.99 -6.88
CA SER A 1089 -53.50 -23.63 -7.66
C SER A 1089 -52.42 -24.11 -6.71
N GLU A 1090 -51.97 -25.38 -6.89
CA GLU A 1090 -50.93 -25.97 -6.04
C GLU A 1090 -49.60 -25.19 -6.10
N THR A 1091 -49.00 -25.05 -7.28
CA THR A 1091 -47.72 -24.35 -7.41
C THR A 1091 -47.91 -22.87 -7.78
N VAL A 1092 -46.80 -22.09 -7.71
CA VAL A 1092 -46.82 -20.67 -8.08
C VAL A 1092 -46.89 -20.51 -9.60
N ASP A 1093 -46.33 -21.47 -10.36
CA ASP A 1093 -46.34 -21.41 -11.81
C ASP A 1093 -47.71 -21.66 -12.41
N ILE A 1094 -48.58 -22.46 -11.73
CA ILE A 1094 -49.97 -22.68 -12.16
C ILE A 1094 -50.72 -21.36 -11.89
N ALA A 1095 -50.44 -20.72 -10.73
CA ALA A 1095 -51.01 -19.43 -10.30
C ALA A 1095 -50.58 -18.27 -11.20
N ARG A 1096 -49.30 -18.25 -11.67
CA ARG A 1096 -48.72 -17.22 -12.54
C ARG A 1096 -49.40 -17.21 -13.91
N ALA A 1097 -49.42 -18.38 -14.59
CA ALA A 1097 -50.04 -18.57 -15.90
C ALA A 1097 -51.56 -18.43 -15.81
N GLY A 1098 -52.09 -18.64 -14.61
CA GLY A 1098 -53.49 -18.44 -14.29
C GLY A 1098 -53.80 -16.97 -14.10
N LEU A 1099 -52.78 -16.16 -13.74
CA LEU A 1099 -52.89 -14.72 -13.55
C LEU A 1099 -52.85 -13.95 -14.89
N ILE A 1100 -52.52 -14.64 -15.99
CA ILE A 1100 -52.52 -14.13 -17.36
C ILE A 1100 -53.83 -14.61 -18.04
N GLU A 1101 -54.34 -15.78 -17.63
CA GLU A 1101 -55.59 -16.33 -18.12
C GLU A 1101 -56.75 -15.45 -17.62
N LEU A 1102 -56.68 -15.06 -16.33
CA LEU A 1102 -57.68 -14.27 -15.62
C LEU A 1102 -57.65 -12.83 -16.12
N LEU A 1103 -56.58 -12.11 -15.82
CA LEU A 1103 -56.39 -10.73 -16.25
C LEU A 1103 -55.56 -10.81 -17.52
N ASP A 1104 -55.92 -10.07 -18.57
CA ASP A 1104 -55.14 -10.11 -19.82
C ASP A 1104 -53.83 -9.29 -19.67
N ILE A 1105 -52.78 -9.90 -19.04
CA ILE A 1105 -51.47 -9.27 -18.74
C ILE A 1105 -50.23 -10.12 -19.15
N ASP A 1106 -49.02 -9.64 -18.78
CA ASP A 1106 -47.73 -10.26 -19.09
C ASP A 1106 -47.06 -10.90 -17.86
N GLU A 1107 -46.04 -11.76 -18.08
CA GLU A 1107 -45.33 -12.48 -17.01
C GLU A 1107 -44.65 -11.54 -15.99
N ILE A 1108 -44.15 -10.38 -16.44
CA ILE A 1108 -43.49 -9.40 -15.57
C ILE A 1108 -44.57 -8.76 -14.69
N GLN A 1109 -45.75 -8.50 -15.27
CA GLN A 1109 -46.89 -7.92 -14.57
C GLN A 1109 -47.49 -8.93 -13.57
N ALA A 1110 -47.52 -10.24 -13.96
CA ALA A 1110 -48.03 -11.36 -13.13
C ALA A 1110 -47.09 -11.70 -12.00
N GLN A 1111 -45.78 -11.44 -12.19
CA GLN A 1111 -44.82 -11.68 -11.12
C GLN A 1111 -44.88 -10.54 -10.11
N ALA A 1112 -45.27 -9.32 -10.57
CA ALA A 1112 -45.43 -8.14 -9.72
C ALA A 1112 -46.53 -8.38 -8.66
N ILE A 1113 -47.64 -9.06 -9.07
CA ILE A 1113 -48.77 -9.43 -8.22
C ILE A 1113 -48.36 -10.50 -7.18
N LEU A 1114 -47.69 -11.58 -7.63
CA LEU A 1114 -47.33 -12.69 -6.75
C LEU A 1114 -46.36 -12.29 -5.64
N ASP A 1115 -45.45 -11.38 -5.98
CA ASP A 1115 -44.46 -10.85 -5.06
C ASP A 1115 -45.05 -9.71 -4.21
N MET A 1116 -46.32 -9.38 -4.41
CA MET A 1116 -46.99 -8.36 -3.63
C MET A 1116 -47.18 -8.88 -2.22
N GLN A 1117 -46.64 -8.15 -1.24
CA GLN A 1117 -46.79 -8.51 0.18
C GLN A 1117 -48.22 -8.19 0.58
N LEU A 1118 -48.78 -9.00 1.49
CA LEU A 1118 -50.16 -8.86 1.96
C LEU A 1118 -50.47 -7.47 2.48
N ARG A 1119 -49.47 -6.80 3.09
CA ARG A 1119 -49.59 -5.45 3.64
C ARG A 1119 -50.13 -4.45 2.61
N ARG A 1120 -49.66 -4.57 1.34
CA ARG A 1120 -50.02 -3.74 0.18
C ARG A 1120 -51.47 -3.86 -0.25
N LEU A 1121 -52.29 -4.59 0.52
CA LEU A 1121 -53.71 -4.80 0.23
C LEU A 1121 -54.63 -4.15 1.27
N ALA A 1122 -54.08 -3.24 2.10
CA ALA A 1122 -54.83 -2.45 3.06
C ALA A 1122 -55.25 -1.19 2.29
N ALA A 1123 -56.47 -0.66 2.53
CA ALA A 1123 -57.13 0.46 1.83
C ALA A 1123 -56.19 1.61 1.33
N LEU A 1124 -55.40 2.23 2.24
CA LEU A 1124 -54.48 3.33 1.92
C LEU A 1124 -53.42 2.95 0.88
N GLU A 1125 -52.84 1.74 1.04
CA GLU A 1125 -51.78 1.16 0.20
C GLU A 1125 -52.26 0.74 -1.18
N ARG A 1126 -53.54 0.28 -1.28
CA ARG A 1126 -54.20 -0.08 -2.54
C ARG A 1126 -54.39 1.22 -3.31
N GLN A 1127 -54.73 2.31 -2.57
CA GLN A 1127 -54.91 3.66 -3.13
C GLN A 1127 -53.57 4.25 -3.58
N ARG A 1128 -52.46 3.82 -2.96
CA ARG A 1128 -51.15 4.29 -3.38
C ARG A 1128 -50.87 3.74 -4.75
N ILE A 1129 -51.18 2.45 -4.98
CA ILE A 1129 -50.98 1.77 -6.27
C ILE A 1129 -51.83 2.40 -7.41
N ILE A 1130 -53.13 2.73 -7.13
CA ILE A 1130 -54.02 3.34 -8.14
C ILE A 1130 -53.63 4.80 -8.46
N ASP A 1131 -53.29 5.59 -7.42
CA ASP A 1131 -52.96 7.01 -7.54
C ASP A 1131 -51.50 7.27 -7.93
N ASP A 1132 -50.60 6.27 -7.76
CA ASP A 1132 -49.19 6.43 -8.18
C ASP A 1132 -49.10 6.26 -9.69
N LEU A 1133 -50.05 5.49 -10.27
CA LEU A 1133 -50.17 5.26 -11.69
C LEU A 1133 -50.62 6.59 -12.33
N ALA A 1134 -51.48 7.36 -11.63
CA ALA A 1134 -51.95 8.68 -12.09
C ALA A 1134 -50.83 9.75 -12.10
N LYS A 1135 -49.83 9.62 -11.20
CA LYS A 1135 -48.65 10.51 -11.09
C LYS A 1135 -47.78 10.35 -12.35
N ILE A 1136 -47.30 9.10 -12.55
CA ILE A 1136 -46.46 8.63 -13.65
C ILE A 1136 -47.13 8.83 -15.03
N GLU A 1137 -48.46 8.72 -15.13
CA GLU A 1137 -49.11 8.98 -16.41
C GLU A 1137 -48.72 10.40 -16.88
N ALA A 1138 -48.63 11.37 -15.93
CA ALA A 1138 -48.30 12.79 -16.17
C ALA A 1138 -46.81 13.04 -16.41
N GLU A 1139 -45.93 12.30 -15.72
CA GLU A 1139 -44.48 12.39 -15.90
C GLU A 1139 -44.08 11.88 -17.28
N ILE A 1140 -44.81 10.87 -17.84
CA ILE A 1140 -44.57 10.34 -19.21
C ILE A 1140 -44.97 11.42 -20.24
N ALA A 1141 -46.02 12.22 -19.93
CA ALA A 1141 -46.51 13.32 -20.76
C ALA A 1141 -45.52 14.50 -20.77
N ASP A 1142 -44.72 14.64 -19.69
CA ASP A 1142 -43.72 15.69 -19.55
C ASP A 1142 -42.40 15.32 -20.23
N LEU A 1143 -41.87 14.12 -19.94
CA LEU A 1143 -40.58 13.67 -20.49
C LEU A 1143 -40.61 13.57 -22.01
N GLU A 1144 -41.79 13.23 -22.58
CA GLU A 1144 -42.00 13.15 -24.03
C GLU A 1144 -41.88 14.57 -24.57
N ASP A 1145 -42.52 15.53 -23.85
CA ASP A 1145 -42.54 16.95 -24.15
C ASP A 1145 -41.13 17.59 -24.02
N ILE A 1146 -40.26 17.07 -23.11
CA ILE A 1146 -38.88 17.57 -22.98
C ILE A 1146 -38.14 17.12 -24.22
N LEU A 1147 -38.08 15.78 -24.43
CA LEU A 1147 -37.40 15.12 -25.55
C LEU A 1147 -37.83 15.73 -26.88
N ALA A 1148 -39.12 16.11 -26.96
CA ALA A 1148 -39.73 16.81 -28.09
C ALA A 1148 -39.15 18.24 -28.26
N LYS A 1149 -39.22 19.07 -27.20
CA LYS A 1149 -38.77 20.47 -27.19
C LYS A 1149 -37.30 20.64 -26.76
N PRO A 1150 -36.32 20.68 -27.71
CA PRO A 1150 -34.91 20.84 -27.33
C PRO A 1150 -34.60 22.22 -26.76
N GLU A 1151 -35.54 23.18 -26.96
CA GLU A 1151 -35.49 24.54 -26.42
C GLU A 1151 -35.61 24.40 -24.90
N ARG A 1152 -36.35 23.36 -24.44
CA ARG A 1152 -36.51 23.06 -23.03
C ARG A 1152 -35.22 22.49 -22.46
N GLN A 1153 -34.55 21.55 -23.20
CA GLN A 1153 -33.28 20.90 -22.82
C GLN A 1153 -32.14 21.92 -22.56
N ARG A 1154 -32.14 23.08 -23.28
CA ARG A 1154 -31.15 24.15 -23.07
C ARG A 1154 -31.50 24.88 -21.75
N GLY A 1155 -32.82 25.00 -21.48
CA GLY A 1155 -33.36 25.64 -20.29
C GLY A 1155 -33.22 24.80 -19.02
N ILE A 1156 -33.21 23.46 -19.17
CA ILE A 1156 -33.02 22.54 -18.02
C ILE A 1156 -31.61 22.78 -17.52
N VAL A 1157 -30.59 22.74 -18.43
CA VAL A 1157 -29.17 23.02 -18.15
C VAL A 1157 -28.99 24.44 -17.56
N ARG A 1158 -29.74 25.44 -18.08
CA ARG A 1158 -29.67 26.83 -17.60
C ARG A 1158 -30.11 26.94 -16.13
N ASP A 1159 -31.39 26.67 -15.86
CA ASP A 1159 -32.02 26.81 -14.56
C ASP A 1159 -31.58 25.76 -13.52
N GLU A 1160 -30.86 24.68 -13.93
CA GLU A 1160 -30.33 23.66 -12.99
C GLU A 1160 -28.96 24.11 -12.45
N LEU A 1161 -28.12 24.70 -13.32
CA LEU A 1161 -26.80 25.21 -12.99
C LEU A 1161 -26.94 26.51 -12.18
N ALA A 1162 -27.89 27.39 -12.57
CA ALA A 1162 -28.14 28.65 -11.86
C ALA A 1162 -28.38 28.36 -10.37
N GLU A 1163 -29.21 27.35 -10.07
CA GLU A 1163 -29.54 26.86 -8.73
C GLU A 1163 -28.28 26.46 -7.93
N ILE A 1164 -27.33 25.76 -8.57
CA ILE A 1164 -26.07 25.32 -7.98
C ILE A 1164 -25.23 26.55 -7.66
N VAL A 1165 -25.03 27.45 -8.64
CA VAL A 1165 -24.22 28.65 -8.46
C VAL A 1165 -24.88 29.65 -7.53
N ASP A 1166 -26.19 29.45 -7.24
CA ASP A 1166 -26.95 30.30 -6.34
C ASP A 1166 -26.76 29.84 -4.92
N ARG A 1167 -26.67 28.53 -4.72
CA ARG A 1167 -26.58 27.91 -3.39
C ARG A 1167 -25.17 27.56 -2.96
N HIS A 1168 -24.23 27.42 -3.93
CA HIS A 1168 -22.83 27.05 -3.68
C HIS A 1168 -21.84 28.04 -4.25
N GLY A 1169 -22.34 29.03 -4.97
CA GLY A 1169 -21.49 30.07 -5.53
C GLY A 1169 -20.87 30.90 -4.43
N ASP A 1170 -19.57 31.25 -4.59
CA ASP A 1170 -18.88 32.09 -3.60
C ASP A 1170 -18.00 33.13 -4.30
N ASP A 1171 -17.85 34.31 -3.64
CA ASP A 1171 -17.13 35.49 -4.12
C ASP A 1171 -15.61 35.31 -4.23
N ARG A 1172 -15.04 35.98 -5.27
CA ARG A 1172 -13.64 36.02 -5.71
C ARG A 1172 -12.65 36.12 -4.59
N ARG A 1173 -11.72 35.17 -4.52
CA ARG A 1173 -10.71 35.12 -3.46
C ARG A 1173 -9.39 35.77 -3.84
N THR A 1174 -9.14 36.01 -5.13
CA THR A 1174 -7.86 36.57 -5.60
C THR A 1174 -7.99 37.89 -6.35
N ARG A 1175 -7.81 39.04 -5.64
CA ARG A 1175 -7.86 40.41 -6.19
C ARG A 1175 -6.95 40.49 -7.42
N ILE A 1176 -7.52 40.75 -8.59
CA ILE A 1176 -6.71 40.87 -9.78
C ILE A 1176 -6.14 42.31 -9.77
N ILE A 1177 -4.81 42.44 -9.81
CA ILE A 1177 -4.11 43.71 -9.75
C ILE A 1177 -3.41 44.01 -11.09
N ALA A 1178 -3.22 45.30 -11.41
CA ALA A 1178 -2.59 45.72 -12.67
C ALA A 1178 -1.07 45.92 -12.48
N ALA A 1179 -0.27 45.91 -13.60
CA ALA A 1179 1.19 46.12 -13.69
C ALA A 1179 2.03 45.22 -12.76
N ILE B 35 -5.36 13.73 50.16
CA ILE B 35 -4.67 12.47 49.83
C ILE B 35 -3.73 12.61 48.61
N GLY B 36 -4.08 13.50 47.68
CA GLY B 36 -3.29 13.74 46.49
C GLY B 36 -4.00 13.42 45.19
N SER B 37 -4.63 12.22 45.10
CA SER B 37 -5.35 11.79 43.90
C SER B 37 -6.51 10.85 44.23
N THR B 38 -7.60 10.93 43.44
CA THR B 38 -8.78 10.08 43.55
C THR B 38 -8.54 8.83 42.64
N GLY B 39 -7.53 8.92 41.78
CA GLY B 39 -7.09 7.85 40.89
C GLY B 39 -6.19 6.84 41.57
N GLU B 40 -5.25 6.25 40.82
CA GLU B 40 -4.33 5.23 41.33
C GLU B 40 -3.24 5.82 42.20
N ARG B 41 -2.79 7.05 41.90
CA ARG B 41 -1.71 7.73 42.61
C ARG B 41 -2.02 7.89 44.10
N GLY B 42 -3.19 8.46 44.41
CA GLY B 42 -3.67 8.70 45.76
C GLY B 42 -4.10 7.43 46.48
N LEU B 43 -4.71 6.48 45.73
CA LEU B 43 -5.18 5.18 46.24
C LEU B 43 -4.06 4.35 46.89
N HIS B 44 -2.82 4.40 46.33
CA HIS B 44 -1.64 3.71 46.84
C HIS B 44 -1.09 4.39 48.08
N HIS B 45 -1.19 5.74 48.13
CA HIS B 45 -0.70 6.53 49.25
C HIS B 45 -1.24 6.07 50.61
N LEU B 46 -2.41 5.39 50.62
CA LEU B 46 -3.01 4.81 51.83
C LEU B 46 -2.09 3.70 52.36
N ILE B 47 -1.62 2.80 51.44
CA ILE B 47 -0.72 1.68 51.75
C ILE B 47 0.57 2.20 52.39
N TRP B 48 1.18 3.25 51.79
CA TRP B 48 2.40 3.85 52.34
C TRP B 48 2.13 4.41 53.74
N GLU B 49 0.99 5.11 53.93
CA GLU B 49 0.61 5.71 55.22
C GLU B 49 0.40 4.67 56.34
N VAL B 50 0.15 3.41 55.96
CA VAL B 50 -0.02 2.29 56.88
C VAL B 50 1.33 1.63 57.14
N VAL B 51 2.00 1.20 56.04
CA VAL B 51 3.30 0.49 56.02
C VAL B 51 4.37 1.35 56.69
N ASP B 52 4.47 2.66 56.33
CA ASP B 52 5.44 3.62 56.88
C ASP B 52 5.45 3.65 58.42
N ASN B 53 4.31 3.39 59.07
CA ASN B 53 4.27 3.36 60.52
C ASN B 53 4.85 2.05 61.01
N ALA B 54 4.52 0.94 60.31
CA ALA B 54 4.98 -0.42 60.66
C ALA B 54 6.47 -0.61 60.42
N VAL B 55 7.01 0.02 59.36
CA VAL B 55 8.42 -0.04 58.99
C VAL B 55 9.26 0.90 59.86
N ASP B 56 8.74 2.09 60.21
CA ASP B 56 9.47 3.04 61.06
C ASP B 56 9.39 2.60 62.55
N GLU B 57 8.82 1.39 62.78
CA GLU B 57 8.74 0.67 64.06
C GLU B 57 9.90 -0.33 64.04
N ALA B 58 10.17 -0.89 62.84
CA ALA B 58 11.28 -1.81 62.57
C ALA B 58 12.56 -0.97 62.53
N MET B 59 12.44 0.29 62.06
CA MET B 59 13.47 1.32 61.98
C MET B 59 13.83 1.79 63.41
N ALA B 60 12.95 1.49 64.37
CA ALA B 60 13.17 1.73 65.79
C ALA B 60 13.89 0.51 66.41
N GLY B 61 13.81 -0.63 65.73
CA GLY B 61 14.47 -1.88 66.12
C GLY B 61 13.66 -2.76 67.06
N TYR B 62 12.36 -2.94 66.77
CA TYR B 62 11.49 -3.79 67.58
C TYR B 62 10.70 -4.79 66.73
N ALA B 63 10.42 -4.42 65.45
CA ALA B 63 9.73 -5.28 64.49
C ALA B 63 10.75 -5.94 63.56
N THR B 64 10.69 -7.28 63.42
CA THR B 64 11.60 -8.11 62.59
C THR B 64 11.04 -8.36 61.17
N THR B 65 9.73 -8.61 61.07
CA THR B 65 9.03 -8.94 59.82
C THR B 65 7.71 -8.17 59.66
N VAL B 66 7.46 -7.66 58.44
CA VAL B 66 6.23 -6.96 58.06
C VAL B 66 5.59 -7.80 56.98
N ASN B 67 4.33 -8.22 57.16
CA ASN B 67 3.59 -8.97 56.14
C ASN B 67 2.59 -8.05 55.46
N VAL B 68 2.68 -7.91 54.12
CA VAL B 68 1.79 -7.07 53.32
C VAL B 68 0.95 -7.98 52.42
N VAL B 69 -0.39 -7.97 52.60
CA VAL B 69 -1.30 -8.85 51.84
C VAL B 69 -2.33 -8.04 51.09
N LEU B 70 -2.34 -8.14 49.76
CA LEU B 70 -3.33 -7.46 48.93
C LEU B 70 -4.47 -8.48 48.84
N LEU B 71 -5.60 -8.11 49.43
CA LEU B 71 -6.77 -8.98 49.59
C LEU B 71 -7.65 -9.07 48.34
N GLU B 72 -8.27 -10.25 48.15
CA GLU B 72 -9.15 -10.64 47.06
C GLU B 72 -10.30 -9.65 46.86
N ASP B 73 -10.93 -9.23 47.98
CA ASP B 73 -12.04 -8.28 48.03
C ASP B 73 -11.63 -6.88 47.59
N GLY B 74 -10.72 -6.24 48.34
CA GLY B 74 -10.23 -4.91 48.03
C GLY B 74 -9.40 -4.29 49.13
N GLY B 75 -9.39 -4.95 50.27
CA GLY B 75 -8.64 -4.46 51.41
C GLY B 75 -7.16 -4.73 51.30
N VAL B 76 -6.44 -4.39 52.37
CA VAL B 76 -4.99 -4.59 52.53
C VAL B 76 -4.74 -4.97 53.98
N GLU B 77 -3.91 -6.00 54.17
CA GLU B 77 -3.54 -6.47 55.50
C GLU B 77 -2.08 -6.17 55.73
N VAL B 78 -1.79 -5.37 56.76
CA VAL B 78 -0.41 -5.06 57.07
C VAL B 78 -0.15 -5.57 58.47
N ALA B 79 0.42 -6.79 58.54
CA ALA B 79 0.78 -7.47 59.78
C ALA B 79 2.24 -7.17 60.14
N ASP B 80 2.58 -7.25 61.45
CA ASP B 80 3.94 -7.02 61.95
C ASP B 80 4.18 -7.65 63.33
N ASP B 81 5.47 -7.80 63.71
CA ASP B 81 5.89 -8.34 65.00
C ASP B 81 6.63 -7.25 65.81
N GLY B 82 6.01 -6.07 65.87
CA GLY B 82 6.51 -4.91 66.60
C GLY B 82 6.23 -4.97 68.09
N ARG B 83 5.74 -3.84 68.64
CA ARG B 83 5.42 -3.68 70.06
C ARG B 83 3.92 -3.78 70.37
N GLY B 84 3.11 -3.10 69.55
CA GLY B 84 1.67 -3.04 69.68
C GLY B 84 1.20 -1.60 69.79
N ILE B 85 0.08 -1.25 69.11
CA ILE B 85 -0.50 0.10 69.12
C ILE B 85 -1.10 0.38 70.50
N PRO B 86 -0.70 1.49 71.19
CA PRO B 86 -1.25 1.76 72.55
C PRO B 86 -2.76 1.55 72.67
N VAL B 87 -3.19 0.56 73.49
CA VAL B 87 -4.60 0.20 73.61
C VAL B 87 -5.36 0.94 74.72
N ALA B 88 -4.74 1.11 75.91
CA ALA B 88 -5.38 1.74 77.08
C ALA B 88 -5.93 3.16 76.85
N THR B 89 -6.79 3.64 77.79
CA THR B 89 -7.46 4.93 77.75
C THR B 89 -6.46 6.12 77.83
N HIS B 90 -6.53 6.99 76.81
CA HIS B 90 -5.75 8.22 76.55
C HIS B 90 -6.10 9.36 77.56
N ALA B 91 -5.61 10.59 77.31
CA ALA B 91 -5.86 11.79 78.13
C ALA B 91 -7.33 12.25 78.05
N SER B 92 -7.94 12.16 76.83
CA SER B 92 -9.32 12.55 76.53
C SER B 92 -10.37 11.69 77.28
N GLY B 93 -10.14 10.38 77.34
CA GLY B 93 -11.00 9.40 78.00
C GLY B 93 -11.31 8.19 77.13
N ILE B 94 -11.06 8.30 75.81
CA ILE B 94 -11.28 7.28 74.78
C ILE B 94 -9.95 6.55 74.45
N PRO B 95 -9.93 5.18 74.32
CA PRO B 95 -8.66 4.45 74.03
C PRO B 95 -7.75 5.06 72.95
N THR B 96 -6.42 4.96 73.17
CA THR B 96 -5.36 5.51 72.31
C THR B 96 -5.40 4.98 70.84
N VAL B 97 -5.92 3.73 70.63
CA VAL B 97 -6.07 3.17 69.28
C VAL B 97 -7.01 4.06 68.46
N ASP B 98 -8.15 4.48 69.07
CA ASP B 98 -9.18 5.36 68.49
C ASP B 98 -8.66 6.78 68.30
N VAL B 99 -7.81 7.22 69.23
CA VAL B 99 -7.19 8.54 69.25
C VAL B 99 -6.26 8.73 68.04
N VAL B 100 -5.44 7.70 67.72
CA VAL B 100 -4.51 7.76 66.59
C VAL B 100 -5.22 7.62 65.22
N MET B 101 -6.44 7.05 65.23
CA MET B 101 -7.24 6.79 64.02
C MET B 101 -8.22 7.92 63.59
N THR B 102 -8.36 9.01 64.40
CA THR B 102 -9.25 10.16 64.09
C THR B 102 -8.63 11.53 64.51
N GLN B 103 -7.39 11.86 64.04
CA GLN B 103 -6.69 13.11 64.37
C GLN B 103 -5.93 13.77 63.17
N LEU B 104 -4.58 13.92 63.31
CA LEU B 104 -3.67 14.54 62.32
C LEU B 104 -3.69 13.86 60.95
N GLY B 125 -1.61 11.65 58.50
CA GLY B 125 -1.33 10.40 59.22
C GLY B 125 -2.20 9.22 58.84
N VAL B 126 -2.23 8.18 59.68
CA VAL B 126 -3.00 6.94 59.49
C VAL B 126 -4.51 7.16 59.62
N SER B 127 -4.93 8.28 60.26
CA SER B 127 -6.35 8.65 60.47
C SER B 127 -7.12 8.75 59.15
N VAL B 128 -6.43 9.27 58.11
CA VAL B 128 -6.91 9.49 56.75
C VAL B 128 -7.26 8.16 56.04
N VAL B 129 -6.60 7.06 56.45
CA VAL B 129 -6.85 5.71 55.90
C VAL B 129 -8.26 5.30 56.32
N ASN B 130 -8.57 5.44 57.62
CA ASN B 130 -9.88 5.13 58.21
C ASN B 130 -10.97 6.05 57.67
N ALA B 131 -10.60 7.32 57.40
CA ALA B 131 -11.48 8.34 56.85
C ALA B 131 -11.92 7.93 55.45
N LEU B 132 -10.97 7.44 54.64
CA LEU B 132 -11.20 6.98 53.28
C LEU B 132 -11.42 5.46 53.20
N SER B 133 -11.79 4.84 54.33
CA SER B 133 -12.10 3.40 54.44
C SER B 133 -13.59 3.15 54.75
N THR B 134 -14.20 2.16 54.06
CA THR B 134 -15.58 1.71 54.30
C THR B 134 -15.56 0.89 55.62
N ARG B 135 -14.40 0.26 55.92
CA ARG B 135 -14.09 -0.56 57.09
C ARG B 135 -12.56 -0.61 57.32
N LEU B 136 -12.15 -0.50 58.58
CA LEU B 136 -10.75 -0.57 58.99
C LEU B 136 -10.68 -1.32 60.33
N GLU B 137 -10.22 -2.59 60.32
CA GLU B 137 -10.09 -3.42 61.51
C GLU B 137 -8.66 -3.26 62.02
N VAL B 138 -8.44 -3.16 63.36
CA VAL B 138 -7.09 -3.01 63.94
C VAL B 138 -6.80 -4.06 65.03
N GLU B 139 -6.05 -5.11 64.68
CA GLU B 139 -5.69 -6.15 65.65
C GLU B 139 -4.37 -5.84 66.34
N ILE B 140 -4.43 -5.65 67.67
CA ILE B 140 -3.26 -5.31 68.49
C ILE B 140 -2.96 -6.43 69.46
N LYS B 141 -1.67 -6.83 69.54
CA LYS B 141 -1.17 -7.84 70.45
C LYS B 141 -0.13 -7.20 71.38
N ARG B 142 -0.63 -6.58 72.49
CA ARG B 142 0.19 -5.91 73.50
C ARG B 142 -0.43 -5.97 74.90
N ASP B 143 0.44 -5.87 75.93
CA ASP B 143 0.15 -5.86 77.37
C ASP B 143 -0.48 -7.18 77.88
N GLY B 144 0.10 -8.31 77.45
CA GLY B 144 -0.30 -9.66 77.85
C GLY B 144 -1.59 -10.23 77.27
N TYR B 145 -2.33 -9.43 76.46
CA TYR B 145 -3.60 -9.78 75.83
C TYR B 145 -3.69 -9.25 74.39
N GLU B 146 -4.58 -9.83 73.57
CA GLU B 146 -4.84 -9.37 72.21
C GLU B 146 -6.24 -8.70 72.10
N TRP B 147 -6.41 -7.75 71.17
CA TRP B 147 -7.66 -6.98 71.05
C TRP B 147 -8.33 -7.00 69.66
N SER B 148 -9.59 -6.49 69.60
CA SER B 148 -10.40 -6.44 68.38
C SER B 148 -10.39 -5.07 67.68
N GLN B 149 -11.00 -4.03 68.30
CA GLN B 149 -11.22 -2.65 67.82
C GLN B 149 -11.48 -2.55 66.30
N VAL B 150 -12.76 -2.53 65.94
CA VAL B 150 -13.23 -2.44 64.55
C VAL B 150 -13.86 -1.06 64.30
N TYR B 151 -13.65 -0.48 63.11
CA TYR B 151 -14.22 0.81 62.72
C TYR B 151 -15.11 0.59 61.50
N GLU B 152 -16.42 0.87 61.65
CA GLU B 152 -17.42 0.72 60.60
C GLU B 152 -17.67 2.09 59.97
N LYS B 153 -17.28 2.31 58.68
CA LYS B 153 -17.41 3.60 57.96
C LYS B 153 -16.91 4.80 58.81
N SER B 154 -15.73 4.59 59.46
CA SER B 154 -14.96 5.48 60.37
C SER B 154 -15.53 5.57 61.82
N GLU B 155 -16.55 4.75 62.15
CA GLU B 155 -17.18 4.75 63.49
C GLU B 155 -16.49 3.77 64.50
N PRO B 156 -15.71 4.27 65.53
CA PRO B 156 -15.06 3.33 66.49
C PRO B 156 -16.10 2.59 67.34
N LEU B 157 -16.34 1.32 66.99
CA LEU B 157 -17.37 0.51 67.64
C LEU B 157 -16.96 -0.06 69.02
N GLY B 158 -15.97 -0.96 69.06
CA GLY B 158 -15.56 -1.56 70.33
C GLY B 158 -14.38 -2.51 70.26
N LEU B 159 -13.55 -2.49 71.32
CA LEU B 159 -12.37 -3.34 71.45
C LEU B 159 -12.60 -4.47 72.45
N LYS B 160 -12.74 -5.70 71.92
CA LYS B 160 -12.98 -6.92 72.68
C LYS B 160 -11.68 -7.66 72.99
N GLN B 161 -11.44 -7.86 74.30
CA GLN B 161 -10.26 -8.56 74.79
C GLN B 161 -10.56 -10.05 74.94
N GLY B 162 -9.99 -10.84 74.04
CA GLY B 162 -10.12 -12.30 74.05
C GLY B 162 -8.92 -12.96 74.71
N ALA B 163 -8.32 -13.95 74.00
CA ALA B 163 -7.18 -14.78 74.42
C ALA B 163 -5.94 -14.01 74.97
N PRO B 164 -5.24 -14.54 76.00
CA PRO B 164 -4.06 -13.84 76.53
C PRO B 164 -2.77 -14.21 75.79
N THR B 165 -2.34 -13.31 74.88
CA THR B 165 -1.14 -13.47 74.05
C THR B 165 0.12 -12.85 74.70
N LYS B 166 1.11 -13.70 75.06
CA LYS B 166 2.35 -13.17 75.63
C LYS B 166 3.32 -12.71 74.53
N LYS B 167 2.85 -12.69 73.25
CA LYS B 167 3.63 -12.29 72.08
C LYS B 167 3.18 -10.94 71.51
N THR B 168 4.16 -10.09 71.14
CA THR B 168 3.99 -8.73 70.65
C THR B 168 3.93 -8.60 69.12
N GLY B 169 3.14 -7.62 68.66
CA GLY B 169 2.92 -7.28 67.25
C GLY B 169 1.65 -6.46 67.02
N SER B 170 1.21 -6.37 65.74
CA SER B 170 0.01 -5.65 65.29
C SER B 170 -0.45 -6.15 63.88
N THR B 171 -1.68 -5.77 63.44
CA THR B 171 -2.28 -6.12 62.14
C THR B 171 -3.38 -5.13 61.79
N VAL B 172 -3.27 -4.46 60.66
CA VAL B 172 -4.28 -3.50 60.21
C VAL B 172 -4.85 -3.99 58.88
N ARG B 173 -6.19 -4.17 58.82
CA ARG B 173 -6.90 -4.59 57.61
C ARG B 173 -7.87 -3.49 57.24
N PHE B 174 -7.65 -2.82 56.10
CA PHE B 174 -8.51 -1.71 55.69
C PHE B 174 -9.06 -1.86 54.28
N TRP B 175 -10.35 -1.58 54.10
CA TRP B 175 -10.98 -1.66 52.80
C TRP B 175 -11.22 -0.27 52.31
N ALA B 176 -10.64 0.08 51.15
CA ALA B 176 -10.77 1.40 50.52
C ALA B 176 -12.21 1.69 50.07
N ASP B 177 -12.63 2.99 50.10
CA ASP B 177 -13.99 3.41 49.73
C ASP B 177 -14.13 3.70 48.22
N PRO B 178 -14.91 2.90 47.44
CA PRO B 178 -15.05 3.18 46.00
C PRO B 178 -15.91 4.40 45.71
N ALA B 179 -16.69 4.87 46.70
CA ALA B 179 -17.54 6.07 46.58
C ALA B 179 -16.67 7.36 46.57
N VAL B 180 -15.42 7.24 47.07
CA VAL B 180 -14.42 8.31 47.16
C VAL B 180 -13.40 8.20 46.00
N PHE B 181 -12.82 6.99 45.80
CA PHE B 181 -11.81 6.71 44.78
C PHE B 181 -12.36 6.19 43.47
N GLU B 182 -11.71 6.62 42.36
CA GLU B 182 -11.99 6.19 40.99
C GLU B 182 -11.86 4.67 40.91
N THR B 183 -10.69 4.15 41.37
CA THR B 183 -10.34 2.73 41.41
C THR B 183 -10.02 2.30 42.84
N THR B 184 -10.20 1.01 43.15
CA THR B 184 -9.88 0.40 44.44
C THR B 184 -8.89 -0.77 44.23
N GLU B 185 -8.28 -0.79 43.04
CA GLU B 185 -7.33 -1.80 42.65
C GLU B 185 -5.90 -1.27 42.71
N TYR B 186 -5.07 -1.93 43.55
CA TYR B 186 -3.67 -1.60 43.76
C TYR B 186 -2.76 -2.33 42.76
N ASP B 187 -1.71 -1.65 42.27
CA ASP B 187 -0.75 -2.23 41.34
C ASP B 187 0.26 -3.00 42.16
N PHE B 188 0.31 -4.32 41.93
CA PHE B 188 1.26 -5.16 42.64
C PHE B 188 2.68 -4.69 42.39
N GLU B 189 3.11 -4.50 41.11
CA GLU B 189 4.47 -4.06 40.75
C GLU B 189 4.87 -2.76 41.45
N THR B 190 3.95 -1.76 41.51
CA THR B 190 4.19 -0.48 42.17
C THR B 190 4.44 -0.75 43.63
N VAL B 191 3.57 -1.55 44.26
CA VAL B 191 3.70 -1.94 45.67
C VAL B 191 5.02 -2.67 45.88
N ALA B 192 5.24 -3.72 45.08
CA ALA B 192 6.42 -4.58 45.07
C ALA B 192 7.71 -3.81 45.05
N ARG B 193 7.84 -2.86 44.10
CA ARG B 193 9.04 -2.03 43.92
C ARG B 193 9.33 -1.18 45.18
N ARG B 194 8.31 -0.46 45.72
CA ARG B 194 8.47 0.39 46.91
C ARG B 194 8.77 -0.37 48.18
N LEU B 195 8.33 -1.63 48.29
CA LEU B 195 8.65 -2.40 49.49
C LEU B 195 10.08 -2.94 49.41
N GLN B 196 10.53 -3.30 48.20
CA GLN B 196 11.88 -3.83 47.94
C GLN B 196 12.93 -2.86 48.48
N GLU B 197 12.82 -1.56 48.12
CA GLU B 197 13.72 -0.51 48.59
C GLU B 197 13.60 -0.32 50.09
N MET B 198 12.41 -0.60 50.66
CA MET B 198 12.16 -0.49 52.10
C MET B 198 13.01 -1.45 52.91
N ALA B 199 13.33 -2.61 52.33
CA ALA B 199 14.16 -3.63 52.94
C ALA B 199 15.64 -3.33 52.70
N PHE B 200 15.96 -2.54 51.65
CA PHE B 200 17.33 -2.13 51.31
C PHE B 200 17.81 -1.11 52.29
N LEU B 201 16.92 -0.17 52.65
CA LEU B 201 17.17 0.89 53.60
C LEU B 201 17.35 0.32 55.03
N ASN B 202 16.61 -0.75 55.40
CA ASN B 202 16.77 -1.37 56.71
C ASN B 202 17.38 -2.78 56.60
N LYS B 203 18.68 -2.85 56.93
CA LYS B 203 19.56 -4.03 56.87
C LYS B 203 19.01 -5.34 57.53
N GLY B 204 18.13 -5.22 58.52
CA GLY B 204 17.62 -6.40 59.20
C GLY B 204 16.12 -6.50 59.36
N LEU B 205 15.38 -6.32 58.27
CA LEU B 205 13.92 -6.40 58.24
C LEU B 205 13.47 -7.27 57.07
N THR B 206 12.40 -8.05 57.26
CA THR B 206 11.77 -8.88 56.22
C THR B 206 10.42 -8.29 55.87
N ILE B 207 10.14 -8.19 54.59
CA ILE B 207 8.87 -7.66 54.08
C ILE B 207 8.27 -8.75 53.19
N ASN B 208 7.05 -9.20 53.51
CA ASN B 208 6.46 -10.27 52.76
C ASN B 208 5.15 -9.86 52.07
N LEU B 209 5.26 -9.59 50.76
CA LEU B 209 4.15 -9.18 49.92
C LEU B 209 3.50 -10.36 49.21
N THR B 210 2.18 -10.50 49.35
CA THR B 210 1.37 -11.55 48.73
C THR B 210 0.11 -10.92 48.16
N ASP B 211 -0.30 -11.40 46.98
CA ASP B 211 -1.46 -10.93 46.26
C ASP B 211 -2.44 -12.07 46.12
N GLU B 212 -3.61 -11.90 46.75
CA GLU B 212 -4.69 -12.89 46.79
C GLU B 212 -5.47 -13.03 45.47
N ARG B 213 -5.84 -11.90 44.83
CA ARG B 213 -6.68 -11.84 43.62
C ARG B 213 -5.97 -12.31 42.31
N VAL B 214 -5.15 -13.36 42.45
CA VAL B 214 -4.41 -14.01 41.37
C VAL B 214 -5.31 -15.11 40.79
N THR B 215 -5.64 -14.98 39.49
CA THR B 215 -6.48 -15.91 38.73
C THR B 215 -5.80 -17.30 38.63
N GLN B 216 -6.62 -18.36 38.68
CA GLN B 216 -6.28 -19.79 38.68
C GLN B 216 -5.03 -20.22 37.85
N ASP B 217 -4.77 -19.53 36.73
CA ASP B 217 -3.71 -19.86 35.79
C ASP B 217 -2.46 -18.94 35.82
N GLU B 218 -2.65 -17.61 35.61
CA GLU B 218 -1.70 -16.49 35.44
C GLU B 218 -0.29 -16.70 36.04
N VAL B 219 0.74 -16.28 35.25
CA VAL B 219 2.17 -16.34 35.59
C VAL B 219 2.51 -15.38 36.73
N VAL B 220 2.94 -15.96 37.85
CA VAL B 220 3.25 -15.29 39.12
C VAL B 220 4.75 -15.01 39.35
N ASP B 221 5.61 -15.95 38.93
CA ASP B 221 7.07 -15.98 39.07
C ASP B 221 7.83 -14.73 38.60
N GLU B 222 8.91 -14.39 39.34
CA GLU B 222 9.83 -13.27 39.08
C GLU B 222 10.69 -13.63 37.88
N VAL B 223 11.28 -14.83 37.93
CA VAL B 223 12.05 -15.40 36.83
C VAL B 223 11.06 -16.33 36.12
N VAL B 224 10.58 -15.94 34.93
CA VAL B 224 9.62 -16.75 34.18
C VAL B 224 10.44 -17.70 33.31
N SER B 225 10.44 -19.01 33.70
CA SER B 225 11.18 -20.12 33.08
C SER B 225 11.04 -20.10 31.57
N ASP B 226 12.17 -20.10 30.86
CA ASP B 226 12.19 -20.08 29.39
C ASP B 226 11.65 -21.38 28.76
N VAL B 227 11.47 -22.46 29.57
CA VAL B 227 10.98 -23.79 29.14
C VAL B 227 9.67 -24.26 29.82
N ALA B 228 9.49 -25.62 29.80
CA ALA B 228 8.42 -26.50 30.29
C ALA B 228 7.24 -25.82 30.91
N GLU B 229 7.45 -25.28 32.14
CA GLU B 229 6.48 -24.64 33.04
C GLU B 229 5.56 -25.71 33.69
N ALA B 230 5.75 -27.05 33.39
CA ALA B 230 4.88 -28.10 33.95
C ALA B 230 5.46 -29.56 34.03
N PRO B 231 4.80 -30.50 34.80
CA PRO B 231 5.31 -31.88 34.88
C PRO B 231 5.18 -32.65 33.57
N VAL B 247 -1.22 -17.56 43.83
CA VAL B 247 -0.95 -16.44 44.74
C VAL B 247 0.47 -15.81 44.51
N LYS B 248 0.50 -14.54 44.05
CA LYS B 248 1.73 -13.77 43.75
C LYS B 248 2.45 -13.41 45.06
N SER B 249 3.53 -14.14 45.38
CA SER B 249 4.28 -13.94 46.63
C SER B 249 5.74 -13.57 46.36
N ARG B 250 6.30 -12.64 47.19
CA ARG B 250 7.67 -12.14 47.12
C ARG B 250 8.13 -11.79 48.50
N THR B 251 9.37 -12.17 48.86
CA THR B 251 10.00 -11.88 50.17
C THR B 251 11.26 -11.01 50.00
N PHE B 252 11.43 -10.01 50.88
CA PHE B 252 12.56 -9.08 50.85
C PHE B 252 13.34 -9.11 52.14
N HIS B 253 14.64 -9.39 52.04
CA HIS B 253 15.59 -9.42 53.14
C HIS B 253 16.98 -9.23 52.54
N TYR B 254 17.61 -8.09 52.83
CA TYR B 254 18.92 -7.80 52.26
C TYR B 254 19.97 -7.52 53.36
N PRO B 255 20.60 -8.60 53.90
CA PRO B 255 21.58 -8.45 54.98
C PRO B 255 22.73 -7.49 54.74
N GLY B 256 22.97 -7.11 53.48
CA GLY B 256 24.03 -6.18 53.10
C GLY B 256 23.70 -4.72 53.34
N GLY B 257 22.41 -4.39 53.30
CA GLY B 257 21.92 -3.02 53.47
C GLY B 257 22.11 -2.25 52.18
N LEU B 258 22.66 -1.02 52.25
CA LEU B 258 22.91 -0.19 51.06
C LEU B 258 23.91 -0.85 50.09
N VAL B 259 24.84 -1.72 50.62
CA VAL B 259 25.84 -2.50 49.86
C VAL B 259 25.09 -3.43 48.89
N ASP B 260 24.09 -4.18 49.43
CA ASP B 260 23.23 -5.07 48.68
C ASP B 260 22.41 -4.30 47.66
N PHE B 261 22.08 -3.03 47.98
CA PHE B 261 21.32 -2.12 47.13
C PHE B 261 22.15 -1.68 45.92
N VAL B 262 23.45 -1.33 46.11
CA VAL B 262 24.30 -0.88 44.99
C VAL B 262 24.65 -2.07 44.07
N LYS B 263 24.71 -3.30 44.62
CA LYS B 263 24.93 -4.53 43.85
C LYS B 263 23.74 -4.65 42.88
N HIS B 264 22.53 -4.42 43.41
CA HIS B 264 21.27 -4.43 42.68
C HIS B 264 21.25 -3.34 41.63
N ILE B 265 21.79 -2.16 41.97
CA ILE B 265 21.84 -1.03 41.04
C ILE B 265 22.81 -1.31 39.86
N ASN B 266 24.09 -1.59 40.17
CA ASN B 266 25.15 -1.87 39.20
C ASN B 266 25.13 -3.28 38.58
N ARG B 267 24.02 -4.04 38.76
CA ARG B 267 23.82 -5.38 38.22
C ARG B 267 24.08 -5.38 36.70
N THR B 268 23.35 -4.53 35.97
CA THR B 268 23.40 -4.38 34.52
C THR B 268 24.43 -3.33 34.05
N LYS B 269 24.57 -2.21 34.80
CA LYS B 269 25.52 -1.09 34.58
C LYS B 269 26.99 -1.53 34.43
N ASN B 270 27.32 -2.71 35.04
CA ASN B 270 28.60 -3.44 35.07
C ASN B 270 29.77 -2.53 35.46
N ALA B 271 29.98 -2.46 36.78
CA ALA B 271 30.97 -1.65 37.50
C ALA B 271 32.40 -1.93 37.09
N ILE B 272 33.24 -0.88 37.23
CA ILE B 272 34.69 -0.89 36.94
C ILE B 272 35.37 -1.69 38.06
N HIS B 273 35.51 -1.05 39.24
CA HIS B 273 36.11 -1.61 40.44
C HIS B 273 35.17 -2.62 41.16
N SER B 274 35.70 -3.41 42.12
CA SER B 274 34.92 -4.43 42.83
C SER B 274 34.51 -4.07 44.28
N SER B 275 35.24 -3.12 44.93
CA SER B 275 35.00 -2.68 46.31
C SER B 275 33.89 -1.62 46.50
N ILE B 276 32.71 -2.05 47.02
CA ILE B 276 31.57 -1.17 47.32
C ILE B 276 31.96 -0.31 48.53
N VAL B 277 31.90 1.02 48.39
CA VAL B 277 32.26 1.94 49.49
C VAL B 277 31.07 2.02 50.46
N ASP B 278 31.31 1.70 51.75
CA ASP B 278 30.29 1.76 52.81
C ASP B 278 30.88 2.29 54.09
N PHE B 279 30.19 3.28 54.67
CA PHE B 279 30.54 3.97 55.91
C PHE B 279 29.32 4.57 56.56
N SER B 280 29.30 4.53 57.88
CA SER B 280 28.20 5.05 58.67
C SER B 280 28.69 6.19 59.56
N GLY B 281 27.90 7.25 59.65
CA GLY B 281 28.24 8.44 60.45
C GLY B 281 27.24 8.80 61.53
N LYS B 282 27.59 8.49 62.79
CA LYS B 282 26.78 8.78 63.98
C LYS B 282 26.79 10.31 64.20
N GLY B 283 25.59 10.89 64.31
CA GLY B 283 25.47 12.32 64.50
C GLY B 283 24.98 12.75 65.86
N THR B 284 25.21 14.03 66.17
CA THR B 284 24.83 14.69 67.44
C THR B 284 23.28 14.83 67.60
N GLY B 285 22.53 14.48 66.55
CA GLY B 285 21.07 14.50 66.45
C GLY B 285 20.58 13.95 65.12
N HIS B 286 21.49 13.26 64.40
CA HIS B 286 21.29 12.64 63.09
C HIS B 286 22.08 11.30 62.98
N GLU B 287 22.13 10.71 61.75
CA GLU B 287 22.81 9.43 61.43
C GLU B 287 22.80 9.21 59.89
N VAL B 288 23.99 9.18 59.27
CA VAL B 288 24.14 8.99 57.82
C VAL B 288 24.80 7.63 57.45
N GLU B 289 24.46 7.08 56.27
CA GLU B 289 25.02 5.83 55.75
C GLU B 289 25.12 5.96 54.20
N ILE B 290 26.33 5.77 53.63
CA ILE B 290 26.54 5.90 52.18
C ILE B 290 27.24 4.69 51.58
N ALA B 291 26.68 4.17 50.48
CA ALA B 291 27.26 3.08 49.72
C ALA B 291 27.50 3.58 48.31
N MET B 292 28.67 3.24 47.74
CA MET B 292 29.12 3.68 46.43
C MET B 292 29.75 2.60 45.63
N GLN B 293 29.71 2.80 44.32
CA GLN B 293 30.34 2.01 43.26
C GLN B 293 30.24 2.85 41.98
N TRP B 294 31.27 2.77 41.12
CA TRP B 294 31.33 3.51 39.85
C TRP B 294 31.19 2.51 38.72
N ASN B 295 30.50 2.91 37.65
CA ASN B 295 30.19 2.02 36.54
C ASN B 295 30.70 2.44 35.17
N ALA B 296 30.55 1.52 34.21
CA ALA B 296 30.84 1.71 32.79
C ALA B 296 29.77 2.65 32.21
N GLY B 297 28.57 2.62 32.80
CA GLY B 297 27.39 3.43 32.45
C GLY B 297 27.58 4.91 32.22
N TYR B 298 26.56 5.54 31.62
CA TYR B 298 26.60 6.95 31.21
C TYR B 298 25.89 7.96 32.15
N SER B 299 25.25 7.52 33.26
CA SER B 299 24.58 8.48 34.16
C SER B 299 24.74 8.20 35.67
N GLU B 300 24.38 9.23 36.47
CA GLU B 300 24.35 9.30 37.93
C GLU B 300 23.10 8.60 38.53
N SER B 301 23.31 7.50 39.27
CA SER B 301 22.23 6.79 39.95
C SER B 301 22.44 6.96 41.46
N VAL B 302 22.40 8.23 41.93
CA VAL B 302 22.66 8.62 43.34
C VAL B 302 21.34 8.90 44.09
N HIS B 303 20.67 7.85 44.58
CA HIS B 303 19.39 7.92 45.27
C HIS B 303 19.55 8.32 46.73
N THR B 304 18.87 9.39 47.16
CA THR B 304 18.98 9.91 48.52
C THR B 304 17.75 9.66 49.35
N PHE B 305 17.97 9.45 50.66
CA PHE B 305 16.91 9.19 51.62
C PHE B 305 17.12 9.90 52.95
N ALA B 306 16.03 10.46 53.48
CA ALA B 306 15.98 11.15 54.75
C ALA B 306 14.80 10.54 55.47
N ASN B 307 15.09 9.67 56.46
CA ASN B 307 14.10 8.93 57.23
C ASN B 307 13.18 8.11 56.32
N THR B 308 13.77 7.12 55.60
CA THR B 308 13.10 6.17 54.67
C THR B 308 12.32 6.84 53.50
N ILE B 309 12.37 8.18 53.41
CA ILE B 309 11.71 8.99 52.40
C ILE B 309 12.70 9.29 51.27
N ASN B 310 12.28 9.10 50.00
CA ASN B 310 13.15 9.38 48.87
C ASN B 310 13.22 10.88 48.58
N THR B 311 14.34 11.53 48.97
CA THR B 311 14.56 12.96 48.72
C THR B 311 15.12 13.19 47.29
N HIS B 312 14.28 12.90 46.26
CA HIS B 312 14.69 13.02 44.85
C HIS B 312 15.07 14.46 44.43
N GLU B 313 14.41 15.47 45.04
CA GLU B 313 14.67 16.87 44.78
C GLU B 313 16.07 17.30 45.19
N GLY B 314 16.55 16.77 46.31
CA GLY B 314 17.88 17.07 46.79
C GLY B 314 17.99 17.15 48.28
N GLY B 315 18.27 18.35 48.77
CA GLY B 315 18.46 18.60 50.19
C GLY B 315 19.91 18.67 50.63
N THR B 316 20.13 19.25 51.83
CA THR B 316 21.44 19.47 52.46
C THR B 316 22.36 18.24 52.52
N HIS B 317 21.79 17.02 52.70
CA HIS B 317 22.59 15.79 52.76
C HIS B 317 23.24 15.46 51.42
N GLU B 318 22.57 15.81 50.31
CA GLU B 318 23.06 15.59 48.95
C GLU B 318 24.19 16.61 48.65
N GLU B 319 23.93 17.90 48.92
CA GLU B 319 24.85 18.99 48.67
C GLU B 319 26.07 19.02 49.60
N GLY B 320 25.96 18.34 50.75
CA GLY B 320 27.04 18.20 51.73
C GLY B 320 28.00 17.09 51.35
N PHE B 321 27.45 16.00 50.76
CA PHE B 321 28.19 14.84 50.29
C PHE B 321 28.95 15.22 49.03
N ARG B 322 28.34 16.06 48.15
CA ARG B 322 28.93 16.53 46.90
C ARG B 322 30.13 17.47 47.13
N SER B 323 30.01 18.38 48.13
CA SER B 323 31.08 19.31 48.51
C SER B 323 32.27 18.46 48.95
N ALA B 324 32.06 17.64 50.01
CA ALA B 324 33.04 16.74 50.60
C ALA B 324 33.57 15.66 49.63
N LEU B 325 32.80 15.30 48.59
CA LEU B 325 33.28 14.32 47.60
C LEU B 325 34.26 14.98 46.64
N THR B 326 33.92 16.18 46.12
CA THR B 326 34.76 16.96 45.20
C THR B 326 36.05 17.38 45.90
N SER B 327 35.95 17.83 47.17
CA SER B 327 37.09 18.22 47.99
C SER B 327 37.95 16.99 48.45
N VAL B 328 37.63 15.78 47.94
CA VAL B 328 38.31 14.50 48.21
C VAL B 328 39.00 13.99 46.94
N VAL B 329 38.30 14.08 45.79
CA VAL B 329 38.82 13.66 44.49
C VAL B 329 39.97 14.59 44.01
N ASN B 330 40.00 15.85 44.52
CA ASN B 330 41.04 16.85 44.23
C ASN B 330 42.34 16.59 45.02
N LYS B 331 42.23 15.98 46.22
CA LYS B 331 43.36 15.62 47.08
C LYS B 331 44.15 14.43 46.48
N TYR B 332 43.42 13.47 45.83
CA TYR B 332 43.99 12.28 45.18
C TYR B 332 44.42 12.53 43.71
N ALA B 333 44.04 13.69 43.15
CA ALA B 333 44.46 14.17 41.83
C ALA B 333 45.88 14.75 42.01
N LYS B 334 46.14 15.33 43.21
CA LYS B 334 47.41 15.89 43.66
C LYS B 334 48.50 14.80 43.89
N ASP B 335 48.14 13.51 43.71
CA ASP B 335 48.98 12.32 43.85
C ASP B 335 49.69 12.01 42.51
N ARG B 336 48.91 11.66 41.46
CA ARG B 336 49.41 11.32 40.11
C ARG B 336 48.55 11.94 39.01
N GLY B 348 31.64 18.07 41.03
CA GLY B 348 31.04 18.42 39.76
C GLY B 348 30.58 17.21 38.99
N ASP B 349 29.74 17.45 37.94
CA ASP B 349 29.15 16.42 37.05
C ASP B 349 30.21 15.45 36.49
N ASP B 350 31.41 16.00 36.21
CA ASP B 350 32.65 15.39 35.71
C ASP B 350 33.03 14.11 36.48
N ILE B 351 33.20 14.25 37.82
CA ILE B 351 33.52 13.17 38.77
C ILE B 351 32.35 12.16 38.74
N ARG B 352 31.20 12.59 39.30
CA ARG B 352 29.94 11.87 39.47
C ARG B 352 29.49 11.01 38.27
N GLU B 353 29.88 11.39 37.02
CA GLU B 353 29.55 10.75 35.74
C GLU B 353 29.25 9.22 35.82
N GLY B 354 30.13 8.46 36.47
CA GLY B 354 29.97 7.01 36.60
C GLY B 354 29.01 6.60 37.69
N LEU B 355 29.37 6.92 38.94
CA LEU B 355 28.75 6.67 40.24
C LEU B 355 27.26 6.27 40.29
N ALA B 356 27.03 5.28 41.14
CA ALA B 356 25.76 4.69 41.57
C ALA B 356 25.92 4.63 43.12
N ALA B 357 25.26 5.57 43.83
CA ALA B 357 25.40 5.66 45.28
C ALA B 357 24.09 5.80 46.03
N VAL B 358 24.14 5.56 47.35
CA VAL B 358 22.94 5.65 48.19
C VAL B 358 23.24 6.36 49.50
N ILE B 359 22.70 7.59 49.68
CA ILE B 359 22.83 8.37 50.92
C ILE B 359 21.57 8.09 51.74
N SER B 360 21.76 7.62 52.97
CA SER B 360 20.65 7.28 53.85
C SER B 360 20.83 8.02 55.17
N VAL B 361 20.15 9.15 55.29
CA VAL B 361 20.25 9.95 56.49
C VAL B 361 19.05 9.73 57.39
N LYS B 362 19.29 9.89 58.68
CA LYS B 362 18.29 9.84 59.71
C LYS B 362 18.42 11.19 60.40
N VAL B 363 17.31 11.94 60.46
CA VAL B 363 17.21 13.29 61.04
C VAL B 363 16.12 13.24 62.10
N SER B 364 16.41 13.76 63.30
CA SER B 364 15.46 13.79 64.41
C SER B 364 14.27 14.70 64.09
N GLU B 365 14.52 16.01 63.86
CA GLU B 365 13.51 17.00 63.49
C GLU B 365 13.75 17.43 62.01
N PRO B 366 13.27 16.63 61.02
CA PRO B 366 13.57 16.98 59.63
C PRO B 366 12.51 17.85 58.96
N GLN B 367 12.94 18.99 58.41
CA GLN B 367 11.96 19.77 57.68
C GLN B 367 12.41 20.07 56.28
N PHE B 368 11.57 19.61 55.34
CA PHE B 368 11.70 19.63 53.90
C PHE B 368 10.88 20.76 53.27
N GLU B 369 11.50 21.51 52.33
CA GLU B 369 10.92 22.63 51.59
C GLU B 369 10.47 22.10 50.21
N GLY B 370 11.12 22.54 49.13
CA GLY B 370 10.88 22.13 47.74
C GLY B 370 9.52 22.40 47.13
N GLN B 371 9.38 22.25 45.79
CA GLN B 371 8.08 22.43 45.12
C GLN B 371 7.18 21.24 45.48
N THR B 372 7.81 20.05 45.65
CA THR B 372 7.21 18.79 46.15
C THR B 372 7.50 18.80 47.67
N LYS B 373 6.78 17.99 48.48
CA LYS B 373 7.04 17.98 49.93
C LYS B 373 8.44 17.39 50.29
N THR B 374 9.26 17.07 49.26
CA THR B 374 10.61 16.51 49.31
C THR B 374 11.65 17.65 49.51
N LYS B 375 12.97 17.36 49.36
CA LYS B 375 14.11 18.29 49.49
C LYS B 375 14.35 18.77 50.92
N LEU B 376 15.17 18.03 51.66
CA LEU B 376 15.53 18.31 53.05
C LEU B 376 16.13 19.70 53.25
N GLY B 377 15.51 20.49 54.12
CA GLY B 377 15.94 21.85 54.41
C GLY B 377 17.18 21.90 55.29
N ASN B 378 17.06 21.38 56.54
CA ASN B 378 18.02 21.31 57.66
C ASN B 378 19.48 21.65 57.29
N THR B 379 19.90 22.91 57.53
CA THR B 379 21.23 23.41 57.16
C THR B 379 22.41 22.74 57.92
N GLU B 380 22.19 22.23 59.16
CA GLU B 380 23.24 21.59 59.96
C GLU B 380 23.63 20.21 59.41
N VAL B 381 22.71 19.60 58.63
CA VAL B 381 22.88 18.31 57.96
C VAL B 381 23.95 18.43 56.86
N LYS B 382 24.02 19.61 56.16
CA LYS B 382 25.04 19.87 55.14
C LYS B 382 26.43 19.78 55.77
N SER B 383 26.65 20.56 56.85
CA SER B 383 27.91 20.57 57.59
C SER B 383 28.27 19.20 58.22
N PHE B 384 27.24 18.41 58.65
CA PHE B 384 27.42 17.08 59.25
C PHE B 384 27.83 16.06 58.19
N VAL B 385 27.05 15.96 57.10
CA VAL B 385 27.32 15.04 55.99
C VAL B 385 28.65 15.39 55.30
N GLN B 386 29.00 16.70 55.19
CA GLN B 386 30.28 17.09 54.59
C GLN B 386 31.47 16.67 55.46
N LYS B 387 31.30 16.70 56.80
CA LYS B 387 32.33 16.28 57.75
C LYS B 387 32.51 14.76 57.75
N VAL B 388 31.40 13.99 57.68
CA VAL B 388 31.38 12.53 57.62
C VAL B 388 32.05 12.04 56.32
N CYS B 389 31.62 12.62 55.19
CA CYS B 389 32.15 12.28 53.87
C CYS B 389 33.61 12.63 53.72
N ASN B 390 34.06 13.78 54.26
CA ASN B 390 35.47 14.18 54.16
C ASN B 390 36.39 13.08 54.74
N GLU B 391 36.27 12.77 56.06
CA GLU B 391 37.08 11.75 56.77
C GLU B 391 36.95 10.35 56.18
N GLN B 392 35.72 9.86 56.02
CA GLN B 392 35.48 8.50 55.56
C GLN B 392 35.81 8.27 54.08
N LEU B 393 35.68 9.29 53.22
CA LEU B 393 36.00 9.11 51.80
C LEU B 393 37.48 8.98 51.53
N THR B 394 38.32 9.94 52.01
CA THR B 394 39.79 9.92 51.87
C THR B 394 40.34 8.54 52.28
N HIS B 395 39.83 8.03 53.42
CA HIS B 395 40.15 6.75 54.06
C HIS B 395 40.05 5.54 53.10
N TRP B 396 38.99 5.49 52.25
CA TRP B 396 38.80 4.40 51.28
C TRP B 396 39.91 4.44 50.23
N PHE B 397 40.25 5.65 49.72
CA PHE B 397 41.30 5.87 48.71
C PHE B 397 42.67 5.46 49.25
N GLU B 398 42.92 5.72 50.54
CA GLU B 398 44.16 5.39 51.22
C GLU B 398 44.32 3.86 51.37
N ALA B 399 43.26 3.19 51.89
CA ALA B 399 43.21 1.73 52.14
C ALA B 399 43.07 0.87 50.89
N ASN B 400 42.32 1.35 49.88
CA ASN B 400 42.11 0.64 48.61
C ASN B 400 42.64 1.51 47.43
N PRO B 401 43.99 1.64 47.25
CA PRO B 401 44.48 2.50 46.17
C PRO B 401 44.43 1.89 44.78
N THR B 402 44.41 0.53 44.66
CA THR B 402 44.39 -0.22 43.38
C THR B 402 43.07 -0.03 42.58
N ASP B 403 41.93 0.18 43.29
CA ASP B 403 40.60 0.43 42.71
C ASP B 403 40.43 1.94 42.50
N ALA B 404 41.01 2.77 43.40
CA ALA B 404 41.04 4.23 43.37
C ALA B 404 41.70 4.76 42.09
N LYS B 405 42.64 3.97 41.54
CA LYS B 405 43.37 4.26 40.31
C LYS B 405 42.43 4.17 39.10
N VAL B 406 41.64 3.08 38.98
CA VAL B 406 40.70 2.84 37.87
C VAL B 406 39.47 3.80 37.92
N VAL B 407 39.24 4.44 39.09
CA VAL B 407 38.17 5.42 39.36
C VAL B 407 38.48 6.74 38.62
N VAL B 408 39.73 7.27 38.79
CA VAL B 408 40.20 8.52 38.18
C VAL B 408 40.37 8.38 36.66
N ASN B 409 40.67 7.14 36.16
CA ASN B 409 40.83 6.89 34.71
C ASN B 409 39.45 6.77 33.97
N LYS B 410 38.35 7.14 34.68
CA LYS B 410 36.97 7.23 34.21
C LYS B 410 36.57 8.70 34.35
N ALA B 411 36.86 9.31 35.52
CA ALA B 411 36.58 10.71 35.86
C ALA B 411 37.28 11.71 34.94
N VAL B 412 38.59 11.53 34.69
CA VAL B 412 39.36 12.41 33.78
C VAL B 412 38.95 12.14 32.31
N SER B 413 38.52 10.89 32.02
CA SER B 413 38.00 10.50 30.70
C SER B 413 36.71 11.29 30.43
N SER B 414 35.84 11.43 31.48
CA SER B 414 34.57 12.18 31.46
C SER B 414 34.80 13.67 31.20
N ALA B 415 35.87 14.25 31.78
CA ALA B 415 36.23 15.65 31.64
C ALA B 415 36.55 15.99 30.19
N GLN B 416 37.67 15.47 29.65
CA GLN B 416 38.17 15.68 28.27
C GLN B 416 37.16 15.31 27.15
N ALA B 417 36.27 14.33 27.39
CA ALA B 417 35.24 13.93 26.42
C ALA B 417 34.15 15.00 26.29
N ARG B 418 33.66 15.53 27.44
CA ARG B 418 32.64 16.58 27.47
C ARG B 418 33.27 17.99 27.31
N ILE B 419 34.62 18.09 27.40
CA ILE B 419 35.39 19.32 27.16
C ILE B 419 35.44 19.54 25.64
N ALA B 420 35.78 18.45 24.89
CA ALA B 420 35.89 18.39 23.43
C ALA B 420 34.54 18.69 22.76
N ALA B 421 33.43 18.33 23.46
CA ALA B 421 32.06 18.56 23.04
C ALA B 421 31.78 20.03 22.78
N ARG B 422 32.28 20.94 23.67
CA ARG B 422 32.12 22.41 23.54
C ARG B 422 32.73 22.98 22.23
N LYS B 423 31.83 23.58 21.40
CA LYS B 423 31.98 24.13 20.04
C LYS B 423 31.93 22.98 19.05
N SER B 432 28.13 29.39 11.82
CA SER B 432 27.12 30.30 12.37
C SER B 432 27.42 31.72 11.88
N ALA B 433 26.46 32.35 11.20
CA ALA B 433 26.60 33.72 10.68
C ALA B 433 25.22 34.27 10.36
N THR B 434 24.81 35.37 11.05
CA THR B 434 23.49 36.01 10.91
C THR B 434 22.39 34.96 10.89
N ASP B 435 22.12 34.36 12.04
CA ASP B 435 21.16 33.27 12.11
C ASP B 435 20.02 33.48 13.09
N ILE B 436 18.81 33.08 12.66
CA ILE B 436 17.60 33.06 13.49
C ILE B 436 17.82 31.90 14.47
N GLY B 437 18.23 30.76 13.91
CA GLY B 437 18.48 29.54 14.66
C GLY B 437 17.23 28.88 15.20
N GLY B 438 16.25 29.69 15.56
CA GLY B 438 15.02 29.20 16.13
C GLY B 438 14.13 28.27 15.34
N LEU B 439 14.56 27.03 15.18
CA LEU B 439 13.82 25.98 14.48
C LEU B 439 13.02 26.39 13.27
N PRO B 440 13.72 26.54 12.16
CA PRO B 440 13.39 26.95 10.80
C PRO B 440 11.92 26.83 10.51
N GLY B 441 11.52 25.65 10.08
CA GLY B 441 10.15 25.43 9.69
C GLY B 441 9.72 24.08 10.17
N LYS B 442 10.21 23.72 11.34
CA LYS B 442 9.88 22.46 11.98
C LYS B 442 9.17 22.74 13.28
N LEU B 443 8.58 23.93 13.41
CA LEU B 443 7.87 24.31 14.59
C LEU B 443 7.02 25.50 14.31
N ALA B 444 5.99 25.67 15.10
CA ALA B 444 5.11 26.85 14.97
C ALA B 444 4.87 27.54 16.33
N ASP B 445 5.80 28.42 16.72
CA ASP B 445 5.82 29.13 18.02
C ASP B 445 4.71 30.11 18.22
N CYS B 446 4.44 30.40 19.48
CA CYS B 446 3.39 31.28 19.90
C CYS B 446 3.82 32.75 19.87
N ARG B 447 2.84 33.67 19.80
CA ARG B 447 3.10 35.11 19.79
C ARG B 447 3.74 35.58 21.14
N SER B 448 3.19 35.09 22.29
CA SER B 448 3.63 35.41 23.65
C SER B 448 5.12 35.25 23.89
N THR B 449 5.72 36.34 24.35
CA THR B 449 7.13 36.49 24.67
C THR B 449 7.43 35.91 26.06
N ASP B 450 6.50 36.11 27.01
CA ASP B 450 6.58 35.69 28.41
C ASP B 450 6.36 34.16 28.61
N PRO B 451 7.38 33.42 29.12
CA PRO B 451 7.22 31.98 29.33
C PRO B 451 6.17 31.57 30.34
N ARG B 452 5.84 32.47 31.30
CA ARG B 452 4.83 32.23 32.32
C ARG B 452 3.45 31.91 31.71
N LYS B 453 3.03 32.70 30.67
CA LYS B 453 1.75 32.54 29.96
C LYS B 453 1.84 31.65 28.69
N SER B 454 3.04 31.06 28.42
CA SER B 454 3.31 30.22 27.23
C SER B 454 3.19 28.70 27.45
N GLU B 455 2.61 27.97 26.44
CA GLU B 455 2.40 26.50 26.42
C GLU B 455 2.97 25.86 25.16
N LEU B 456 3.74 24.76 25.32
CA LEU B 456 4.34 23.97 24.22
C LEU B 456 3.62 22.65 24.10
N TYR B 457 3.23 22.28 22.88
CA TYR B 457 2.53 21.04 22.65
C TYR B 457 3.36 20.11 21.76
N VAL B 458 3.84 19.01 22.34
CA VAL B 458 4.63 18.03 21.58
C VAL B 458 3.71 16.95 21.06
N VAL B 459 3.46 16.99 19.75
CA VAL B 459 2.56 16.06 19.10
C VAL B 459 3.34 15.21 18.09
N GLU B 460 2.74 14.14 17.57
CA GLU B 460 3.37 13.34 16.52
C GLU B 460 2.89 13.96 15.20
N GLY B 461 3.79 14.13 14.25
CA GLY B 461 3.50 14.78 12.97
C GLY B 461 2.22 14.37 12.28
N ASP B 462 2.09 13.05 12.06
CA ASP B 462 0.95 12.42 11.40
C ASP B 462 -0.26 12.26 12.34
N SER B 463 -0.03 12.42 13.64
CA SER B 463 -1.11 12.33 14.62
C SER B 463 -1.88 13.66 14.62
N ALA B 464 -1.41 14.65 15.36
CA ALA B 464 -2.06 15.96 15.45
C ALA B 464 -1.25 17.15 14.85
N GLY B 465 -0.21 16.88 14.06
CA GLY B 465 0.58 17.93 13.43
C GLY B 465 -0.27 19.06 12.89
N GLY B 466 -1.08 18.80 11.85
CA GLY B 466 -1.94 19.80 11.22
C GLY B 466 -3.07 20.37 12.07
N SER B 467 -3.86 19.48 12.72
CA SER B 467 -4.98 19.86 13.58
C SER B 467 -4.53 20.68 14.81
N ALA B 468 -3.43 20.30 15.50
CA ALA B 468 -2.95 21.09 16.65
C ALA B 468 -2.51 22.46 16.17
N LYS B 469 -1.67 22.51 15.10
CA LYS B 469 -1.17 23.75 14.54
C LYS B 469 -2.30 24.72 14.18
N SER B 470 -3.47 24.18 13.77
CA SER B 470 -4.57 25.01 13.35
C SER B 470 -5.62 25.29 14.45
N GLY B 471 -5.97 24.29 15.22
CA GLY B 471 -6.98 24.42 16.29
C GLY B 471 -6.61 25.38 17.39
N ARG B 472 -5.31 25.45 17.70
CA ARG B 472 -4.67 26.23 18.76
C ARG B 472 -4.99 27.73 18.84
N ASP B 473 -4.58 28.34 19.97
CA ASP B 473 -4.66 29.77 20.22
C ASP B 473 -3.22 30.23 20.20
N SER B 474 -2.75 30.60 18.98
CA SER B 474 -1.41 31.07 18.66
C SER B 474 -0.84 32.11 19.61
N MET B 475 -1.69 32.96 20.21
CA MET B 475 -1.26 34.00 21.16
C MET B 475 -0.40 33.42 22.29
N PHE B 476 -0.67 32.19 22.74
CA PHE B 476 0.09 31.57 23.83
C PHE B 476 0.43 30.07 23.64
N GLN B 477 0.04 29.47 22.51
CA GLN B 477 0.30 28.05 22.30
C GLN B 477 1.26 27.78 21.17
N ALA B 478 2.31 26.99 21.43
CA ALA B 478 3.28 26.56 20.43
C ALA B 478 3.10 25.05 20.21
N ILE B 479 3.36 24.59 18.97
CA ILE B 479 3.19 23.21 18.53
C ILE B 479 4.50 22.71 17.95
N LEU B 480 5.12 21.69 18.58
CA LEU B 480 6.33 21.05 18.07
C LEU B 480 5.91 19.66 17.58
N PRO B 481 5.60 19.50 16.25
CA PRO B 481 5.22 18.19 15.74
C PRO B 481 6.47 17.36 15.45
N LEU B 482 6.59 16.21 16.10
CA LEU B 482 7.72 15.32 15.90
C LEU B 482 7.55 14.54 14.57
N ARG B 483 8.29 15.00 13.55
CA ARG B 483 8.29 14.43 12.21
C ARG B 483 9.56 13.54 12.10
N GLY B 484 9.51 12.38 12.73
CA GLY B 484 10.64 11.46 12.79
C GLY B 484 10.62 10.49 13.95
N LYS B 485 11.72 9.73 14.10
CA LYS B 485 11.88 8.68 15.11
C LYS B 485 12.69 9.13 16.35
N ILE B 486 12.19 8.76 17.55
CA ILE B 486 12.74 9.07 18.88
C ILE B 486 13.59 7.92 19.42
N ILE B 487 14.82 8.20 19.80
CA ILE B 487 15.76 7.21 20.29
C ILE B 487 15.38 6.70 21.71
N ASN B 488 15.75 5.45 22.02
CA ASN B 488 15.55 4.88 23.34
C ASN B 488 16.77 5.31 24.15
N VAL B 489 16.69 6.54 24.66
CA VAL B 489 17.71 7.25 25.45
C VAL B 489 18.29 6.48 26.65
N GLU B 490 17.51 5.53 27.23
CA GLU B 490 17.80 4.74 28.43
C GLU B 490 19.25 4.28 28.62
N LYS B 491 19.83 3.55 27.65
CA LYS B 491 21.18 3.03 27.83
C LYS B 491 22.27 3.78 26.99
N ALA B 492 21.84 4.51 25.92
CA ALA B 492 22.71 5.26 25.01
C ALA B 492 23.53 6.36 25.65
N ARG B 493 24.69 6.65 25.02
CA ARG B 493 25.59 7.71 25.42
C ARG B 493 25.07 9.05 24.89
N ILE B 494 25.24 10.12 25.69
CA ILE B 494 24.82 11.50 25.46
C ILE B 494 25.21 11.99 24.01
N ASP B 495 26.16 11.30 23.35
CA ASP B 495 26.60 11.56 21.97
C ASP B 495 25.48 11.24 20.95
N ARG B 496 24.97 9.98 20.95
CA ARG B 496 23.90 9.54 20.05
C ARG B 496 22.55 10.18 20.39
N VAL B 497 22.34 10.51 21.69
CA VAL B 497 21.15 11.18 22.24
C VAL B 497 21.01 12.56 21.59
N LEU B 498 22.02 13.43 21.78
CA LEU B 498 22.03 14.76 21.22
C LEU B 498 22.11 14.81 19.69
N LYS B 499 22.56 13.71 19.05
CA LYS B 499 22.62 13.64 17.58
C LYS B 499 21.19 13.54 17.01
N ASN B 500 20.36 12.61 17.55
CA ASN B 500 18.96 12.35 17.17
C ASN B 500 18.16 13.64 17.09
N THR B 501 17.73 13.96 15.89
CA THR B 501 17.00 15.18 15.56
C THR B 501 15.81 15.48 16.42
N GLU B 502 14.95 14.47 16.66
CA GLU B 502 13.73 14.70 17.44
C GLU B 502 14.04 15.00 18.91
N VAL B 503 15.17 14.51 19.44
CA VAL B 503 15.62 14.82 20.80
C VAL B 503 16.19 16.24 20.80
N GLN B 504 17.13 16.51 19.86
CA GLN B 504 17.81 17.79 19.61
C GLN B 504 16.78 18.92 19.48
N ALA B 505 15.64 18.65 18.76
CA ALA B 505 14.54 19.58 18.55
C ALA B 505 13.91 20.00 19.88
N ILE B 506 13.49 19.02 20.71
CA ILE B 506 12.87 19.25 22.02
C ILE B 506 13.71 20.24 22.86
N ILE B 507 15.00 19.97 23.07
CA ILE B 507 15.90 20.80 23.86
C ILE B 507 15.91 22.24 23.35
N THR B 508 15.92 22.41 22.00
CA THR B 508 15.95 23.72 21.31
C THR B 508 14.64 24.50 21.58
N ALA B 509 13.51 23.80 21.70
CA ALA B 509 12.21 24.41 21.93
C ALA B 509 12.08 24.98 23.34
N LEU B 510 12.42 24.17 24.38
CA LEU B 510 12.33 24.56 25.80
C LEU B 510 13.37 25.64 26.18
N GLY B 511 14.53 25.62 25.52
CA GLY B 511 15.61 26.58 25.73
C GLY B 511 16.67 26.15 26.73
N THR B 512 16.27 25.37 27.77
CA THR B 512 17.14 24.82 28.84
C THR B 512 18.17 23.88 28.18
N GLY B 513 19.30 23.68 28.84
CA GLY B 513 20.34 22.82 28.29
C GLY B 513 20.17 21.33 28.46
N ILE B 514 21.31 20.64 28.72
CA ILE B 514 21.45 19.19 28.90
C ILE B 514 22.51 18.81 29.97
N HIS B 515 22.04 18.12 31.06
CA HIS B 515 22.82 17.61 32.22
C HIS B 515 23.66 18.69 32.96
N ASP B 516 24.70 19.21 32.31
CA ASP B 516 25.58 20.25 32.86
C ASP B 516 25.10 21.63 32.38
N GLU B 517 24.92 21.78 31.05
CA GLU B 517 24.47 22.99 30.36
C GLU B 517 23.01 23.34 30.70
N PHE B 518 22.29 22.43 31.38
CA PHE B 518 20.89 22.61 31.77
C PHE B 518 20.74 23.72 32.79
N ASP B 519 19.88 24.73 32.49
CA ASP B 519 19.51 25.85 33.37
C ASP B 519 18.01 26.14 33.22
N ILE B 520 17.21 25.62 34.17
CA ILE B 520 15.76 25.74 34.21
C ILE B 520 15.27 27.19 34.04
N GLY B 521 16.14 28.16 34.34
CA GLY B 521 15.83 29.59 34.20
C GLY B 521 15.48 29.94 32.78
N LYS B 522 16.19 29.31 31.82
CA LYS B 522 16.02 29.51 30.39
C LYS B 522 14.71 28.92 29.79
N LEU B 523 13.83 28.26 30.61
CA LEU B 523 12.56 27.64 30.19
C LEU B 523 11.64 28.61 29.45
N ARG B 524 11.32 28.29 28.20
CA ARG B 524 10.56 29.15 27.30
C ARG B 524 9.02 28.94 27.27
N TYR B 525 8.49 27.83 27.86
CA TYR B 525 7.04 27.54 27.90
C TYR B 525 6.84 26.92 29.24
N HIS B 526 5.95 27.46 30.11
CA HIS B 526 5.78 26.93 31.49
C HIS B 526 4.86 25.71 31.62
N LYS B 527 4.49 25.11 30.48
CA LYS B 527 3.67 23.90 30.35
C LYS B 527 4.13 23.15 29.09
N ILE B 528 4.48 21.87 29.24
CA ILE B 528 4.87 20.98 28.14
C ILE B 528 3.76 19.95 28.02
N VAL B 529 2.93 20.11 27.02
CA VAL B 529 1.80 19.22 26.81
C VAL B 529 2.14 18.14 25.76
N LEU B 530 2.39 16.91 26.24
CA LEU B 530 2.69 15.79 25.36
C LEU B 530 1.33 15.23 24.96
N MET B 531 1.01 15.24 23.66
CA MET B 531 -0.24 14.70 23.10
C MET B 531 0.10 13.56 22.13
N ALA B 532 -0.41 12.35 22.41
CA ALA B 532 -0.17 11.17 21.56
C ALA B 532 -1.33 10.18 21.63
N ASP B 533 -1.44 9.34 20.60
CA ASP B 533 -2.54 8.38 20.45
C ASP B 533 -2.58 7.27 21.49
N ALA B 534 -3.76 6.61 21.62
CA ALA B 534 -4.02 5.44 22.47
C ALA B 534 -3.54 4.22 21.69
N ASP B 535 -3.37 4.37 20.36
CA ASP B 535 -2.86 3.37 19.43
C ASP B 535 -1.44 2.95 19.82
N VAL B 536 -1.06 1.72 19.48
CA VAL B 536 0.24 1.07 19.71
C VAL B 536 1.46 2.00 19.41
N ASP B 537 1.30 2.96 18.47
CA ASP B 537 2.34 3.92 18.13
C ASP B 537 2.48 4.97 19.23
N GLY B 538 1.37 5.65 19.55
CA GLY B 538 1.30 6.71 20.56
C GLY B 538 1.83 6.32 21.93
N GLN B 539 1.52 5.08 22.36
CA GLN B 539 1.95 4.48 23.63
C GLN B 539 3.45 4.21 23.55
N HIS B 540 3.93 3.70 22.40
CA HIS B 540 5.34 3.48 22.20
C HIS B 540 6.17 4.77 22.32
N ILE B 541 5.64 5.89 21.81
CA ILE B 541 6.26 7.22 21.84
C ILE B 541 6.26 7.79 23.26
N SER B 542 5.12 7.68 23.99
CA SER B 542 4.99 8.15 25.38
C SER B 542 6.13 7.56 26.19
N THR B 543 6.25 6.20 26.19
CA THR B 543 7.33 5.48 26.87
C THR B 543 8.69 6.14 26.55
N LEU B 544 8.97 6.32 25.26
CA LEU B 544 10.21 6.93 24.79
C LEU B 544 10.50 8.33 25.35
N LEU B 545 9.44 9.19 25.44
CA LEU B 545 9.57 10.57 25.92
C LEU B 545 9.66 10.62 27.44
N LEU B 546 8.83 9.80 28.11
CA LEU B 546 8.87 9.71 29.57
C LEU B 546 10.20 9.12 30.01
N THR B 547 10.86 8.34 29.13
CA THR B 547 12.20 7.84 29.43
C THR B 547 13.17 9.02 29.38
N LEU B 548 13.04 9.88 28.35
CA LEU B 548 13.89 11.05 28.08
C LEU B 548 13.79 12.14 29.13
N LEU B 549 12.53 12.49 29.49
CA LEU B 549 12.29 13.54 30.47
C LEU B 549 12.76 13.11 31.83
N PHE B 550 12.58 11.80 32.15
CA PHE B 550 13.03 11.24 33.41
C PHE B 550 14.53 11.22 33.53
N ARG B 551 15.27 10.99 32.40
CA ARG B 551 16.73 10.90 32.43
C ARG B 551 17.41 12.22 32.17
N PHE B 552 17.24 12.77 30.98
CA PHE B 552 17.92 14.00 30.60
C PHE B 552 17.24 15.31 31.07
N MET B 553 16.02 15.25 31.62
CA MET B 553 15.34 16.48 32.03
C MET B 553 14.51 16.39 33.31
N ARG B 554 15.03 15.67 34.33
CA ARG B 554 14.31 15.43 35.59
C ARG B 554 13.74 16.72 36.30
N PRO B 555 14.47 17.88 36.37
CA PRO B 555 13.88 19.08 37.03
C PRO B 555 12.52 19.53 36.50
N LEU B 556 12.28 19.38 35.17
CA LEU B 556 11.03 19.80 34.52
C LEU B 556 9.80 19.10 35.05
N ILE B 557 9.95 17.84 35.46
CA ILE B 557 8.88 17.00 36.01
C ILE B 557 8.58 17.42 37.47
N GLU B 558 9.65 17.55 38.29
CA GLU B 558 9.61 17.89 39.73
C GLU B 558 8.96 19.25 40.00
N ASN B 559 9.31 20.25 39.16
CA ASN B 559 8.79 21.63 39.17
C ASN B 559 7.38 21.72 38.60
N GLY B 560 6.92 20.61 38.00
CA GLY B 560 5.59 20.44 37.46
C GLY B 560 5.27 21.24 36.23
N HIS B 561 6.06 21.02 35.18
CA HIS B 561 5.94 21.70 33.89
C HIS B 561 5.58 20.70 32.79
N VAL B 562 5.68 19.38 33.09
CA VAL B 562 5.39 18.30 32.15
C VAL B 562 3.98 17.74 32.38
N PHE B 563 3.16 17.76 31.32
CA PHE B 563 1.76 17.34 31.36
C PHE B 563 1.41 16.31 30.31
N LEU B 564 0.20 15.77 30.40
CA LEU B 564 -0.31 14.79 29.45
C LEU B 564 -1.70 15.22 29.07
N ALA B 565 -1.96 15.39 27.77
CA ALA B 565 -3.29 15.77 27.29
C ALA B 565 -4.23 14.65 27.64
N GLN B 566 -5.42 15.02 28.15
CA GLN B 566 -6.51 14.12 28.50
C GLN B 566 -7.65 14.33 27.44
N PRO B 567 -7.51 13.71 26.22
CA PRO B 567 -8.49 13.93 25.15
C PRO B 567 -9.75 13.10 25.38
N PRO B 568 -10.88 13.43 24.72
CA PRO B 568 -12.12 12.68 24.97
C PRO B 568 -12.00 11.21 24.64
N LEU B 569 -12.62 10.39 25.48
CA LEU B 569 -12.63 8.95 25.35
C LEU B 569 -13.69 8.49 24.35
N TYR B 570 -14.87 9.17 24.36
CA TYR B 570 -16.04 8.87 23.53
C TYR B 570 -16.68 10.09 22.85
N LYS B 571 -17.33 9.89 21.71
CA LYS B 571 -18.12 10.93 21.05
C LYS B 571 -19.55 10.37 20.87
N LEU B 572 -20.47 10.75 21.77
CA LEU B 572 -21.88 10.34 21.73
C LEU B 572 -22.50 11.10 20.54
N LYS B 573 -22.71 10.42 19.38
CA LYS B 573 -23.22 11.07 18.16
C LYS B 573 -24.74 10.95 17.96
N TRP B 574 -25.49 12.01 18.38
CA TRP B 574 -26.94 12.05 18.22
C TRP B 574 -27.29 12.44 16.77
N GLN B 575 -28.49 12.02 16.29
CA GLN B 575 -28.98 12.24 14.92
C GLN B 575 -29.44 13.68 14.63
N ARG B 576 -30.23 14.32 15.53
CA ARG B 576 -30.72 15.70 15.36
C ARG B 576 -29.87 16.70 16.16
N SER B 577 -29.37 16.27 17.33
CA SER B 577 -28.56 17.10 18.20
C SER B 577 -27.05 17.03 17.90
N ASP B 578 -26.29 18.03 18.40
CA ASP B 578 -24.84 18.13 18.27
C ASP B 578 -24.19 17.09 19.19
N PRO B 579 -23.01 16.55 18.87
CA PRO B 579 -22.44 15.49 19.72
C PRO B 579 -21.91 15.97 21.05
N GLU B 580 -22.02 15.11 22.07
CA GLU B 580 -21.54 15.37 23.44
C GLU B 580 -20.29 14.53 23.63
N PHE B 581 -19.29 15.04 24.36
CA PHE B 581 -18.04 14.29 24.56
C PHE B 581 -17.85 13.75 25.97
N ALA B 582 -17.59 12.45 26.08
CA ALA B 582 -17.37 11.79 27.36
C ALA B 582 -15.90 11.46 27.49
N TYR B 583 -15.37 11.64 28.70
CA TYR B 583 -13.96 11.42 29.01
C TYR B 583 -13.77 10.14 29.77
N SER B 584 -14.86 9.71 30.42
CA SER B 584 -14.94 8.52 31.25
C SER B 584 -15.95 7.53 30.71
N ASP B 585 -15.80 6.26 31.13
CA ASP B 585 -16.74 5.20 30.78
C ASP B 585 -18.06 5.51 31.50
N ARG B 586 -17.96 5.90 32.79
CA ARG B 586 -19.12 6.24 33.62
C ARG B 586 -19.85 7.50 33.10
N GLU B 587 -19.06 8.51 32.59
CA GLU B 587 -19.57 9.78 32.06
C GLU B 587 -20.38 9.57 30.78
N ARG B 588 -20.01 8.54 29.97
CA ARG B 588 -20.69 8.21 28.73
C ARG B 588 -22.14 7.84 29.00
N ASP B 589 -22.36 6.81 29.85
CA ASP B 589 -23.66 6.31 30.26
C ASP B 589 -24.50 7.46 30.80
N GLY B 590 -23.85 8.37 31.54
CA GLY B 590 -24.46 9.56 32.09
C GLY B 590 -25.16 10.35 31.00
N LEU B 591 -24.37 10.86 30.04
CA LEU B 591 -24.84 11.65 28.88
C LEU B 591 -25.75 10.82 27.96
N LEU B 592 -25.55 9.48 27.94
CA LEU B 592 -26.32 8.57 27.10
C LEU B 592 -27.73 8.43 27.60
N GLU B 593 -27.89 8.08 28.89
CA GLU B 593 -29.20 7.91 29.52
C GLU B 593 -29.95 9.24 29.52
N ALA B 594 -29.42 10.25 30.25
CA ALA B 594 -29.96 11.60 30.39
C ALA B 594 -30.40 12.18 29.06
N GLY B 595 -29.55 12.09 28.04
CA GLY B 595 -29.81 12.55 26.69
C GLY B 595 -30.98 11.86 26.02
N LEU B 596 -31.06 10.51 26.15
CA LEU B 596 -32.13 9.65 25.61
C LEU B 596 -33.46 9.96 26.33
N LYS B 597 -33.37 10.01 27.68
CA LYS B 597 -34.45 10.31 28.61
C LYS B 597 -35.04 11.69 28.29
N ALA B 598 -34.17 12.68 27.95
CA ALA B 598 -34.58 14.04 27.55
C ALA B 598 -35.19 14.08 26.14
N GLY B 599 -35.09 12.98 25.40
CA GLY B 599 -35.69 12.83 24.06
C GLY B 599 -34.74 13.00 22.90
N LYS B 600 -33.60 12.28 22.92
CA LYS B 600 -32.62 12.32 21.83
C LYS B 600 -32.57 10.98 21.09
N LYS B 601 -32.02 10.98 19.85
CA LYS B 601 -31.93 9.78 19.00
C LYS B 601 -30.48 9.45 18.61
N ILE B 602 -30.02 8.26 18.96
CA ILE B 602 -28.68 7.76 18.65
C ILE B 602 -28.81 6.36 18.06
N ASN B 603 -27.84 5.96 17.22
CA ASN B 603 -27.76 4.62 16.65
C ASN B 603 -27.40 3.67 17.82
N LYS B 604 -27.98 2.46 17.88
CA LYS B 604 -27.70 1.58 19.01
C LYS B 604 -26.75 0.42 18.64
N GLU B 605 -25.67 0.75 17.89
CA GLU B 605 -24.60 -0.14 17.41
C GLU B 605 -23.31 0.68 17.26
N ASP B 606 -23.34 1.69 16.35
CA ASP B 606 -22.24 2.59 16.01
C ASP B 606 -22.41 4.05 16.51
N GLY B 607 -23.42 4.28 17.33
CA GLY B 607 -23.71 5.59 17.90
C GLY B 607 -22.61 6.21 18.75
N ILE B 608 -21.78 5.37 19.43
CA ILE B 608 -20.66 5.89 20.23
C ILE B 608 -19.31 5.65 19.54
N GLN B 609 -18.46 6.68 19.63
CA GLN B 609 -17.14 6.72 19.03
C GLN B 609 -16.04 6.57 20.10
N ARG B 610 -15.41 5.41 20.19
CA ARG B 610 -14.30 5.31 21.11
C ARG B 610 -13.10 5.69 20.28
N TYR B 611 -12.49 6.78 20.70
CA TYR B 611 -11.29 7.31 20.11
C TYR B 611 -10.11 6.35 20.35
N LYS B 612 -9.19 6.33 19.42
CA LYS B 612 -7.95 5.56 19.48
C LYS B 612 -6.87 6.57 19.06
N GLY B 613 -7.20 7.42 18.09
CA GLY B 613 -6.25 8.41 17.63
C GLY B 613 -6.75 9.84 17.59
N LEU B 614 -5.81 10.77 17.86
CA LEU B 614 -5.97 12.23 17.81
C LEU B 614 -6.19 12.66 16.37
N GLY B 615 -5.81 11.79 15.44
CA GLY B 615 -6.01 12.03 14.01
C GLY B 615 -7.48 12.05 13.65
N GLU B 616 -8.34 11.39 14.50
CA GLU B 616 -9.79 11.29 14.34
C GLU B 616 -10.49 12.63 14.52
N MET B 617 -10.11 13.36 15.57
CA MET B 617 -10.70 14.65 15.90
C MET B 617 -10.40 15.79 14.95
N ASP B 618 -11.47 16.54 14.63
CA ASP B 618 -11.42 17.75 13.81
C ASP B 618 -10.64 18.84 14.55
N ALA B 619 -10.19 19.89 13.83
CA ALA B 619 -9.46 21.01 14.43
C ALA B 619 -10.27 21.61 15.57
N LYS B 620 -11.56 22.00 15.27
CA LYS B 620 -12.54 22.60 16.20
C LYS B 620 -12.75 21.73 17.42
N GLU B 621 -13.04 20.43 17.20
CA GLU B 621 -13.18 19.42 18.23
C GLU B 621 -11.94 19.41 19.13
N LEU B 622 -10.69 19.40 18.54
CA LEU B 622 -9.42 19.39 19.27
C LEU B 622 -9.24 20.58 20.26
N TRP B 623 -9.72 21.78 19.89
CA TRP B 623 -9.63 22.95 20.76
C TRP B 623 -10.71 22.84 21.85
N GLU B 624 -11.98 22.61 21.45
CA GLU B 624 -13.14 22.45 22.35
C GLU B 624 -13.03 21.31 23.36
N THR B 625 -12.28 20.27 23.04
CA THR B 625 -12.21 19.14 23.97
C THR B 625 -10.90 18.94 24.71
N THR B 626 -9.75 19.26 24.08
CA THR B 626 -8.48 18.94 24.72
C THR B 626 -7.44 20.08 24.71
N MET B 627 -7.70 21.22 24.09
CA MET B 627 -6.69 22.26 24.05
C MET B 627 -7.00 23.59 24.79
N ASP B 628 -8.28 24.04 24.78
CA ASP B 628 -8.81 25.25 25.40
C ASP B 628 -8.68 25.22 26.92
N PRO B 629 -7.95 26.19 27.55
CA PRO B 629 -7.81 26.18 29.02
C PRO B 629 -9.12 26.24 29.81
N SER B 630 -10.13 26.89 29.24
CA SER B 630 -11.46 27.07 29.81
C SER B 630 -12.30 25.78 29.90
N VAL B 631 -11.89 24.70 29.25
CA VAL B 631 -12.65 23.44 29.27
C VAL B 631 -11.79 22.20 29.53
N ARG B 632 -10.56 22.21 29.02
CA ARG B 632 -9.63 21.09 29.11
C ARG B 632 -9.37 20.62 30.55
N VAL B 633 -8.84 19.40 30.61
CA VAL B 633 -8.39 18.64 31.77
C VAL B 633 -6.95 18.21 31.39
N LEU B 634 -5.95 18.59 32.20
CA LEU B 634 -4.58 18.17 31.89
C LEU B 634 -4.18 17.16 32.94
N ARG B 635 -3.03 16.51 32.75
CA ARG B 635 -2.52 15.52 33.69
C ARG B 635 -1.09 15.89 34.06
N GLN B 636 -0.85 16.28 35.32
CA GLN B 636 0.48 16.69 35.73
C GLN B 636 1.37 15.51 36.05
N VAL B 637 2.44 15.30 35.26
CA VAL B 637 3.40 14.20 35.47
C VAL B 637 4.24 14.51 36.69
N THR B 638 3.99 13.79 37.78
CA THR B 638 4.71 13.95 39.05
C THR B 638 5.55 12.72 39.34
N LEU B 639 6.75 12.93 39.83
CA LEU B 639 7.58 11.82 40.24
C LEU B 639 7.22 11.61 41.73
N ASP B 640 7.00 10.35 42.15
CA ASP B 640 6.65 10.14 43.57
C ASP B 640 7.73 9.33 44.33
N ASP B 641 8.65 8.66 43.61
CA ASP B 641 9.77 7.88 44.14
C ASP B 641 10.72 7.68 42.98
N ALA B 642 11.86 8.39 42.98
CA ALA B 642 12.84 8.30 41.88
C ALA B 642 13.60 6.99 41.86
N ALA B 643 13.86 6.40 43.03
CA ALA B 643 14.60 5.15 43.10
C ALA B 643 13.81 3.98 42.52
N ALA B 644 12.47 3.95 42.71
CA ALA B 644 11.59 2.89 42.17
C ALA B 644 11.36 3.08 40.67
N ALA B 645 11.26 4.35 40.23
CA ALA B 645 11.14 4.76 38.84
C ALA B 645 12.44 4.42 38.11
N ASP B 646 13.61 4.47 38.80
CA ASP B 646 14.89 4.07 38.19
C ASP B 646 14.79 2.60 37.80
N GLU B 647 14.16 1.77 38.66
CA GLU B 647 14.00 0.34 38.41
C GLU B 647 13.10 0.09 37.22
N LEU B 648 11.86 0.61 37.27
CA LEU B 648 10.89 0.43 36.20
C LEU B 648 11.48 0.75 34.84
N PHE B 649 12.16 1.90 34.70
CA PHE B 649 12.78 2.29 33.45
C PHE B 649 13.99 1.42 33.08
N SER B 650 14.73 0.89 34.09
CA SER B 650 15.90 0.03 33.79
C SER B 650 15.51 -1.38 33.29
N ILE B 651 14.21 -1.74 33.44
CA ILE B 651 13.68 -3.04 33.04
C ILE B 651 13.07 -2.96 31.63
N LEU B 652 12.03 -2.11 31.45
CA LEU B 652 11.24 -1.94 30.24
C LEU B 652 11.99 -1.23 29.14
N MET B 653 12.90 -0.33 29.48
CA MET B 653 13.65 0.41 28.46
C MET B 653 15.12 -0.04 28.34
N GLY B 654 15.58 -0.77 29.35
CA GLY B 654 16.95 -1.28 29.43
C GLY B 654 17.29 -2.38 28.44
N GLU B 655 18.44 -3.02 28.68
CA GLU B 655 19.01 -4.09 27.85
C GLU B 655 18.75 -5.54 28.37
N ASP B 656 18.20 -5.69 29.61
CA ASP B 656 17.90 -7.01 30.20
C ASP B 656 16.62 -7.52 29.59
N VAL B 657 16.75 -8.48 28.64
CA VAL B 657 15.62 -9.08 27.92
C VAL B 657 14.85 -10.08 28.76
N ASP B 658 15.54 -10.88 29.56
CA ASP B 658 14.86 -11.90 30.34
C ASP B 658 14.02 -11.32 31.50
N ALA B 659 14.44 -10.15 32.07
CA ALA B 659 13.70 -9.47 33.14
C ALA B 659 12.46 -8.83 32.53
N ARG B 660 12.63 -8.13 31.40
CA ARG B 660 11.57 -7.49 30.63
C ARG B 660 10.50 -8.50 30.21
N ARG B 661 10.96 -9.67 29.64
CA ARG B 661 10.13 -10.78 29.13
C ARG B 661 9.17 -11.25 30.20
N SER B 662 9.74 -11.50 31.40
CA SER B 662 9.09 -11.95 32.63
C SER B 662 7.98 -10.99 33.09
N PHE B 663 8.29 -9.67 33.18
CA PHE B 663 7.39 -8.59 33.56
C PHE B 663 6.15 -8.59 32.67
N ILE B 664 6.37 -8.67 31.33
CA ILE B 664 5.33 -8.69 30.29
C ILE B 664 4.41 -9.92 30.51
N THR B 665 5.03 -11.09 30.76
CA THR B 665 4.34 -12.35 30.96
C THR B 665 3.57 -12.34 32.28
N ARG B 666 4.06 -11.62 33.32
CA ARG B 666 3.34 -11.48 34.60
C ARG B 666 2.12 -10.58 34.40
N ASN B 667 2.38 -9.31 33.99
CA ASN B 667 1.38 -8.28 33.76
C ASN B 667 0.80 -8.39 32.35
N ALA B 668 0.25 -9.56 31.98
CA ALA B 668 -0.34 -9.73 30.65
C ALA B 668 -1.87 -9.66 30.61
N LYS B 669 -2.55 -10.00 31.73
CA LYS B 669 -4.03 -9.97 31.77
C LYS B 669 -4.59 -8.55 32.12
N ASP B 670 -4.18 -7.54 31.30
CA ASP B 670 -4.54 -6.11 31.42
C ASP B 670 -4.90 -5.52 30.04
N ILE B 693 -4.16 19.94 36.16
CA ILE B 693 -5.46 19.49 36.66
C ILE B 693 -5.30 18.15 37.48
N GLU B 694 -5.32 16.95 36.85
CA GLU B 694 -5.16 15.70 37.61
C GLU B 694 -3.68 15.34 37.78
N PRO B 695 -3.16 15.09 39.00
CA PRO B 695 -1.74 14.70 39.12
C PRO B 695 -1.53 13.19 38.89
N VAL B 696 -0.72 12.86 37.88
CA VAL B 696 -0.42 11.46 37.53
C VAL B 696 1.03 11.07 37.82
N ASP B 697 1.22 9.84 38.32
CA ASP B 697 2.53 9.30 38.62
C ASP B 697 3.23 8.87 37.34
N ILE B 698 4.53 9.15 37.23
CA ILE B 698 5.30 8.75 36.05
C ILE B 698 5.41 7.22 36.00
N GLU B 699 5.79 6.55 37.13
CA GLU B 699 5.99 5.10 37.17
C GLU B 699 4.74 4.30 36.78
N GLN B 700 3.52 4.88 36.91
CA GLN B 700 2.28 4.19 36.52
C GLN B 700 1.88 4.47 35.08
N GLU B 701 2.19 5.66 34.56
CA GLU B 701 1.87 5.96 33.16
C GLU B 701 2.82 5.18 32.25
N MET B 702 4.10 5.14 32.64
CA MET B 702 5.21 4.43 32.00
C MET B 702 4.97 2.93 32.03
N GLN B 703 4.30 2.42 33.07
CA GLN B 703 4.02 0.99 33.17
C GLN B 703 2.84 0.60 32.26
N ARG B 704 1.75 1.38 32.29
CA ARG B 704 0.55 1.15 31.49
C ARG B 704 0.84 1.27 30.01
N SER B 705 1.54 2.35 29.60
CA SER B 705 1.94 2.62 28.23
C SER B 705 2.83 1.50 27.74
N TYR B 706 3.79 1.01 28.56
CA TYR B 706 4.61 -0.11 28.13
C TYR B 706 3.85 -1.41 27.94
N ILE B 707 3.07 -1.85 28.93
CA ILE B 707 2.32 -3.11 28.83
C ILE B 707 1.40 -3.12 27.61
N ASP B 708 0.62 -2.03 27.44
CA ASP B 708 -0.29 -1.87 26.33
C ASP B 708 0.41 -1.97 25.00
N TYR B 709 1.60 -1.35 24.86
CA TYR B 709 2.37 -1.44 23.61
C TYR B 709 2.95 -2.85 23.47
N ALA B 710 3.58 -3.36 24.54
CA ALA B 710 4.24 -4.67 24.63
C ALA B 710 3.32 -5.78 24.17
N MET B 711 2.10 -5.81 24.70
CA MET B 711 1.10 -6.81 24.38
C MET B 711 0.53 -6.68 22.97
N SER B 712 0.29 -5.44 22.48
CA SER B 712 -0.27 -5.18 21.15
C SER B 712 0.64 -5.73 20.07
N VAL B 713 1.97 -5.59 20.28
CA VAL B 713 3.00 -6.06 19.37
C VAL B 713 3.22 -7.56 19.61
N ILE B 714 2.78 -8.11 20.76
CA ILE B 714 2.93 -9.54 21.01
C ILE B 714 1.79 -10.29 20.35
N VAL B 715 0.55 -9.95 20.71
CA VAL B 715 -0.66 -10.56 20.19
C VAL B 715 -0.77 -10.36 18.66
N GLY B 716 -0.53 -9.13 18.22
CA GLY B 716 -0.62 -8.72 16.82
C GLY B 716 0.28 -9.41 15.83
N ARG B 717 1.57 -9.57 16.16
CA ARG B 717 2.52 -10.13 15.20
C ARG B 717 3.39 -11.29 15.72
N ALA B 718 3.59 -11.41 17.04
CA ALA B 718 4.49 -12.43 17.56
C ALA B 718 3.89 -13.80 17.81
N LEU B 719 2.74 -13.87 18.49
CA LEU B 719 2.18 -15.15 18.92
C LEU B 719 0.79 -15.55 18.38
N PRO B 720 0.65 -16.88 18.06
CA PRO B 720 -0.67 -17.39 17.68
C PRO B 720 -1.53 -17.66 18.93
N GLU B 721 -2.86 -17.77 18.76
CA GLU B 721 -3.78 -18.13 19.82
C GLU B 721 -3.62 -19.66 20.01
N VAL B 722 -3.92 -20.21 21.19
CA VAL B 722 -3.79 -21.66 21.29
C VAL B 722 -4.96 -22.31 20.60
N ARG B 723 -6.17 -21.71 20.75
CA ARG B 723 -7.48 -22.17 20.21
C ARG B 723 -7.52 -22.40 18.68
N ASP B 724 -7.13 -21.39 17.86
CA ASP B 724 -7.15 -21.48 16.38
C ASP B 724 -5.78 -21.28 15.71
N GLY B 725 -4.71 -21.12 16.47
CA GLY B 725 -3.37 -20.93 15.90
C GLY B 725 -3.08 -19.71 15.02
N LEU B 726 -4.01 -18.76 14.91
CA LEU B 726 -3.70 -17.62 14.06
C LEU B 726 -3.35 -16.32 14.83
N LYS B 727 -2.63 -15.42 14.12
CA LYS B 727 -2.35 -14.05 14.52
C LYS B 727 -3.58 -13.27 13.93
N PRO B 728 -3.93 -12.04 14.39
CA PRO B 728 -5.15 -11.37 13.86
C PRO B 728 -5.23 -11.17 12.34
N VAL B 729 -4.14 -10.76 11.65
CA VAL B 729 -4.16 -10.56 10.18
C VAL B 729 -4.77 -11.70 9.39
N HIS B 730 -4.32 -12.96 9.60
CA HIS B 730 -4.80 -14.18 8.95
C HIS B 730 -6.20 -14.41 9.30
N ARG B 731 -6.56 -14.21 10.56
CA ARG B 731 -7.93 -14.40 11.04
C ARG B 731 -8.84 -13.44 10.29
N ARG B 732 -8.42 -12.17 10.14
CA ARG B 732 -9.14 -11.10 9.44
C ARG B 732 -9.22 -11.33 7.93
N VAL B 733 -8.21 -11.98 7.30
CA VAL B 733 -8.26 -12.29 5.87
C VAL B 733 -9.30 -13.34 5.70
N LEU B 734 -9.14 -14.49 6.40
CA LEU B 734 -10.09 -15.61 6.37
C LEU B 734 -11.56 -15.23 6.59
N TYR B 735 -11.84 -14.32 7.54
CA TYR B 735 -13.21 -13.94 7.88
C TYR B 735 -13.84 -13.01 6.87
N ALA B 736 -13.06 -12.05 6.36
CA ALA B 736 -13.51 -11.10 5.34
C ALA B 736 -13.83 -11.91 4.07
N MET B 737 -13.00 -12.90 3.79
CA MET B 737 -13.16 -13.82 2.68
C MET B 737 -14.43 -14.63 2.84
N PHE B 738 -14.64 -15.17 4.05
CA PHE B 738 -15.80 -15.98 4.34
C PHE B 738 -17.04 -15.16 4.21
N ASP B 739 -17.08 -14.03 4.93
CA ASP B 739 -18.21 -13.12 4.95
C ASP B 739 -18.49 -12.50 3.56
N SER B 740 -17.45 -12.41 2.68
CA SER B 740 -17.57 -11.95 1.28
C SER B 740 -18.09 -13.10 0.36
N GLY B 741 -18.16 -14.31 0.91
CA GLY B 741 -18.70 -15.48 0.23
C GLY B 741 -17.78 -16.21 -0.71
N PHE B 742 -16.45 -15.98 -0.61
CA PHE B 742 -15.47 -16.66 -1.46
C PHE B 742 -15.20 -18.06 -0.90
N ARG B 743 -16.25 -18.86 -0.88
CA ARG B 743 -16.28 -20.24 -0.39
C ARG B 743 -15.72 -21.16 -1.50
N PRO B 744 -15.40 -22.49 -1.30
CA PRO B 744 -14.85 -23.25 -2.40
C PRO B 744 -15.89 -23.55 -3.47
N ASP B 745 -17.20 -23.57 -3.10
CA ASP B 745 -18.26 -23.85 -4.08
C ASP B 745 -18.29 -22.78 -5.15
N ARG B 746 -18.25 -21.52 -4.74
CA ARG B 746 -18.26 -20.41 -5.67
C ARG B 746 -16.87 -20.18 -6.31
N SER B 747 -16.86 -19.64 -7.55
CA SER B 747 -15.65 -19.32 -8.31
C SER B 747 -14.80 -18.25 -7.60
N HIS B 748 -13.46 -18.31 -7.77
CA HIS B 748 -12.47 -17.36 -7.23
C HIS B 748 -12.81 -15.89 -7.45
N ALA B 749 -12.31 -15.05 -6.56
CA ALA B 749 -12.48 -13.60 -6.61
C ALA B 749 -11.12 -13.03 -6.70
N LYS B 750 -10.97 -11.90 -7.44
CA LYS B 750 -9.66 -11.26 -7.57
C LYS B 750 -9.12 -10.96 -6.17
N SER B 751 -7.82 -11.25 -5.94
CA SER B 751 -7.18 -11.10 -4.63
C SER B 751 -7.53 -9.77 -3.99
N ALA B 752 -7.35 -8.68 -4.76
CA ALA B 752 -7.68 -7.29 -4.43
C ALA B 752 -9.02 -7.20 -3.66
N ARG B 753 -10.06 -7.91 -4.15
CA ARG B 753 -11.36 -7.92 -3.51
C ARG B 753 -11.29 -8.34 -2.06
N SER B 754 -10.60 -9.48 -1.76
CA SER B 754 -10.42 -9.99 -0.39
C SER B 754 -9.56 -9.03 0.44
N VAL B 755 -8.44 -8.54 -0.12
CA VAL B 755 -7.54 -7.56 0.53
C VAL B 755 -8.32 -6.30 0.93
N ALA B 756 -9.15 -5.80 0.02
CA ALA B 756 -9.99 -4.62 0.18
C ALA B 756 -10.98 -4.81 1.30
N GLU B 757 -11.68 -5.96 1.31
CA GLU B 757 -12.67 -6.33 2.30
C GLU B 757 -12.05 -6.42 3.72
N THR B 758 -10.80 -6.91 3.83
CA THR B 758 -10.09 -6.98 5.12
C THR B 758 -9.70 -5.56 5.49
N MET B 759 -9.05 -4.83 4.54
CA MET B 759 -8.57 -3.47 4.76
C MET B 759 -9.65 -2.50 5.23
N GLY B 760 -10.78 -2.51 4.54
CA GLY B 760 -11.86 -1.59 4.84
C GLY B 760 -12.64 -1.87 6.09
N ASN B 761 -12.81 -3.16 6.43
CA ASN B 761 -13.63 -3.52 7.60
C ASN B 761 -12.93 -4.04 8.84
N TYR B 762 -11.78 -4.69 8.71
CA TYR B 762 -11.23 -5.29 9.90
C TYR B 762 -9.82 -4.78 10.28
N HIS B 763 -8.89 -4.76 9.30
CA HIS B 763 -7.48 -4.38 9.43
C HIS B 763 -7.11 -3.15 8.54
N PRO B 764 -7.38 -1.89 9.00
CA PRO B 764 -7.20 -0.73 8.11
C PRO B 764 -5.78 -0.20 7.90
N HIS B 765 -4.81 -1.12 7.68
CA HIS B 765 -3.41 -0.78 7.38
C HIS B 765 -3.09 -1.25 5.97
N GLY B 766 -2.36 -0.45 5.21
CA GLY B 766 -1.93 -0.74 3.84
C GLY B 766 -1.84 -2.18 3.36
N ASP B 767 -2.48 -2.46 2.17
CA ASP B 767 -2.62 -3.74 1.45
C ASP B 767 -1.41 -4.68 1.55
N ALA B 768 -0.21 -4.07 1.68
CA ALA B 768 1.14 -4.63 1.85
C ALA B 768 1.08 -5.96 2.57
N SER B 769 0.82 -5.90 3.90
CA SER B 769 0.73 -7.02 4.84
C SER B 769 -0.47 -7.87 4.64
N ILE B 770 -1.63 -7.27 4.30
CA ILE B 770 -2.84 -8.06 4.07
C ILE B 770 -2.62 -9.08 2.95
N TYR B 771 -2.21 -8.63 1.74
CA TYR B 771 -1.95 -9.51 0.62
C TYR B 771 -0.81 -10.48 0.91
N ASP B 772 0.18 -10.01 1.66
CA ASP B 772 1.31 -10.82 2.07
C ASP B 772 0.90 -12.07 2.87
N SER B 773 -0.20 -11.98 3.63
CA SER B 773 -0.64 -13.12 4.42
C SER B 773 -1.53 -13.97 3.58
N LEU B 774 -2.41 -13.33 2.78
CA LEU B 774 -3.32 -14.02 1.87
C LEU B 774 -2.48 -15.00 1.10
N VAL B 775 -1.38 -14.50 0.45
CA VAL B 775 -0.47 -15.34 -0.32
C VAL B 775 0.09 -16.51 0.49
N ARG B 776 0.67 -16.28 1.69
CA ARG B 776 1.24 -17.38 2.47
C ARG B 776 0.22 -18.52 2.68
N MET B 777 -1.04 -18.20 2.95
CA MET B 777 -2.05 -19.23 3.19
C MET B 777 -2.40 -20.03 1.94
N ALA B 778 -2.01 -19.51 0.76
CA ALA B 778 -2.25 -20.14 -0.53
C ALA B 778 -1.11 -21.03 -0.99
N GLN B 779 0.15 -20.70 -0.55
CA GLN B 779 1.40 -21.39 -0.92
C GLN B 779 1.57 -22.75 -0.26
N PRO B 780 1.54 -23.83 -1.07
CA PRO B 780 1.64 -25.19 -0.52
C PRO B 780 2.98 -25.56 0.14
N TRP B 781 4.03 -24.77 -0.12
CA TRP B 781 5.34 -24.92 0.53
C TRP B 781 5.40 -24.10 1.86
N SER B 782 4.40 -23.24 2.07
CA SER B 782 4.34 -22.40 3.24
C SER B 782 3.48 -23.07 4.29
N LEU B 783 2.27 -23.49 3.89
CA LEU B 783 1.37 -24.19 4.80
C LEU B 783 1.32 -25.68 4.48
N ARG B 784 1.42 -26.51 5.54
CA ARG B 784 1.22 -27.95 5.41
C ARG B 784 -0.23 -28.18 4.91
N TYR B 785 -1.23 -27.51 5.56
CA TYR B 785 -2.66 -27.50 5.22
C TYR B 785 -3.15 -26.10 4.74
N PRO B 786 -2.97 -25.74 3.42
CA PRO B 786 -3.32 -24.39 2.95
C PRO B 786 -4.75 -24.03 3.17
N LEU B 787 -4.94 -22.83 3.72
CA LEU B 787 -6.22 -22.25 4.03
C LEU B 787 -6.77 -21.49 2.86
N VAL B 788 -5.92 -21.03 1.91
CA VAL B 788 -6.40 -20.29 0.73
C VAL B 788 -6.19 -21.10 -0.57
N ASP B 789 -7.14 -21.01 -1.51
CA ASP B 789 -7.08 -21.68 -2.81
C ASP B 789 -6.84 -20.62 -3.86
N GLY B 790 -5.57 -20.43 -4.19
CA GLY B 790 -5.14 -19.40 -5.12
C GLY B 790 -5.25 -19.80 -6.57
N GLN B 791 -5.09 -18.82 -7.46
CA GLN B 791 -5.07 -18.98 -8.92
C GLN B 791 -4.13 -17.93 -9.50
N GLY B 792 -3.14 -18.43 -10.22
CA GLY B 792 -2.14 -17.59 -10.84
C GLY B 792 -0.81 -17.73 -10.17
N ASN B 793 0.07 -16.73 -10.42
CA ASN B 793 1.42 -16.71 -9.87
C ASN B 793 1.40 -16.34 -8.42
N PHE B 794 1.71 -17.34 -7.56
CA PHE B 794 1.81 -17.14 -6.12
C PHE B 794 3.28 -17.36 -5.68
N GLY B 795 4.20 -16.99 -6.59
CA GLY B 795 5.65 -17.03 -6.42
C GLY B 795 6.23 -18.42 -6.51
N SER B 796 7.33 -18.66 -5.79
CA SER B 796 8.01 -19.96 -5.76
C SER B 796 8.75 -20.10 -4.42
N PRO B 797 9.31 -21.30 -4.05
CA PRO B 797 10.06 -21.39 -2.78
C PRO B 797 11.48 -20.87 -2.97
N GLY B 798 11.65 -20.04 -3.99
CA GLY B 798 12.88 -19.38 -4.36
C GLY B 798 12.66 -17.90 -4.19
N ASN B 799 13.34 -17.08 -5.01
CA ASN B 799 13.20 -15.62 -4.88
C ASN B 799 12.24 -15.02 -5.93
N ASP B 800 11.16 -15.75 -6.23
CA ASP B 800 10.14 -15.30 -7.17
C ASP B 800 8.91 -14.83 -6.40
N PRO B 801 8.52 -13.56 -6.59
CA PRO B 801 7.37 -13.05 -5.84
C PRO B 801 6.06 -13.48 -6.47
N PRO B 802 4.92 -13.32 -5.75
CA PRO B 802 3.62 -13.61 -6.40
C PRO B 802 3.27 -12.46 -7.35
N ALA B 803 2.25 -12.66 -8.22
CA ALA B 803 1.84 -11.59 -9.12
C ALA B 803 0.98 -10.60 -8.34
N ALA B 804 0.74 -9.41 -8.88
CA ALA B 804 -0.05 -8.37 -8.22
C ALA B 804 -1.38 -8.88 -7.68
N MET B 805 -1.97 -8.22 -6.68
CA MET B 805 -3.27 -8.62 -6.14
C MET B 805 -4.39 -8.42 -7.20
N ARG B 806 -4.16 -7.48 -8.13
CA ARG B 806 -5.08 -7.22 -9.23
C ARG B 806 -5.12 -8.38 -10.23
N TYR B 807 -4.07 -9.24 -10.29
CA TYR B 807 -3.95 -10.37 -11.23
C TYR B 807 -4.36 -11.69 -10.63
N THR B 808 -3.77 -12.09 -9.49
CA THR B 808 -4.08 -13.34 -8.80
C THR B 808 -5.50 -13.32 -8.25
N GLU B 809 -6.05 -14.53 -8.03
CA GLU B 809 -7.40 -14.78 -7.53
C GLU B 809 -7.35 -15.82 -6.45
N ALA B 810 -8.17 -15.65 -5.44
CA ALA B 810 -8.21 -16.61 -4.35
C ALA B 810 -9.59 -16.72 -3.75
N ARG B 811 -9.82 -17.88 -3.14
CA ARG B 811 -11.04 -18.24 -2.44
C ARG B 811 -10.65 -19.20 -1.33
N LEU B 812 -11.50 -19.42 -0.31
CA LEU B 812 -11.18 -20.34 0.80
C LEU B 812 -11.02 -21.78 0.34
N THR B 813 -10.28 -22.56 1.12
CA THR B 813 -10.12 -23.99 0.83
C THR B 813 -11.16 -24.70 1.70
N PRO B 814 -11.61 -25.92 1.33
CA PRO B 814 -12.56 -26.64 2.18
C PRO B 814 -12.01 -26.92 3.58
N LEU B 815 -10.66 -26.84 3.77
CA LEU B 815 -10.09 -26.98 5.11
C LEU B 815 -10.31 -25.69 5.89
N ALA B 816 -10.08 -24.54 5.24
CA ALA B 816 -10.35 -23.25 5.82
C ALA B 816 -11.87 -23.08 6.03
N MET B 817 -12.70 -23.90 5.35
CA MET B 817 -14.14 -23.81 5.58
C MET B 817 -14.45 -24.44 6.91
N GLU B 818 -13.64 -25.43 7.33
CA GLU B 818 -13.78 -26.10 8.63
C GLU B 818 -13.25 -25.19 9.74
N MET B 819 -12.33 -24.28 9.39
CA MET B 819 -11.76 -23.29 10.30
C MET B 819 -12.86 -22.29 10.71
N LEU B 820 -13.73 -21.93 9.73
CA LEU B 820 -14.85 -20.98 9.84
C LEU B 820 -16.18 -21.65 10.25
N ARG B 821 -16.34 -22.97 9.98
CA ARG B 821 -17.57 -23.76 10.17
C ARG B 821 -18.47 -23.26 11.30
N GLU B 822 -19.67 -22.74 10.93
CA GLU B 822 -20.73 -22.25 11.81
C GLU B 822 -20.34 -21.04 12.66
N ILE B 823 -19.47 -20.17 12.15
CA ILE B 823 -19.03 -18.95 12.87
C ILE B 823 -20.25 -18.03 13.13
N ASP B 824 -21.16 -18.05 12.15
CA ASP B 824 -22.41 -17.31 12.11
C ASP B 824 -23.43 -17.81 13.13
N GLU B 825 -23.13 -18.93 13.81
CA GLU B 825 -24.01 -19.55 14.79
C GLU B 825 -23.62 -19.26 16.24
N GLU B 826 -22.92 -18.10 16.49
CA GLU B 826 -22.46 -17.62 17.81
C GLU B 826 -21.66 -18.73 18.56
N THR B 827 -20.55 -19.15 17.97
CA THR B 827 -19.68 -20.21 18.46
C THR B 827 -18.41 -19.65 19.08
N VAL B 828 -18.11 -18.36 18.76
CA VAL B 828 -16.97 -17.55 19.25
C VAL B 828 -17.45 -16.16 19.71
N ASP B 829 -16.65 -15.48 20.59
CA ASP B 829 -16.99 -14.14 21.06
C ASP B 829 -16.56 -13.12 20.04
N PHE B 830 -17.48 -12.29 19.58
CA PHE B 830 -17.16 -11.24 18.62
C PHE B 830 -16.97 -9.98 19.42
N ILE B 831 -16.20 -9.07 18.85
CA ILE B 831 -15.85 -7.79 19.44
C ILE B 831 -15.98 -6.75 18.35
N PRO B 832 -16.25 -5.48 18.68
CA PRO B 832 -16.39 -4.49 17.62
C PRO B 832 -15.04 -4.19 16.88
N ASN B 833 -15.15 -4.01 15.53
CA ASN B 833 -14.01 -3.72 14.64
C ASN B 833 -13.51 -2.30 14.87
N TYR B 834 -12.35 -1.92 14.25
CA TYR B 834 -11.73 -0.59 14.44
C TYR B 834 -12.75 0.59 14.44
N ASP B 835 -13.75 0.60 13.52
CA ASP B 835 -14.73 1.68 13.41
C ASP B 835 -16.07 1.32 14.02
N GLY B 836 -16.06 0.41 15.00
CA GLY B 836 -17.23 -0.12 15.74
C GLY B 836 -18.55 -0.13 14.99
N ARG B 837 -18.50 -0.53 13.71
CA ARG B 837 -19.58 -0.55 12.71
C ARG B 837 -20.05 -1.97 12.55
N VAL B 838 -19.12 -2.94 12.63
CA VAL B 838 -19.37 -4.39 12.54
C VAL B 838 -18.80 -5.16 13.75
N GLN B 839 -18.93 -6.50 13.71
CA GLN B 839 -18.38 -7.37 14.75
C GLN B 839 -17.33 -8.28 14.10
N GLU B 840 -16.12 -8.35 14.69
CA GLU B 840 -15.06 -9.24 14.22
C GLU B 840 -14.79 -10.38 15.24
N PRO B 841 -14.61 -11.67 14.83
CA PRO B 841 -14.40 -12.73 15.81
C PRO B 841 -13.03 -12.70 16.48
N THR B 842 -13.02 -12.97 17.79
CA THR B 842 -11.86 -13.00 18.69
C THR B 842 -10.97 -14.18 18.41
N VAL B 843 -11.55 -15.24 17.83
CA VAL B 843 -10.95 -16.52 17.44
C VAL B 843 -11.95 -17.19 16.46
N LEU B 844 -11.46 -18.07 15.57
CA LEU B 844 -12.29 -18.83 14.62
C LEU B 844 -12.65 -20.19 15.25
N PRO B 845 -13.82 -20.83 14.95
CA PRO B 845 -14.15 -22.13 15.58
C PRO B 845 -13.05 -23.19 15.57
N SER B 846 -12.26 -23.27 14.46
CA SER B 846 -11.16 -24.23 14.23
C SER B 846 -11.59 -25.69 14.49
N ARG B 847 -12.36 -26.26 13.54
CA ARG B 847 -12.92 -27.62 13.62
C ARG B 847 -11.91 -28.71 13.26
N PHE B 848 -10.65 -28.30 13.09
CA PHE B 848 -9.45 -29.11 12.88
C PHE B 848 -8.35 -28.32 13.64
N PRO B 849 -7.37 -28.99 14.28
CA PRO B 849 -6.40 -28.26 15.14
C PRO B 849 -5.33 -27.46 14.38
N ASN B 850 -5.66 -26.22 13.99
CA ASN B 850 -4.82 -25.38 13.16
C ASN B 850 -3.41 -25.07 13.67
N LEU B 851 -3.23 -24.78 14.98
CA LEU B 851 -1.91 -24.43 15.51
C LEU B 851 -0.88 -25.48 15.20
N LEU B 852 -1.16 -26.74 15.57
CA LEU B 852 -0.25 -27.87 15.35
C LEU B 852 -0.22 -28.35 13.89
N ALA B 853 -1.39 -28.38 13.22
CA ALA B 853 -1.54 -28.79 11.82
C ALA B 853 -0.69 -27.98 10.86
N ASN B 854 -0.57 -26.65 11.08
CA ASN B 854 0.15 -25.76 10.18
C ASN B 854 1.41 -25.15 10.73
N GLY B 855 1.54 -25.20 12.06
CA GLY B 855 2.66 -24.60 12.77
C GLY B 855 2.42 -23.11 12.98
N SER B 856 3.50 -22.37 13.40
CA SER B 856 3.54 -20.93 13.66
C SER B 856 4.91 -20.41 14.06
N GLY B 857 5.33 -19.34 13.41
CA GLY B 857 6.56 -18.63 13.72
C GLY B 857 6.24 -17.21 14.16
N GLY B 858 7.26 -16.46 14.57
CA GLY B 858 7.06 -15.07 14.99
C GLY B 858 7.89 -14.57 16.16
N ILE B 859 8.57 -13.43 15.93
CA ILE B 859 9.37 -12.72 16.93
C ILE B 859 8.81 -11.31 17.05
N ALA B 860 8.67 -10.82 18.30
CA ALA B 860 8.26 -9.47 18.69
C ALA B 860 8.33 -9.22 20.20
N VAL B 861 8.95 -8.06 20.58
CA VAL B 861 9.21 -7.49 21.92
C VAL B 861 9.87 -8.54 22.86
N GLY B 862 11.00 -9.06 22.40
CA GLY B 862 11.80 -10.00 23.18
C GLY B 862 11.44 -11.47 23.05
N MET B 863 10.14 -11.81 22.98
CA MET B 863 9.73 -13.21 22.89
C MET B 863 9.27 -13.67 21.48
N ALA B 864 9.72 -14.88 21.13
CA ALA B 864 9.48 -15.54 19.86
C ALA B 864 8.89 -16.95 20.02
N THR B 865 8.08 -17.35 19.00
CA THR B 865 7.47 -18.67 18.84
C THR B 865 7.98 -19.30 17.55
N ASN B 866 8.01 -20.64 17.51
CA ASN B 866 8.41 -21.45 16.37
C ASN B 866 7.85 -22.86 16.55
N ILE B 867 6.60 -23.06 16.15
CA ILE B 867 5.88 -24.32 16.22
C ILE B 867 5.96 -25.04 14.84
N PRO B 868 6.33 -26.33 14.75
CA PRO B 868 6.40 -26.97 13.43
C PRO B 868 5.04 -27.43 12.90
N PRO B 869 4.90 -27.69 11.57
CA PRO B 869 3.63 -28.23 11.08
C PRO B 869 3.55 -29.75 11.36
N HIS B 870 2.34 -30.31 11.54
CA HIS B 870 2.20 -31.75 11.82
C HIS B 870 1.21 -32.43 10.87
N ASN B 871 1.02 -33.76 11.05
CA ASN B 871 0.04 -34.50 10.27
C ASN B 871 -1.34 -34.44 10.97
N LEU B 872 -2.40 -34.11 10.21
CA LEU B 872 -3.80 -34.01 10.70
C LEU B 872 -4.31 -35.37 11.24
N ARG B 873 -4.00 -36.47 10.50
CA ARG B 873 -4.38 -37.85 10.85
C ARG B 873 -3.86 -38.24 12.23
N GLU B 874 -2.53 -38.03 12.47
CA GLU B 874 -1.85 -38.29 13.74
C GLU B 874 -2.39 -37.37 14.84
N LEU B 875 -2.74 -36.12 14.49
CA LEU B 875 -3.29 -35.16 15.44
C LEU B 875 -4.72 -35.53 15.88
N ALA B 876 -5.55 -36.00 14.93
CA ALA B 876 -6.91 -36.44 15.21
C ALA B 876 -6.80 -37.59 16.24
N ASP B 877 -5.84 -38.54 16.06
CA ASP B 877 -5.60 -39.64 16.99
C ASP B 877 -5.43 -39.12 18.40
N ALA B 878 -4.52 -38.15 18.59
CA ALA B 878 -4.30 -37.59 19.92
C ALA B 878 -5.55 -36.85 20.45
N VAL B 879 -6.31 -36.13 19.58
CA VAL B 879 -7.53 -35.42 20.02
C VAL B 879 -8.63 -36.42 20.45
N PHE B 880 -8.77 -37.53 19.71
CA PHE B 880 -9.76 -38.55 20.04
C PHE B 880 -9.43 -39.18 21.37
N TRP B 881 -8.12 -39.36 21.67
CA TRP B 881 -7.62 -39.90 22.95
C TRP B 881 -7.99 -38.95 24.08
N ALA B 882 -7.75 -37.65 23.90
CA ALA B 882 -8.08 -36.61 24.88
C ALA B 882 -9.58 -36.49 25.09
N LEU B 883 -10.39 -36.56 23.99
CA LEU B 883 -11.84 -36.46 24.03
C LEU B 883 -12.38 -37.59 24.89
N GLU B 884 -11.94 -38.82 24.56
CA GLU B 884 -12.31 -40.07 25.19
C GLU B 884 -11.84 -40.17 26.61
N ASN B 885 -10.55 -39.95 26.84
CA ASN B 885 -9.94 -40.08 28.16
C ASN B 885 -9.94 -38.73 28.87
N HIS B 886 -11.06 -38.00 28.75
CA HIS B 886 -11.31 -36.65 29.30
C HIS B 886 -10.85 -36.42 30.72
N ASP B 887 -10.92 -37.44 31.57
CA ASP B 887 -10.52 -37.35 32.96
C ASP B 887 -9.21 -38.11 33.21
N ALA B 888 -8.09 -37.54 32.78
CA ALA B 888 -6.78 -38.17 32.95
C ALA B 888 -5.71 -37.13 33.20
N ASP B 889 -4.71 -37.52 34.01
CA ASP B 889 -3.58 -36.71 34.45
C ASP B 889 -2.69 -36.18 33.34
N GLU B 890 -2.11 -34.98 33.58
CA GLU B 890 -1.18 -34.26 32.71
C GLU B 890 -0.04 -35.20 32.30
N GLU B 891 0.41 -36.05 33.25
CA GLU B 891 1.51 -36.98 33.05
C GLU B 891 1.12 -38.15 32.12
N GLU B 892 -0.11 -38.68 32.26
CA GLU B 892 -0.59 -39.77 31.43
C GLU B 892 -0.98 -39.29 30.05
N THR B 893 -1.70 -38.14 29.96
CA THR B 893 -2.16 -37.62 28.68
C THR B 893 -0.96 -37.23 27.80
N LEU B 894 0.16 -36.74 28.39
CA LEU B 894 1.37 -36.38 27.64
C LEU B 894 2.03 -37.63 27.04
N ALA B 895 1.94 -38.75 27.78
CA ALA B 895 2.48 -40.03 27.34
C ALA B 895 1.71 -40.47 26.11
N ALA B 896 0.36 -40.40 26.15
CA ALA B 896 -0.57 -40.79 25.10
C ALA B 896 -0.51 -39.98 23.81
N VAL B 897 -0.37 -38.62 23.89
CA VAL B 897 -0.32 -37.70 22.71
C VAL B 897 0.91 -38.03 21.85
N MET B 898 2.11 -38.11 22.47
CA MET B 898 3.34 -38.58 21.83
C MET B 898 3.00 -40.06 21.56
N GLY B 899 3.49 -40.63 20.48
CA GLY B 899 3.09 -41.99 20.15
C GLY B 899 1.99 -41.95 19.10
N ARG B 900 0.88 -41.21 19.38
CA ARG B 900 -0.21 -40.98 18.40
C ARG B 900 0.33 -40.03 17.34
N VAL B 901 0.98 -38.94 17.84
CA VAL B 901 1.69 -37.89 17.11
C VAL B 901 3.12 -38.38 17.09
N LYS B 902 3.64 -38.61 15.88
CA LYS B 902 4.97 -39.17 15.70
C LYS B 902 6.05 -38.14 15.29
N GLY B 903 5.69 -36.86 15.37
CA GLY B 903 6.58 -35.76 15.06
C GLY B 903 6.04 -34.74 14.05
N PRO B 904 6.88 -33.75 13.68
CA PRO B 904 6.44 -32.77 12.68
C PRO B 904 6.40 -33.38 11.29
N ASP B 905 5.50 -32.85 10.45
CA ASP B 905 5.29 -33.27 9.07
C ASP B 905 5.31 -32.06 8.13
N PHE B 906 6.52 -31.63 7.76
CA PHE B 906 6.78 -30.48 6.92
C PHE B 906 6.17 -30.64 5.51
N PRO B 907 5.57 -29.59 4.89
CA PRO B 907 4.99 -29.74 3.53
C PRO B 907 6.03 -30.07 2.45
N THR B 908 7.19 -29.39 2.54
CA THR B 908 8.38 -29.51 1.69
C THR B 908 9.00 -30.91 1.81
N ALA B 909 8.39 -31.75 2.71
CA ALA B 909 8.77 -33.09 3.11
C ALA B 909 10.20 -33.07 3.65
N GLY B 910 11.01 -34.03 3.20
CA GLY B 910 12.39 -34.20 3.60
C GLY B 910 12.55 -35.36 4.57
N LEU B 911 13.44 -35.15 5.55
CA LEU B 911 13.75 -36.13 6.58
C LEU B 911 13.97 -35.42 7.91
N ILE B 912 13.58 -36.08 9.02
CA ILE B 912 13.80 -35.64 10.41
C ILE B 912 14.81 -36.64 10.97
N VAL B 913 16.07 -36.21 11.14
CA VAL B 913 17.13 -37.06 11.67
C VAL B 913 17.05 -37.10 13.20
N GLY B 914 16.80 -38.31 13.72
CA GLY B 914 16.68 -38.59 15.15
C GLY B 914 15.36 -38.13 15.76
N SER B 915 15.20 -38.40 17.07
CA SER B 915 13.97 -38.01 17.77
C SER B 915 14.21 -37.49 19.19
N GLN B 916 15.32 -36.81 19.42
CA GLN B 916 15.48 -36.26 20.75
C GLN B 916 14.86 -34.91 20.77
N GLY B 917 15.36 -34.00 19.92
CA GLY B 917 14.83 -32.65 19.80
C GLY B 917 13.32 -32.61 19.59
N THR B 918 12.75 -33.70 19.01
CA THR B 918 11.32 -33.89 18.76
C THR B 918 10.63 -34.15 20.14
N ALA B 919 11.15 -35.14 20.89
CA ALA B 919 10.64 -35.48 22.22
C ALA B 919 10.90 -34.35 23.25
N ASP B 920 11.95 -33.53 23.01
CA ASP B 920 12.37 -32.38 23.83
C ASP B 920 11.26 -31.37 23.81
N ALA B 921 10.92 -30.87 22.59
CA ALA B 921 9.89 -29.87 22.33
C ALA B 921 8.50 -30.32 22.74
N TYR B 922 8.27 -31.64 22.79
CA TYR B 922 6.97 -32.14 23.24
C TYR B 922 6.87 -32.09 24.74
N LYS B 923 7.90 -32.59 25.43
CA LYS B 923 8.01 -32.65 26.90
C LYS B 923 8.28 -31.28 27.61
N THR B 924 9.05 -30.35 26.97
CA THR B 924 9.32 -29.02 27.55
C THR B 924 8.57 -27.89 26.84
N GLY B 925 8.85 -27.71 25.56
CA GLY B 925 8.25 -26.65 24.76
C GLY B 925 9.32 -25.91 24.01
N ARG B 926 10.55 -26.46 24.08
CA ARG B 926 11.78 -25.98 23.46
C ARG B 926 12.62 -27.20 23.17
N GLY B 927 12.95 -27.39 21.90
CA GLY B 927 13.81 -28.47 21.38
C GLY B 927 14.31 -28.21 19.96
N SER B 928 15.54 -28.71 19.61
CA SER B 928 16.10 -28.54 18.25
C SER B 928 15.95 -29.80 17.38
N ILE B 929 15.15 -29.66 16.31
CA ILE B 929 14.75 -30.70 15.36
C ILE B 929 15.61 -30.74 14.09
N ARG B 930 16.59 -31.68 13.98
CA ARG B 930 17.44 -31.79 12.78
C ARG B 930 16.67 -32.19 11.53
N MET B 931 16.83 -31.40 10.45
CA MET B 931 16.20 -31.69 9.14
C MET B 931 17.26 -31.89 8.04
N ARG B 932 17.01 -32.86 7.14
CA ARG B 932 17.88 -33.21 6.02
C ARG B 932 17.09 -33.37 4.72
N GLY B 933 17.77 -33.13 3.60
CA GLY B 933 17.16 -33.21 2.27
C GLY B 933 17.47 -34.48 1.51
N VAL B 934 16.56 -34.90 0.61
CA VAL B 934 16.76 -36.14 -0.15
C VAL B 934 17.54 -35.91 -1.44
N VAL B 935 18.70 -36.55 -1.53
CA VAL B 935 19.55 -36.48 -2.71
C VAL B 935 19.59 -37.85 -3.38
N GLU B 936 19.44 -37.85 -4.70
CA GLU B 936 19.47 -39.06 -5.50
C GLU B 936 20.68 -38.96 -6.41
N VAL B 937 21.19 -40.10 -6.86
CA VAL B 937 22.35 -40.13 -7.73
C VAL B 937 21.98 -40.70 -9.08
N GLU B 938 22.37 -39.99 -10.15
CA GLU B 938 22.14 -40.39 -11.54
C GLU B 938 23.37 -40.16 -12.42
N GLU B 939 23.84 -41.22 -13.07
CA GLU B 939 24.98 -41.13 -13.97
C GLU B 939 24.47 -40.63 -15.31
N ASP B 940 25.37 -40.01 -16.10
CA ASP B 940 25.04 -39.43 -17.40
C ASP B 940 24.90 -40.50 -18.51
N SER B 941 25.73 -40.35 -19.55
CA SER B 941 25.82 -41.19 -20.72
C SER B 941 27.31 -41.35 -20.99
N ARG B 942 28.07 -40.31 -20.61
CA ARG B 942 29.53 -40.21 -20.73
C ARG B 942 30.22 -40.50 -19.38
N GLY B 943 29.53 -41.26 -18.51
CA GLY B 943 30.00 -41.65 -17.18
C GLY B 943 30.15 -40.50 -16.20
N ARG B 944 29.46 -39.39 -16.46
CA ARG B 944 29.53 -38.20 -15.60
C ARG B 944 28.41 -38.24 -14.57
N THR B 945 28.76 -38.65 -13.33
CA THR B 945 27.77 -38.71 -12.25
C THR B 945 27.37 -37.31 -11.81
N SER B 946 26.15 -37.18 -11.29
CA SER B 946 25.62 -35.91 -10.82
C SER B 946 24.57 -36.12 -9.72
N LEU B 947 24.78 -35.48 -8.56
CA LEU B 947 23.83 -35.54 -7.46
C LEU B 947 22.65 -34.62 -7.78
N VAL B 948 21.43 -35.12 -7.58
CA VAL B 948 20.22 -34.36 -7.87
C VAL B 948 19.40 -34.26 -6.58
N ILE B 949 19.26 -33.03 -6.03
CA ILE B 949 18.45 -32.76 -4.82
C ILE B 949 17.00 -32.85 -5.23
N THR B 950 16.27 -33.70 -4.54
CA THR B 950 14.86 -33.92 -4.82
C THR B 950 13.99 -33.28 -3.77
N GLU B 951 14.44 -33.24 -2.50
CA GLU B 951 13.74 -32.65 -1.34
C GLU B 951 14.70 -31.82 -0.53
N LEU B 952 14.24 -30.67 -0.06
CA LEU B 952 15.04 -29.79 0.78
C LEU B 952 14.28 -29.55 2.06
N PRO B 953 14.95 -29.25 3.20
CA PRO B 953 14.20 -29.00 4.45
C PRO B 953 13.27 -27.78 4.38
N TYR B 954 12.19 -27.80 5.19
CA TYR B 954 11.21 -26.72 5.32
C TYR B 954 11.89 -25.41 5.71
N GLN B 955 11.45 -24.31 5.05
CA GLN B 955 11.89 -22.91 5.19
C GLN B 955 13.25 -22.60 4.47
N VAL B 956 13.91 -23.59 3.79
CA VAL B 956 15.14 -23.27 3.04
C VAL B 956 14.77 -22.66 1.68
N ASN B 957 15.30 -21.49 1.39
CA ASN B 957 14.99 -20.81 0.12
C ASN B 957 15.77 -21.44 -1.00
N HIS B 958 15.10 -21.77 -2.11
CA HIS B 958 15.68 -22.47 -3.25
C HIS B 958 16.71 -21.67 -4.01
N ASP B 959 16.36 -20.47 -4.51
CA ASP B 959 17.27 -19.61 -5.27
C ASP B 959 18.45 -19.11 -4.43
N ASN B 960 18.24 -18.93 -3.10
CA ASN B 960 19.28 -18.48 -2.15
C ASN B 960 20.29 -19.62 -1.84
N PHE B 961 19.82 -20.90 -1.98
CA PHE B 961 20.60 -22.13 -1.80
C PHE B 961 21.58 -22.33 -2.97
N ILE B 962 21.08 -22.42 -4.19
CA ILE B 962 21.91 -22.58 -5.38
C ILE B 962 23.09 -21.59 -5.35
N THR B 963 22.79 -20.29 -5.06
CA THR B 963 23.78 -19.20 -4.99
C THR B 963 24.81 -19.48 -3.92
N SER B 964 24.37 -19.93 -2.72
CA SER B 964 25.27 -20.27 -1.62
C SER B 964 26.34 -21.23 -2.12
N ILE B 965 25.92 -22.34 -2.75
CA ILE B 965 26.83 -23.34 -3.30
C ILE B 965 27.72 -22.68 -4.33
N ALA B 966 27.15 -21.97 -5.31
CA ALA B 966 27.93 -21.25 -6.33
C ALA B 966 29.04 -20.40 -5.71
N GLU B 967 28.71 -19.54 -4.71
CA GLU B 967 29.70 -18.68 -4.08
C GLU B 967 30.67 -19.46 -3.17
N GLN B 968 30.24 -20.59 -2.58
CA GLN B 968 31.11 -21.43 -1.77
C GLN B 968 32.19 -22.07 -2.67
N VAL B 969 31.79 -22.56 -3.88
CA VAL B 969 32.66 -23.17 -4.90
C VAL B 969 33.65 -22.10 -5.42
N ARG B 970 33.13 -20.88 -5.68
CA ARG B 970 33.84 -19.69 -6.15
C ARG B 970 34.96 -19.26 -5.19
N ASP B 971 34.71 -19.36 -3.87
CA ASP B 971 35.72 -18.98 -2.88
C ASP B 971 36.50 -20.19 -2.26
N GLY B 972 36.39 -21.35 -2.91
CA GLY B 972 37.11 -22.57 -2.55
C GLY B 972 36.60 -23.42 -1.40
N LYS B 973 35.69 -22.86 -0.56
CA LYS B 973 35.12 -23.55 0.61
C LYS B 973 34.41 -24.87 0.26
N LEU B 974 33.91 -24.98 -0.98
CA LEU B 974 33.24 -26.16 -1.54
C LEU B 974 34.03 -26.64 -2.75
N ALA B 975 34.28 -27.95 -2.83
CA ALA B 975 35.06 -28.50 -3.94
C ALA B 975 34.42 -29.76 -4.51
N GLY B 976 34.85 -30.13 -5.72
CA GLY B 976 34.37 -31.31 -6.43
C GLY B 976 33.05 -31.09 -7.15
N ILE B 977 32.60 -29.82 -7.20
CA ILE B 977 31.37 -29.38 -7.85
C ILE B 977 31.77 -28.56 -9.07
N SER B 978 31.25 -28.94 -10.24
CA SER B 978 31.54 -28.25 -11.49
C SER B 978 30.38 -27.42 -12.02
N ASN B 979 29.13 -27.72 -11.55
CA ASN B 979 27.89 -27.03 -11.97
C ASN B 979 26.68 -27.24 -11.03
N ILE B 980 25.70 -26.31 -11.11
CA ILE B 980 24.40 -26.29 -10.41
C ILE B 980 23.37 -25.85 -11.42
N GLU B 981 22.30 -26.60 -11.53
CA GLU B 981 21.20 -26.29 -12.44
C GLU B 981 19.86 -26.51 -11.74
N ASP B 982 18.89 -25.63 -12.04
CA ASP B 982 17.57 -25.79 -11.50
C ASP B 982 16.74 -26.31 -12.62
N GLN B 983 16.45 -27.62 -12.55
CA GLN B 983 15.64 -28.36 -13.51
C GLN B 983 14.25 -28.66 -12.95
N SER B 984 13.89 -28.02 -11.82
CA SER B 984 12.64 -28.23 -11.11
C SER B 984 11.48 -27.60 -11.84
N SER B 985 10.38 -28.36 -11.93
CA SER B 985 9.11 -27.97 -12.53
C SER B 985 8.02 -28.65 -11.72
N ASP B 986 6.74 -28.33 -12.02
CA ASP B 986 5.61 -28.91 -11.30
C ASP B 986 5.44 -30.37 -11.71
N ARG B 987 5.76 -30.67 -12.98
CA ARG B 987 5.66 -32.01 -13.54
C ARG B 987 6.75 -33.00 -13.07
N VAL B 988 7.98 -32.52 -12.71
CA VAL B 988 9.09 -33.39 -12.28
C VAL B 988 9.61 -33.05 -10.85
N GLY B 989 8.79 -32.38 -10.05
CA GLY B 989 9.13 -31.99 -8.69
C GLY B 989 10.40 -31.16 -8.60
N LEU B 990 11.16 -31.34 -7.50
CA LEU B 990 12.43 -30.62 -7.32
C LEU B 990 13.61 -31.37 -7.95
N ARG B 991 14.38 -30.64 -8.78
CA ARG B 991 15.57 -31.12 -9.48
C ARG B 991 16.72 -30.11 -9.48
N ILE B 992 17.42 -29.96 -8.34
CA ILE B 992 18.59 -29.11 -8.26
C ILE B 992 19.74 -30.04 -8.60
N VAL B 993 20.20 -29.95 -9.86
CA VAL B 993 21.20 -30.84 -10.44
C VAL B 993 22.63 -30.36 -10.25
N ILE B 994 23.37 -30.99 -9.30
CA ILE B 994 24.78 -30.67 -9.03
C ILE B 994 25.75 -31.57 -9.80
N GLU B 995 26.48 -31.00 -10.77
CA GLU B 995 27.47 -31.77 -11.52
C GLU B 995 28.72 -31.96 -10.65
N ILE B 996 29.06 -33.24 -10.42
CA ILE B 996 30.25 -33.62 -9.67
C ILE B 996 31.34 -34.09 -10.60
N LYS B 997 32.58 -33.74 -10.26
CA LYS B 997 33.77 -34.06 -11.03
C LYS B 997 34.01 -35.57 -11.08
N ARG B 998 34.71 -36.04 -12.14
CA ARG B 998 35.03 -37.45 -12.32
C ARG B 998 36.10 -37.93 -11.32
N ASP B 999 36.90 -36.99 -10.79
CA ASP B 999 37.92 -37.22 -9.76
C ASP B 999 37.27 -37.30 -8.36
N ALA B 1000 36.23 -36.47 -8.13
CA ALA B 1000 35.46 -36.33 -6.89
C ALA B 1000 34.53 -37.51 -6.62
N VAL B 1001 34.43 -37.92 -5.34
CA VAL B 1001 33.59 -39.01 -4.85
C VAL B 1001 32.21 -38.44 -4.47
N ALA B 1002 31.16 -38.82 -5.22
CA ALA B 1002 29.78 -38.36 -5.01
C ALA B 1002 29.32 -38.48 -3.55
N LYS B 1003 29.71 -39.57 -2.87
CA LYS B 1003 29.36 -39.82 -1.47
C LYS B 1003 29.88 -38.76 -0.51
N VAL B 1004 31.16 -38.33 -0.66
CA VAL B 1004 31.75 -37.31 0.21
C VAL B 1004 31.16 -35.91 -0.10
N VAL B 1005 30.81 -35.62 -1.38
CA VAL B 1005 30.25 -34.33 -1.80
C VAL B 1005 28.86 -34.15 -1.16
N ILE B 1006 28.06 -35.23 -1.19
CA ILE B 1006 26.73 -35.31 -0.59
C ILE B 1006 26.89 -35.02 0.90
N ASN B 1007 27.94 -35.59 1.50
CA ASN B 1007 28.30 -35.43 2.89
C ASN B 1007 28.77 -33.99 3.20
N ASN B 1008 29.57 -33.35 2.31
CA ASN B 1008 30.08 -31.99 2.51
C ASN B 1008 28.97 -30.95 2.36
N LEU B 1009 27.95 -31.25 1.53
CA LEU B 1009 26.79 -30.39 1.39
C LEU B 1009 25.97 -30.48 2.68
N TYR B 1010 25.83 -31.71 3.27
CA TYR B 1010 25.12 -31.96 4.54
C TYR B 1010 25.83 -31.18 5.61
N LYS B 1011 27.16 -31.03 5.48
CA LYS B 1011 28.02 -30.31 6.41
C LYS B 1011 27.82 -28.79 6.37
N HIS B 1012 28.21 -28.12 5.28
CA HIS B 1012 28.19 -26.65 5.21
C HIS B 1012 26.85 -26.00 4.81
N THR B 1013 26.30 -26.35 3.63
CA THR B 1013 25.06 -25.78 3.08
C THR B 1013 23.76 -26.04 3.92
N GLN B 1014 22.61 -25.48 3.41
CA GLN B 1014 21.25 -25.56 3.96
C GLN B 1014 20.58 -26.91 3.77
N LEU B 1015 21.21 -27.82 2.98
CA LEU B 1015 20.73 -29.16 2.67
C LEU B 1015 20.45 -29.91 3.95
N GLN B 1016 21.10 -29.45 5.03
CA GLN B 1016 20.86 -29.90 6.39
C GLN B 1016 20.85 -28.68 7.30
N THR B 1017 19.73 -28.51 8.02
CA THR B 1017 19.48 -27.42 8.94
C THR B 1017 18.52 -27.89 10.04
N SER B 1018 18.82 -27.57 11.30
CA SER B 1018 18.00 -27.92 12.44
C SER B 1018 17.00 -26.81 12.80
N PHE B 1019 15.71 -27.20 12.85
CA PHE B 1019 14.54 -26.38 13.19
C PHE B 1019 14.45 -26.25 14.69
N GLY B 1020 14.55 -25.02 15.20
CA GLY B 1020 14.46 -24.74 16.62
C GLY B 1020 13.03 -24.49 17.02
N ALA B 1021 12.41 -25.47 17.70
CA ALA B 1021 11.04 -25.39 18.15
C ALA B 1021 10.88 -24.62 19.45
N ASN B 1022 9.82 -23.79 19.50
CA ASN B 1022 9.40 -22.93 20.60
C ASN B 1022 7.88 -23.00 20.66
N MET B 1023 7.34 -23.69 21.65
CA MET B 1023 5.91 -23.93 21.78
C MET B 1023 5.16 -22.80 22.51
N LEU B 1024 5.38 -21.56 22.04
CA LEU B 1024 4.76 -20.36 22.57
C LEU B 1024 3.39 -20.10 21.92
N ALA B 1025 2.38 -19.71 22.72
CA ALA B 1025 1.02 -19.43 22.28
C ALA B 1025 0.29 -18.64 23.35
N ILE B 1026 -0.66 -17.78 22.94
CA ILE B 1026 -1.46 -16.92 23.80
C ILE B 1026 -2.60 -17.71 24.47
N VAL B 1027 -2.39 -18.11 25.72
CA VAL B 1027 -3.39 -18.87 26.48
C VAL B 1027 -4.11 -17.89 27.38
N ASP B 1028 -5.38 -17.56 27.07
CA ASP B 1028 -6.19 -16.64 27.87
C ASP B 1028 -5.52 -15.23 27.95
N GLY B 1029 -5.03 -14.79 26.81
CA GLY B 1029 -4.37 -13.49 26.70
C GLY B 1029 -3.00 -13.41 27.31
N VAL B 1030 -2.48 -14.55 27.86
CA VAL B 1030 -1.15 -14.65 28.52
C VAL B 1030 -0.13 -15.44 27.68
N PRO B 1031 1.02 -14.86 27.28
CA PRO B 1031 2.04 -15.64 26.57
C PRO B 1031 2.43 -16.89 27.36
N ARG B 1032 2.51 -18.09 26.73
CA ARG B 1032 2.82 -19.32 27.46
C ARG B 1032 3.56 -20.38 26.65
N THR B 1033 4.66 -20.97 27.23
CA THR B 1033 5.43 -22.09 26.65
C THR B 1033 4.64 -23.37 27.05
N LEU B 1034 4.22 -24.18 26.04
CA LEU B 1034 3.37 -25.35 26.25
C LEU B 1034 3.94 -26.74 25.80
N ARG B 1035 3.44 -27.78 26.47
CA ARG B 1035 3.74 -29.20 26.21
C ARG B 1035 2.65 -29.76 25.29
N LEU B 1036 2.98 -30.73 24.39
CA LEU B 1036 2.06 -31.32 23.41
C LEU B 1036 0.64 -31.61 23.93
N ASP B 1037 0.51 -32.17 25.15
CA ASP B 1037 -0.78 -32.48 25.80
C ASP B 1037 -1.59 -31.21 26.09
N GLN B 1038 -0.93 -30.14 26.59
CA GLN B 1038 -1.57 -28.87 26.92
C GLN B 1038 -2.16 -28.26 25.65
N LEU B 1039 -1.39 -28.26 24.55
CA LEU B 1039 -1.88 -27.78 23.27
C LEU B 1039 -3.08 -28.59 22.80
N ILE B 1040 -3.08 -29.91 23.08
CA ILE B 1040 -4.18 -30.81 22.74
C ILE B 1040 -5.40 -30.47 23.60
N ARG B 1041 -5.27 -30.61 24.93
CA ARG B 1041 -6.36 -30.38 25.87
C ARG B 1041 -6.97 -28.98 25.81
N TYR B 1042 -6.20 -27.95 25.43
CA TYR B 1042 -6.73 -26.60 25.28
C TYR B 1042 -7.58 -26.52 24.02
N TYR B 1043 -7.22 -27.32 22.97
CA TYR B 1043 -7.98 -27.36 21.72
C TYR B 1043 -9.29 -28.11 21.97
N VAL B 1044 -9.22 -29.27 22.64
CA VAL B 1044 -10.44 -30.00 22.95
C VAL B 1044 -11.35 -29.05 23.75
N ASP B 1045 -10.79 -28.29 24.71
CA ASP B 1045 -11.52 -27.32 25.54
C ASP B 1045 -12.39 -26.46 24.65
N HIS B 1046 -11.74 -25.80 23.64
CA HIS B 1046 -12.33 -24.92 22.62
C HIS B 1046 -13.50 -25.66 21.91
N GLN B 1047 -13.18 -26.77 21.25
CA GLN B 1047 -14.17 -27.59 20.55
C GLN B 1047 -15.37 -27.94 21.38
N LEU B 1048 -15.21 -28.27 22.67
CA LEU B 1048 -16.39 -28.60 23.48
C LEU B 1048 -17.25 -27.38 23.79
N ASP B 1049 -16.62 -26.17 23.90
CA ASP B 1049 -17.32 -24.89 24.12
C ASP B 1049 -18.17 -24.59 22.89
N VAL B 1050 -17.50 -24.59 21.71
CA VAL B 1050 -18.07 -24.34 20.38
C VAL B 1050 -19.38 -25.13 20.17
N ILE B 1051 -19.40 -26.41 20.55
CA ILE B 1051 -20.56 -27.25 20.37
C ILE B 1051 -21.76 -26.77 21.20
N VAL B 1052 -21.58 -26.53 22.54
CA VAL B 1052 -22.71 -26.08 23.41
C VAL B 1052 -23.23 -24.73 22.94
N ARG B 1053 -22.32 -23.81 22.58
CA ARG B 1053 -22.68 -22.50 22.11
C ARG B 1053 -23.52 -22.63 20.83
N ARG B 1054 -23.08 -23.49 19.91
CA ARG B 1054 -23.75 -23.76 18.65
C ARG B 1054 -25.14 -24.31 18.95
N THR B 1055 -25.22 -25.29 19.86
CA THR B 1055 -26.50 -25.90 20.29
C THR B 1055 -27.42 -24.88 20.94
N THR B 1056 -26.85 -23.85 21.59
CA THR B 1056 -27.60 -22.80 22.30
C THR B 1056 -28.29 -21.90 21.31
N TYR B 1057 -27.52 -21.37 20.37
CA TYR B 1057 -28.00 -20.48 19.31
C TYR B 1057 -29.05 -21.21 18.49
N ARG B 1058 -28.78 -22.49 18.16
CA ARG B 1058 -29.66 -23.27 17.32
C ARG B 1058 -31.02 -23.42 17.94
N LEU B 1059 -31.07 -23.63 19.26
CA LEU B 1059 -32.29 -23.77 20.06
C LEU B 1059 -33.09 -22.47 20.09
N ARG B 1060 -32.37 -21.34 20.28
CA ARG B 1060 -32.89 -19.97 20.31
C ARG B 1060 -33.46 -19.63 18.95
N LYS B 1061 -32.62 -19.77 17.91
CA LYS B 1061 -32.99 -19.43 16.55
C LYS B 1061 -34.00 -20.39 15.94
N ALA B 1062 -34.48 -21.37 16.71
CA ALA B 1062 -35.52 -22.30 16.26
C ALA B 1062 -36.80 -21.99 16.99
N ASN B 1063 -36.73 -21.79 18.33
CA ASN B 1063 -37.87 -21.41 19.17
C ASN B 1063 -38.36 -20.02 18.73
N GLU B 1064 -37.49 -19.27 17.99
CA GLU B 1064 -37.75 -17.96 17.38
C GLU B 1064 -38.60 -18.15 16.11
N ARG B 1065 -38.12 -19.05 15.20
CA ARG B 1065 -38.74 -19.38 13.93
C ARG B 1065 -40.07 -20.06 14.12
N ALA B 1066 -40.11 -21.08 15.01
CA ALA B 1066 -41.31 -21.85 15.33
C ALA B 1066 -42.43 -20.91 15.78
N HIS B 1067 -42.11 -19.88 16.60
CA HIS B 1067 -43.02 -18.86 17.11
C HIS B 1067 -43.71 -18.19 15.92
N ILE B 1068 -42.91 -17.79 14.91
CA ILE B 1068 -43.37 -17.17 13.66
C ILE B 1068 -44.23 -18.13 12.84
N LEU B 1069 -43.73 -19.36 12.62
CA LEU B 1069 -44.40 -20.39 11.84
C LEU B 1069 -45.74 -20.77 12.46
N ARG B 1070 -45.80 -20.85 13.81
CA ARG B 1070 -47.02 -21.15 14.56
C ARG B 1070 -47.99 -20.00 14.32
N GLY B 1071 -47.41 -18.79 14.30
CA GLY B 1071 -48.10 -17.55 14.02
C GLY B 1071 -48.72 -17.51 12.65
N LEU B 1072 -47.97 -17.99 11.63
CA LEU B 1072 -48.35 -18.06 10.22
C LEU B 1072 -49.36 -19.14 9.95
N VAL B 1073 -49.17 -20.31 10.58
CA VAL B 1073 -50.07 -21.43 10.42
C VAL B 1073 -51.46 -20.98 10.90
N LYS B 1074 -51.51 -20.33 12.08
CA LYS B 1074 -52.72 -19.76 12.70
C LYS B 1074 -53.51 -18.89 11.71
N ALA B 1075 -52.79 -18.08 10.91
CA ALA B 1075 -53.37 -17.22 9.89
C ALA B 1075 -53.87 -17.99 8.65
N LEU B 1076 -53.22 -19.12 8.26
CA LEU B 1076 -53.58 -19.93 7.08
C LEU B 1076 -54.95 -20.61 7.18
N ASP B 1077 -55.29 -21.11 8.38
CA ASP B 1077 -56.58 -21.74 8.65
C ASP B 1077 -57.65 -20.66 8.79
N ALA B 1078 -57.24 -19.48 9.28
CA ALA B 1078 -58.08 -18.31 9.47
C ALA B 1078 -57.89 -17.33 8.30
N LEU B 1079 -57.43 -17.84 7.13
CA LEU B 1079 -57.11 -17.06 5.94
C LEU B 1079 -58.20 -16.18 5.40
N ASP B 1080 -59.47 -16.70 5.32
CA ASP B 1080 -60.63 -15.96 4.83
C ASP B 1080 -60.82 -14.72 5.67
N GLU B 1081 -60.78 -14.91 7.01
CA GLU B 1081 -60.88 -13.87 8.02
C GLU B 1081 -59.71 -12.89 7.92
N VAL B 1082 -58.47 -13.44 7.88
CA VAL B 1082 -57.16 -12.76 7.78
C VAL B 1082 -57.09 -11.81 6.56
N ILE B 1083 -57.54 -12.27 5.39
CA ILE B 1083 -57.55 -11.50 4.15
C ILE B 1083 -58.72 -10.49 4.11
N ALA B 1084 -59.95 -10.91 4.51
CA ALA B 1084 -61.09 -9.98 4.56
C ALA B 1084 -60.89 -8.87 5.61
N LEU B 1085 -60.07 -9.17 6.65
CA LEU B 1085 -59.70 -8.24 7.70
C LEU B 1085 -58.78 -7.16 7.13
N ILE B 1086 -57.59 -7.57 6.58
CA ILE B 1086 -56.57 -6.68 5.99
C ILE B 1086 -57.20 -5.70 4.97
N ARG B 1087 -58.03 -6.23 4.04
CA ARG B 1087 -58.70 -5.45 3.00
C ARG B 1087 -59.59 -4.34 3.59
N ALA B 1088 -60.35 -4.66 4.66
CA ALA B 1088 -61.25 -3.70 5.32
C ALA B 1088 -60.51 -2.60 6.08
N SER B 1089 -59.35 -2.94 6.71
CA SER B 1089 -58.50 -2.00 7.46
C SER B 1089 -57.79 -1.02 6.50
N GLU B 1090 -57.76 0.27 6.87
CA GLU B 1090 -57.23 1.35 6.02
C GLU B 1090 -55.72 1.48 6.04
N THR B 1091 -55.08 1.37 7.21
CA THR B 1091 -53.61 1.45 7.23
C THR B 1091 -53.00 0.06 7.53
N VAL B 1092 -51.66 -0.04 7.54
CA VAL B 1092 -50.97 -1.30 7.84
C VAL B 1092 -51.00 -1.54 9.35
N ASP B 1093 -50.81 -0.49 10.15
CA ASP B 1093 -50.82 -0.56 11.62
C ASP B 1093 -52.22 -0.84 12.17
N ILE B 1094 -53.26 -0.42 11.43
CA ILE B 1094 -54.66 -0.69 11.74
C ILE B 1094 -54.91 -2.17 11.40
N ALA B 1095 -54.27 -2.66 10.31
CA ALA B 1095 -54.41 -4.05 9.89
C ALA B 1095 -53.71 -4.98 10.88
N ARG B 1096 -52.51 -4.56 11.37
CA ARG B 1096 -51.69 -5.27 12.34
C ARG B 1096 -52.40 -5.38 13.70
N ALA B 1097 -53.06 -4.29 14.14
CA ALA B 1097 -53.80 -4.27 15.40
C ALA B 1097 -54.93 -5.29 15.32
N GLY B 1098 -55.61 -5.34 14.18
CA GLY B 1098 -56.70 -6.27 13.89
C GLY B 1098 -56.29 -7.73 13.90
N LEU B 1099 -55.01 -8.01 13.59
CA LEU B 1099 -54.47 -9.38 13.58
C LEU B 1099 -54.33 -9.91 15.00
N ILE B 1100 -53.67 -9.12 15.90
CA ILE B 1100 -53.48 -9.41 17.33
C ILE B 1100 -54.86 -9.61 18.04
N GLU B 1101 -55.91 -8.96 17.50
CA GLU B 1101 -57.28 -9.10 17.99
C GLU B 1101 -57.76 -10.51 17.58
N LEU B 1102 -57.95 -10.69 16.25
CA LEU B 1102 -58.42 -11.88 15.55
C LEU B 1102 -57.72 -13.17 16.00
N LEU B 1103 -56.40 -13.14 16.05
CA LEU B 1103 -55.57 -14.27 16.45
C LEU B 1103 -54.75 -13.81 17.65
N ASP B 1104 -54.66 -14.62 18.72
CA ASP B 1104 -53.88 -14.27 19.93
C ASP B 1104 -52.38 -14.41 19.60
N ILE B 1105 -51.85 -13.38 18.91
CA ILE B 1105 -50.46 -13.37 18.43
C ILE B 1105 -49.70 -12.14 18.90
N ASP B 1106 -48.39 -12.17 18.66
CA ASP B 1106 -47.42 -11.14 19.01
C ASP B 1106 -47.35 -10.11 17.89
N GLU B 1107 -46.71 -8.97 18.18
CA GLU B 1107 -46.47 -7.93 17.19
C GLU B 1107 -45.50 -8.48 16.14
N ILE B 1108 -44.65 -9.47 16.53
CA ILE B 1108 -43.71 -10.07 15.59
C ILE B 1108 -44.40 -11.17 14.75
N GLN B 1109 -45.34 -11.95 15.32
CA GLN B 1109 -46.03 -13.00 14.57
C GLN B 1109 -46.95 -12.44 13.50
N ALA B 1110 -47.54 -11.24 13.81
CA ALA B 1110 -48.48 -10.46 12.98
C ALA B 1110 -47.77 -9.76 11.83
N GLN B 1111 -46.54 -9.26 12.08
CA GLN B 1111 -45.74 -8.60 11.05
C GLN B 1111 -45.29 -9.63 9.99
N ALA B 1112 -45.07 -10.88 10.43
CA ALA B 1112 -44.72 -12.03 9.61
C ALA B 1112 -45.86 -12.29 8.62
N ILE B 1113 -47.11 -12.12 9.07
CA ILE B 1113 -48.33 -12.25 8.26
C ILE B 1113 -48.38 -11.12 7.23
N LEU B 1114 -48.22 -9.87 7.70
CA LEU B 1114 -48.32 -8.71 6.84
C LEU B 1114 -47.25 -8.67 5.77
N ASP B 1115 -45.99 -8.89 6.16
CA ASP B 1115 -44.88 -8.88 5.22
C ASP B 1115 -44.86 -10.15 4.33
N MET B 1116 -45.87 -11.01 4.44
CA MET B 1116 -45.96 -12.25 3.67
C MET B 1116 -46.44 -12.01 2.24
N GLN B 1117 -45.69 -12.52 1.25
CA GLN B 1117 -46.01 -12.39 -0.16
C GLN B 1117 -47.18 -13.26 -0.56
N LEU B 1118 -47.86 -12.87 -1.65
CA LEU B 1118 -49.04 -13.56 -2.17
C LEU B 1118 -48.71 -14.94 -2.75
N ARG B 1119 -47.49 -15.10 -3.30
CA ARG B 1119 -47.06 -16.38 -3.86
C ARG B 1119 -47.05 -17.51 -2.80
N ARG B 1120 -46.80 -17.15 -1.52
CA ARG B 1120 -46.74 -18.08 -0.38
C ARG B 1120 -48.11 -18.67 -0.04
N LEU B 1121 -49.21 -18.09 -0.62
CA LEU B 1121 -50.59 -18.56 -0.41
C LEU B 1121 -51.04 -19.74 -1.29
N ALA B 1122 -50.29 -20.07 -2.37
CA ALA B 1122 -50.59 -21.19 -3.28
C ALA B 1122 -50.42 -22.53 -2.54
N ALA B 1123 -51.43 -23.42 -2.63
CA ALA B 1123 -51.52 -24.72 -1.94
C ALA B 1123 -50.14 -25.34 -1.48
N LEU B 1124 -49.20 -25.63 -2.41
CA LEU B 1124 -47.91 -26.25 -2.10
C LEU B 1124 -47.13 -25.46 -1.04
N GLU B 1125 -47.11 -24.11 -1.18
CA GLU B 1125 -46.41 -23.18 -0.28
C GLU B 1125 -47.09 -23.07 1.07
N ARG B 1126 -48.43 -23.32 1.15
CA ARG B 1126 -49.12 -23.32 2.44
C ARG B 1126 -48.62 -24.56 3.17
N GLN B 1127 -48.57 -25.71 2.45
CA GLN B 1127 -48.09 -26.99 2.97
C GLN B 1127 -46.61 -26.90 3.31
N ARG B 1128 -45.84 -26.09 2.57
CA ARG B 1128 -44.43 -25.85 2.88
C ARG B 1128 -44.33 -25.24 4.31
N ILE B 1129 -45.19 -24.25 4.66
CA ILE B 1129 -45.28 -23.58 5.96
C ILE B 1129 -45.84 -24.51 7.05
N ILE B 1130 -46.77 -25.40 6.66
CA ILE B 1130 -47.41 -26.40 7.54
C ILE B 1130 -46.38 -27.45 7.97
N ASP B 1131 -45.58 -27.94 6.99
CA ASP B 1131 -44.56 -28.96 7.18
C ASP B 1131 -43.32 -28.42 7.84
N ASP B 1132 -42.96 -27.17 7.53
CA ASP B 1132 -41.81 -26.49 8.11
C ASP B 1132 -41.98 -26.36 9.61
N LEU B 1133 -43.21 -26.07 10.08
CA LEU B 1133 -43.45 -25.93 11.51
C LEU B 1133 -43.18 -27.24 12.24
N ALA B 1134 -43.72 -28.38 11.75
CA ALA B 1134 -43.48 -29.70 12.35
C ALA B 1134 -42.02 -30.17 12.13
N LYS B 1135 -41.33 -29.63 11.09
CA LYS B 1135 -39.92 -29.90 10.76
C LYS B 1135 -39.00 -29.31 11.85
N ILE B 1136 -39.17 -27.99 12.14
CA ILE B 1136 -38.45 -27.17 13.13
C ILE B 1136 -38.73 -27.69 14.55
N GLU B 1137 -39.99 -28.07 14.83
CA GLU B 1137 -40.40 -28.59 16.13
C GLU B 1137 -39.65 -29.86 16.48
N ALA B 1138 -39.24 -30.63 15.45
CA ALA B 1138 -38.47 -31.85 15.59
C ALA B 1138 -37.00 -31.52 15.96
N GLU B 1139 -36.44 -30.45 15.34
CA GLU B 1139 -35.09 -29.96 15.59
C GLU B 1139 -34.97 -29.49 17.03
N ILE B 1140 -35.94 -28.66 17.52
CA ILE B 1140 -36.02 -28.12 18.88
C ILE B 1140 -35.89 -29.22 19.94
N ALA B 1141 -36.66 -30.31 19.76
CA ALA B 1141 -36.67 -31.49 20.62
C ALA B 1141 -35.26 -32.07 20.81
N ASP B 1142 -34.47 -32.06 19.70
CA ASP B 1142 -33.12 -32.60 19.57
C ASP B 1142 -32.07 -31.79 20.28
N LEU B 1143 -32.00 -30.47 20.01
CA LEU B 1143 -31.03 -29.56 20.60
C LEU B 1143 -31.28 -29.39 22.11
N GLU B 1144 -32.53 -29.64 22.56
CA GLU B 1144 -32.87 -29.61 23.98
C GLU B 1144 -32.13 -30.79 24.64
N ASP B 1145 -32.09 -31.93 23.91
CA ASP B 1145 -31.40 -33.12 24.35
C ASP B 1145 -29.91 -32.88 24.29
N ILE B 1146 -29.39 -32.35 23.17
CA ILE B 1146 -27.96 -32.07 23.05
C ILE B 1146 -27.46 -31.27 24.25
N LEU B 1147 -28.18 -30.18 24.64
CA LEU B 1147 -27.79 -29.38 25.82
C LEU B 1147 -27.79 -30.24 27.06
N ALA B 1148 -28.95 -30.92 27.31
CA ALA B 1148 -29.17 -31.81 28.44
C ALA B 1148 -28.03 -32.86 28.65
N LYS B 1149 -27.51 -33.46 27.55
CA LYS B 1149 -26.46 -34.48 27.59
C LYS B 1149 -25.04 -33.97 27.18
N PRO B 1150 -24.13 -33.71 28.16
CA PRO B 1150 -22.79 -33.22 27.82
C PRO B 1150 -21.90 -34.24 27.11
N GLU B 1151 -22.07 -35.52 27.46
CA GLU B 1151 -21.35 -36.64 26.84
C GLU B 1151 -21.82 -36.85 25.39
N ARG B 1152 -23.02 -36.35 25.05
CA ARG B 1152 -23.55 -36.43 23.70
C ARG B 1152 -22.83 -35.40 22.86
N GLN B 1153 -22.47 -34.24 23.47
CA GLN B 1153 -21.75 -33.11 22.83
C GLN B 1153 -20.28 -33.48 22.63
N ARG B 1154 -19.71 -34.30 23.55
CA ARG B 1154 -18.34 -34.78 23.48
C ARG B 1154 -18.21 -35.64 22.21
N GLY B 1155 -19.24 -36.47 21.96
CA GLY B 1155 -19.37 -37.34 20.79
C GLY B 1155 -19.48 -36.59 19.48
N ILE B 1156 -20.36 -35.57 19.41
CA ILE B 1156 -20.55 -34.71 18.23
C ILE B 1156 -19.19 -34.23 17.76
N VAL B 1157 -18.37 -33.70 18.70
CA VAL B 1157 -17.01 -33.23 18.46
C VAL B 1157 -16.25 -34.34 17.74
N ARG B 1158 -16.15 -35.57 18.35
CA ARG B 1158 -15.46 -36.73 17.78
C ARG B 1158 -15.85 -36.99 16.34
N ASP B 1159 -17.14 -37.23 16.10
CA ASP B 1159 -17.69 -37.56 14.80
C ASP B 1159 -17.52 -36.46 13.77
N GLU B 1160 -17.77 -35.19 14.16
CA GLU B 1160 -17.62 -34.04 13.26
C GLU B 1160 -16.18 -33.90 12.82
N LEU B 1161 -15.22 -34.24 13.72
CA LEU B 1161 -13.78 -34.20 13.43
C LEU B 1161 -13.29 -35.41 12.65
N ALA B 1162 -13.81 -36.63 12.94
CA ALA B 1162 -13.44 -37.84 12.19
C ALA B 1162 -13.71 -37.57 10.71
N GLU B 1163 -14.96 -37.11 10.42
CA GLU B 1163 -15.48 -36.67 9.12
C GLU B 1163 -14.48 -35.75 8.39
N ILE B 1164 -13.86 -34.80 9.11
CA ILE B 1164 -12.88 -33.86 8.57
C ILE B 1164 -11.59 -34.55 8.16
N VAL B 1165 -11.15 -35.56 8.94
CA VAL B 1165 -9.90 -36.29 8.65
C VAL B 1165 -10.12 -37.45 7.65
N ASP B 1166 -11.40 -37.86 7.50
CA ASP B 1166 -11.92 -38.88 6.60
C ASP B 1166 -12.03 -38.31 5.19
N ARG B 1167 -12.07 -36.98 5.06
CA ARG B 1167 -12.21 -36.33 3.76
C ARG B 1167 -11.05 -35.40 3.42
N HIS B 1168 -10.24 -34.98 4.42
CA HIS B 1168 -9.11 -34.05 4.19
C HIS B 1168 -7.75 -34.52 4.75
N GLY B 1169 -7.74 -35.56 5.57
CA GLY B 1169 -6.49 -36.09 6.09
C GLY B 1169 -5.65 -36.58 4.93
N ASP B 1170 -4.31 -36.57 5.10
CA ASP B 1170 -3.35 -37.00 4.05
C ASP B 1170 -2.17 -37.79 4.60
N ASP B 1171 -1.50 -38.55 3.73
CA ASP B 1171 -0.36 -39.40 4.11
C ASP B 1171 0.90 -38.59 4.39
N ARG B 1172 1.62 -38.97 5.47
CA ARG B 1172 2.81 -38.29 6.00
C ARG B 1172 3.83 -37.93 4.94
N ARG B 1173 4.10 -36.62 4.80
CA ARG B 1173 5.03 -36.10 3.82
C ARG B 1173 6.47 -36.43 4.15
N THR B 1174 6.99 -35.97 5.31
CA THR B 1174 8.40 -36.19 5.65
C THR B 1174 8.64 -37.45 6.51
N ARG B 1175 9.67 -38.26 6.11
CA ARG B 1175 10.09 -39.52 6.78
C ARG B 1175 11.01 -39.30 7.97
N ILE B 1176 10.62 -39.78 9.16
CA ILE B 1176 11.47 -39.65 10.35
C ILE B 1176 12.46 -40.81 10.29
N ILE B 1177 13.77 -40.49 10.41
CA ILE B 1177 14.88 -41.44 10.35
C ILE B 1177 15.76 -41.34 11.66
N ALA B 1178 16.90 -42.08 11.78
CA ALA B 1178 17.72 -42.03 13.01
C ALA B 1178 19.22 -41.74 12.77
#